data_7LGW
#
_entry.id   7LGW
#
_cell.length_a   1.00
_cell.length_b   1.00
_cell.length_c   1.00
_cell.angle_alpha   90.00
_cell.angle_beta   90.00
_cell.angle_gamma   90.00
#
_symmetry.space_group_name_H-M   'P 1'
#
loop_
_entity.id
_entity.type
_entity.pdbx_description
1 polymer Prestin
2 non-polymer 'CHLORIDE ION'
3 non-polymer CHOLESTEROL
4 non-polymer N-OCTANE
5 non-polymer DECANE
6 non-polymer DODECANE
7 non-polymer HEXANE
8 non-polymer HEPTANE
9 non-polymer TETRADECANE
10 water water
#
_entity_poly.entity_id   1
_entity_poly.type   'polypeptide(L)'
_entity_poly.pdbx_seq_one_letter_code
;MDHAEENEILAATQRYYVERPIFSHPVLQERLHTKDKVPDSIADKLKQAFTCTPKKIRNIIYMFLPITKWLPAYKFKEYV
LGDLVSGISTGVLQLPQGLAFAMLAAVPPIFGLYSSFYPVIMYCFLGTSRHISIGPFAVISLMIGGVAVRLVPDDIVIPG
GVNATNGTEARDALRVKVAMSVTLLSGIIQFCLGVCRFGFVAIYLTEPLVRGFTTAAAVHVFTSMLKYLFGVKTKRYSGI
FSVVYSTVAVLQNVKNLNVCSLGVGLMVFGLLLGGKEFNERFKEKLPAPIPLEFFAVVMGTGISAGFNLKESYNVDVVGT
LPLGLLPPANPDTSLFHLVYVDAIAIAIVGFSVTISMAKTLANKHGYQVDGNQELIALGLCNSIGSLFQTFSISCSLSRS
LVQEGTGGKTQLAGCLASLMILLVILATGFLFESLPQAVLSAIVIVNLKGMFMQFSDLPFFWRTSKIELTIWLTTFVSSL
FLGLDYGLITAVIIALLTVIYRTQSPSYKVLGKLPETDVYIDIDAYEEVKEIPGIKIFQINAPIYYANSDLYSNALKRKT
GVNPAVIMGARRKAMRKYAKEVGNANMANATVVKADAEVDGEDATKPEEEDGEVKYPPIVIKSTFPEEMQRFMPPGDNVH
TVILDFTQVNFIDSVGVKTLAGIVKEYGDVGIYVYLAGCSAQVVNDLTRNRFFENPALWELLFHSIHDAVLGSQLREALA
EQEASAPPSQEDLEPNATPATPEALEVLFQ
;
_entity_poly.pdbx_strand_id   A,B
#
loop_
_chem_comp.id
_chem_comp.type
_chem_comp.name
_chem_comp.formula
C14 non-polymer TETRADECANE 'C14 H30'
CL non-polymer 'CHLORIDE ION' 'Cl -1'
CLR non-polymer CHOLESTEROL 'C27 H46 O'
D10 non-polymer DECANE 'C10 H22'
D12 non-polymer DODECANE 'C12 H26'
HEX non-polymer HEXANE 'C6 H14'
HP6 non-polymer HEPTANE 'C7 H16'
OCT non-polymer N-OCTANE 'C8 H18'
#
# COMPACT_ATOMS: atom_id res chain seq x y z
N THR A 13 14.79 47.33 10.46
CA THR A 13 13.90 46.22 10.20
C THR A 13 12.47 46.70 10.02
N GLN A 14 11.83 46.28 8.93
CA GLN A 14 10.44 46.63 8.66
C GLN A 14 9.52 45.73 9.49
N ARG A 15 8.22 45.88 9.26
CA ARG A 15 7.21 45.20 10.07
C ARG A 15 6.16 44.56 9.18
N TYR A 16 5.47 43.58 9.76
CA TYR A 16 4.37 42.89 9.09
C TYR A 16 3.08 43.67 9.33
N TYR A 17 2.63 44.41 8.32
CA TYR A 17 1.42 45.22 8.43
C TYR A 17 0.43 44.76 7.38
N VAL A 18 -0.77 44.39 7.82
CA VAL A 18 -1.85 43.97 6.93
C VAL A 18 -3.12 44.68 7.38
N GLU A 19 -3.83 45.29 6.42
CA GLU A 19 -5.10 45.94 6.67
C GLU A 19 -6.02 45.64 5.50
N ARG A 20 -7.01 44.77 5.72
CA ARG A 20 -7.90 44.34 4.65
C ARG A 20 -9.18 43.84 5.28
N PRO A 21 -10.24 43.66 4.49
CA PRO A 21 -11.48 43.10 5.05
C PRO A 21 -11.35 41.62 5.34
N ILE A 22 -12.32 41.10 6.08
CA ILE A 22 -12.34 39.67 6.37
C ILE A 22 -12.66 38.91 5.09
N PHE A 23 -11.78 37.97 4.74
CA PHE A 23 -11.88 37.24 3.49
C PHE A 23 -12.58 35.91 3.72
N SER A 24 -13.90 35.95 3.70
CA SER A 24 -14.65 34.72 3.50
C SER A 24 -14.55 34.34 2.02
N HIS A 25 -15.04 33.13 1.71
CA HIS A 25 -14.92 32.67 0.32
C HIS A 25 -15.68 33.56 -0.66
N PRO A 26 -16.95 33.92 -0.43
CA PRO A 26 -17.60 34.85 -1.37
C PRO A 26 -16.92 36.21 -1.45
N VAL A 27 -16.45 36.74 -0.31
CA VAL A 27 -15.82 38.06 -0.30
C VAL A 27 -14.53 38.04 -1.11
N LEU A 28 -13.71 37.00 -0.90
CA LEU A 28 -12.46 36.89 -1.65
C LEU A 28 -12.72 36.62 -3.11
N GLN A 29 -13.73 35.81 -3.43
CA GLN A 29 -14.02 35.50 -4.82
C GLN A 29 -14.59 36.71 -5.56
N GLU A 30 -15.21 37.65 -4.83
CA GLU A 30 -15.69 38.87 -5.48
C GLU A 30 -14.53 39.67 -6.07
N ARG A 31 -13.33 39.55 -5.48
CA ARG A 31 -12.16 40.21 -6.02
C ARG A 31 -11.52 39.46 -7.18
N LEU A 32 -11.72 38.16 -7.28
CA LEU A 32 -10.94 37.32 -8.18
C LEU A 32 -11.75 36.95 -9.41
N HIS A 33 -11.14 37.11 -10.57
CA HIS A 33 -11.75 36.79 -11.85
C HIS A 33 -10.95 35.67 -12.51
N THR A 34 -11.66 34.73 -13.13
CA THR A 34 -11.00 33.56 -13.71
C THR A 34 -10.03 33.96 -14.81
N LYS A 35 -8.84 33.36 -14.78
CA LYS A 35 -7.84 33.53 -15.82
C LYS A 35 -8.08 32.55 -16.97
N ASP A 36 -7.61 32.92 -18.15
CA ASP A 36 -7.75 32.09 -19.34
C ASP A 36 -6.52 31.19 -19.46
N LYS A 37 -6.75 29.88 -19.42
CA LYS A 37 -5.66 28.93 -19.56
C LYS A 37 -5.02 29.04 -20.93
N VAL A 38 -3.68 29.04 -20.96
CA VAL A 38 -2.99 29.11 -22.25
C VAL A 38 -3.26 27.82 -23.03
N PRO A 39 -3.46 27.88 -24.34
CA PRO A 39 -3.77 26.64 -25.09
C PRO A 39 -2.58 25.70 -25.10
N ASP A 40 -2.84 24.44 -24.71
CA ASP A 40 -1.83 23.39 -24.70
C ASP A 40 -2.41 22.17 -25.41
N SER A 41 -2.28 22.13 -26.73
CA SER A 41 -2.81 21.02 -27.51
C SER A 41 -1.82 19.86 -27.55
N ILE A 42 -2.36 18.64 -27.48
CA ILE A 42 -1.51 17.46 -27.44
C ILE A 42 -0.80 17.27 -28.77
N ALA A 43 -1.48 17.58 -29.88
CA ALA A 43 -0.87 17.43 -31.20
C ALA A 43 0.35 18.33 -31.35
N ASP A 44 0.23 19.60 -30.93
CA ASP A 44 1.37 20.50 -30.98
C ASP A 44 2.46 20.07 -30.01
N LYS A 45 2.08 19.49 -28.87
CA LYS A 45 3.08 18.97 -27.94
C LYS A 45 3.90 17.86 -28.58
N LEU A 46 3.24 16.93 -29.27
CA LEU A 46 3.96 15.87 -29.97
C LEU A 46 4.81 16.46 -31.10
N LYS A 47 4.28 17.44 -31.83
CA LYS A 47 5.02 18.03 -32.94
C LYS A 47 6.30 18.71 -32.45
N GLN A 48 6.22 19.43 -31.33
CA GLN A 48 7.42 20.04 -30.76
C GLN A 48 8.31 19.03 -30.06
N ALA A 49 7.78 17.88 -29.67
CA ALA A 49 8.60 16.79 -29.15
C ALA A 49 9.31 16.02 -30.25
N PHE A 50 8.89 16.18 -31.50
CA PHE A 50 9.54 15.51 -32.64
C PHE A 50 10.30 16.51 -33.51
N THR A 51 10.94 17.51 -32.89
CA THR A 51 11.69 18.49 -33.67
C THR A 51 13.00 17.92 -34.19
N CYS A 52 13.69 17.10 -33.39
CA CYS A 52 14.92 16.43 -33.79
C CYS A 52 16.03 17.43 -34.09
N THR A 53 16.24 18.37 -33.17
CA THR A 53 17.40 19.26 -33.26
C THR A 53 18.66 18.49 -32.88
N PRO A 54 19.82 18.89 -33.42
CA PRO A 54 21.06 18.15 -33.13
C PRO A 54 21.37 18.03 -31.64
N LYS A 55 21.04 19.06 -30.85
CA LYS A 55 21.23 18.96 -29.40
C LYS A 55 20.36 17.85 -28.83
N LYS A 56 19.12 17.72 -29.31
CA LYS A 56 18.23 16.68 -28.82
C LYS A 56 18.76 15.29 -29.13
N ILE A 57 19.23 15.07 -30.36
CA ILE A 57 19.76 13.75 -30.71
C ILE A 57 21.05 13.48 -29.95
N ARG A 58 21.86 14.51 -29.71
CA ARG A 58 23.05 14.32 -28.88
C ARG A 58 22.67 13.91 -27.46
N ASN A 59 21.63 14.52 -26.90
CA ASN A 59 21.17 14.13 -25.56
C ASN A 59 20.64 12.71 -25.56
N ILE A 60 19.92 12.31 -26.62
CA ILE A 60 19.44 10.94 -26.73
C ILE A 60 20.61 9.96 -26.77
N ILE A 61 21.65 10.28 -27.55
CA ILE A 61 22.83 9.43 -27.62
C ILE A 61 23.49 9.32 -26.26
N TYR A 62 23.62 10.45 -25.54
CA TYR A 62 24.20 10.41 -24.21
C TYR A 62 23.37 9.57 -23.25
N MET A 63 22.04 9.66 -23.36
CA MET A 63 21.17 8.91 -22.47
C MET A 63 21.25 7.41 -22.73
N PHE A 64 21.37 7.01 -24.00
CA PHE A 64 21.46 5.59 -24.32
C PHE A 64 22.88 5.06 -24.36
N LEU A 65 23.87 5.91 -24.61
CA LEU A 65 25.28 5.51 -24.62
C LEU A 65 26.04 6.43 -23.69
N PRO A 66 25.96 6.19 -22.38
CA PRO A 66 26.60 7.12 -21.43
C PRO A 66 28.10 7.26 -21.61
N ILE A 67 28.77 6.24 -22.15
CA ILE A 67 30.22 6.33 -22.34
C ILE A 67 30.58 7.46 -23.31
N THR A 68 29.66 7.82 -24.20
CA THR A 68 29.90 8.93 -25.11
C THR A 68 29.95 10.27 -24.39
N LYS A 69 29.56 10.32 -23.13
CA LYS A 69 29.55 11.55 -22.35
C LYS A 69 30.68 11.64 -21.34
N TRP A 70 30.83 10.63 -20.48
CA TRP A 70 31.82 10.71 -19.40
C TRP A 70 33.23 10.35 -19.86
N LEU A 71 33.39 9.70 -21.00
CA LEU A 71 34.73 9.34 -21.44
C LEU A 71 35.47 10.53 -22.06
N PRO A 72 34.86 11.32 -22.95
CA PRO A 72 35.55 12.53 -23.41
C PRO A 72 35.82 13.51 -22.28
N ALA A 73 34.99 13.52 -21.24
CA ALA A 73 35.18 14.40 -20.08
C ALA A 73 36.02 13.74 -18.99
N TYR A 74 36.89 12.81 -19.35
CA TYR A 74 37.70 12.08 -18.37
C TYR A 74 38.89 12.94 -17.95
N LYS A 75 38.91 13.33 -16.68
CA LYS A 75 40.04 14.09 -16.12
C LYS A 75 41.15 13.09 -15.82
N PHE A 76 42.10 12.98 -16.75
CA PHE A 76 43.11 11.92 -16.67
C PHE A 76 43.97 12.05 -15.43
N LYS A 77 44.54 13.23 -15.21
CA LYS A 77 45.48 13.43 -14.11
C LYS A 77 44.82 13.27 -12.75
N GLU A 78 43.52 13.52 -12.65
CA GLU A 78 42.80 13.44 -11.39
C GLU A 78 42.19 12.06 -11.16
N TYR A 79 42.00 11.27 -12.22
CA TYR A 79 41.27 10.02 -12.13
C TYR A 79 42.11 8.77 -12.32
N VAL A 80 43.28 8.85 -12.96
CA VAL A 80 43.95 7.65 -13.43
C VAL A 80 44.45 6.80 -12.27
N LEU A 81 45.04 7.41 -11.25
CA LEU A 81 45.58 6.65 -10.12
C LEU A 81 44.47 5.93 -9.37
N GLY A 82 43.40 6.65 -9.06
CA GLY A 82 42.27 6.01 -8.38
C GLY A 82 41.66 4.90 -9.21
N ASP A 83 41.51 5.11 -10.51
CA ASP A 83 40.95 4.08 -11.36
C ASP A 83 41.85 2.85 -11.43
N LEU A 84 43.17 3.06 -11.52
CA LEU A 84 44.09 1.93 -11.57
C LEU A 84 44.04 1.13 -10.27
N VAL A 85 44.13 1.82 -9.13
CA VAL A 85 44.12 1.12 -7.84
C VAL A 85 42.79 0.40 -7.64
N SER A 86 41.68 1.07 -7.95
CA SER A 86 40.37 0.45 -7.78
C SER A 86 40.19 -0.74 -8.70
N GLY A 87 40.70 -0.64 -9.93
CA GLY A 87 40.59 -1.77 -10.86
C GLY A 87 41.38 -2.98 -10.39
N ILE A 88 42.59 -2.75 -9.88
CA ILE A 88 43.39 -3.88 -9.38
C ILE A 88 42.69 -4.52 -8.18
N SER A 89 42.25 -3.69 -7.22
CA SER A 89 41.60 -4.22 -6.03
C SER A 89 40.28 -4.89 -6.37
N THR A 90 39.61 -4.45 -7.43
CA THR A 90 38.36 -5.08 -7.84
C THR A 90 38.61 -6.41 -8.54
N GLY A 91 39.63 -6.49 -9.39
CA GLY A 91 39.90 -7.72 -10.10
C GLY A 91 40.38 -8.85 -9.20
N VAL A 92 41.24 -8.50 -8.22
CA VAL A 92 41.76 -9.54 -7.33
C VAL A 92 40.64 -10.20 -6.55
N LEU A 93 39.54 -9.50 -6.32
CA LEU A 93 38.36 -10.07 -5.68
C LEU A 93 37.38 -10.65 -6.69
N GLN A 94 37.37 -10.12 -7.91
CA GLN A 94 36.45 -10.58 -8.93
C GLN A 94 36.77 -11.99 -9.40
N LEU A 95 38.05 -12.36 -9.40
CA LEU A 95 38.41 -13.72 -9.82
C LEU A 95 37.81 -14.78 -8.89
N PRO A 96 38.15 -14.82 -7.60
CA PRO A 96 37.56 -15.85 -6.74
C PRO A 96 36.06 -15.76 -6.61
N GLN A 97 35.51 -14.54 -6.62
CA GLN A 97 34.05 -14.40 -6.58
C GLN A 97 33.42 -15.00 -7.83
N GLY A 98 34.03 -14.78 -8.99
CA GLY A 98 33.53 -15.39 -10.21
C GLY A 98 33.54 -16.91 -10.14
N LEU A 99 34.66 -17.49 -9.68
CA LEU A 99 34.73 -18.95 -9.56
C LEU A 99 33.69 -19.48 -8.58
N ALA A 100 33.55 -18.83 -7.43
CA ALA A 100 32.62 -19.30 -6.41
C ALA A 100 31.18 -19.22 -6.89
N PHE A 101 30.81 -18.12 -7.54
CA PHE A 101 29.43 -17.97 -8.00
C PHE A 101 29.15 -18.82 -9.23
N ALA A 102 30.19 -19.20 -9.99
CA ALA A 102 29.99 -20.23 -11.01
C ALA A 102 29.72 -21.58 -10.36
N MET A 103 30.40 -21.88 -9.25
CA MET A 103 30.10 -23.10 -8.50
C MET A 103 28.67 -23.07 -7.99
N LEU A 104 28.19 -21.91 -7.54
CA LEU A 104 26.82 -21.80 -7.06
C LEU A 104 25.80 -22.06 -8.17
N ALA A 105 26.15 -21.79 -9.42
CA ALA A 105 25.22 -21.86 -10.53
C ALA A 105 25.20 -23.22 -11.21
N ALA A 106 25.89 -24.22 -10.65
CA ALA A 106 25.94 -25.58 -11.20
C ALA A 106 26.51 -25.58 -12.62
N VAL A 107 27.51 -24.74 -12.84
CA VAL A 107 28.21 -24.67 -14.11
C VAL A 107 29.71 -24.71 -13.83
N PRO A 108 30.55 -25.08 -14.80
CA PRO A 108 31.99 -25.07 -14.55
C PRO A 108 32.48 -23.67 -14.25
N PRO A 109 33.55 -23.54 -13.46
CA PRO A 109 33.99 -22.20 -13.02
C PRO A 109 34.42 -21.27 -14.15
N ILE A 110 34.89 -21.83 -15.27
CA ILE A 110 35.33 -21.00 -16.38
C ILE A 110 34.17 -20.18 -16.92
N PHE A 111 32.94 -20.67 -16.74
CA PHE A 111 31.78 -19.90 -17.18
C PHE A 111 31.53 -18.71 -16.26
N GLY A 112 31.86 -18.85 -14.98
CA GLY A 112 31.86 -17.68 -14.11
C GLY A 112 32.93 -16.69 -14.50
N LEU A 113 34.10 -17.19 -14.91
CA LEU A 113 35.14 -16.29 -15.42
C LEU A 113 34.65 -15.55 -16.67
N TYR A 114 33.95 -16.25 -17.56
CA TYR A 114 33.37 -15.59 -18.73
C TYR A 114 32.35 -14.54 -18.31
N SER A 115 31.49 -14.87 -17.35
CA SER A 115 30.49 -13.93 -16.86
C SER A 115 31.11 -12.73 -16.15
N SER A 116 32.37 -12.83 -15.74
CA SER A 116 33.07 -11.71 -15.12
C SER A 116 33.78 -10.81 -16.12
N PHE A 117 33.72 -11.11 -17.43
CA PHE A 117 34.48 -10.36 -18.41
C PHE A 117 33.61 -9.60 -19.40
N TYR A 118 32.74 -10.27 -20.16
CA TYR A 118 31.94 -9.57 -21.16
C TYR A 118 30.96 -8.59 -20.54
N PRO A 119 30.14 -8.95 -19.55
CA PRO A 119 29.14 -8.01 -19.03
C PRO A 119 29.74 -6.74 -18.46
N VAL A 120 30.92 -6.83 -17.84
CA VAL A 120 31.54 -5.63 -17.28
C VAL A 120 31.95 -4.67 -18.39
N ILE A 121 32.53 -5.21 -19.47
CA ILE A 121 32.90 -4.38 -20.61
C ILE A 121 31.67 -3.72 -21.21
N MET A 122 30.59 -4.48 -21.39
CA MET A 122 29.38 -3.89 -21.98
C MET A 122 28.74 -2.87 -21.04
N TYR A 123 28.80 -3.10 -19.73
CA TYR A 123 28.23 -2.13 -18.80
C TYR A 123 29.05 -0.86 -18.73
N CYS A 124 30.36 -0.96 -18.97
CA CYS A 124 31.15 0.26 -19.08
C CYS A 124 30.66 1.17 -20.19
N PHE A 125 30.09 0.61 -21.25
CA PHE A 125 29.53 1.38 -22.35
C PHE A 125 28.10 1.81 -22.07
N LEU A 126 27.28 0.90 -21.54
CA LEU A 126 25.85 1.13 -21.43
C LEU A 126 25.40 1.53 -20.03
N GLY A 127 26.31 1.63 -19.07
CA GLY A 127 25.90 1.86 -17.69
C GLY A 127 26.02 3.31 -17.25
N THR A 128 25.11 3.69 -16.36
CA THR A 128 25.09 5.04 -15.80
C THR A 128 25.88 5.15 -14.49
N SER A 129 25.78 4.18 -13.60
CA SER A 129 26.56 4.20 -12.38
C SER A 129 28.04 4.01 -12.70
N ARG A 130 28.89 4.68 -11.91
CA ARG A 130 30.33 4.63 -12.12
C ARG A 130 31.06 4.05 -10.91
N HIS A 131 30.36 3.32 -10.04
CA HIS A 131 31.00 2.74 -8.86
C HIS A 131 30.63 1.29 -8.60
N ILE A 132 29.60 0.75 -9.24
CA ILE A 132 29.18 -0.62 -8.95
C ILE A 132 30.01 -1.60 -9.75
N SER A 133 30.22 -2.79 -9.18
CA SER A 133 30.97 -3.85 -9.83
C SER A 133 30.00 -4.85 -10.43
N ILE A 134 29.89 -4.82 -11.75
CA ILE A 134 29.02 -5.75 -12.47
C ILE A 134 29.69 -7.12 -12.50
N GLY A 135 28.91 -8.16 -12.21
CA GLY A 135 29.43 -9.50 -12.22
C GLY A 135 28.43 -10.49 -11.66
N PRO A 136 28.85 -11.75 -11.51
CA PRO A 136 27.96 -12.75 -10.92
C PRO A 136 27.56 -12.36 -9.50
N PHE A 137 26.32 -12.66 -9.15
CA PHE A 137 25.80 -12.45 -7.81
C PHE A 137 25.34 -13.78 -7.23
N ALA A 138 25.53 -13.95 -5.93
CA ALA A 138 25.30 -15.25 -5.30
C ALA A 138 23.85 -15.67 -5.41
N VAL A 139 22.91 -14.73 -5.22
CA VAL A 139 21.50 -15.09 -5.26
C VAL A 139 21.07 -15.41 -6.69
N ILE A 140 21.51 -14.60 -7.67
CA ILE A 140 21.18 -14.87 -9.06
C ILE A 140 21.79 -16.20 -9.49
N SER A 141 23.02 -16.47 -9.07
CA SER A 141 23.66 -17.74 -9.37
C SER A 141 22.90 -18.89 -8.72
N LEU A 142 22.37 -18.68 -7.52
CA LEU A 142 21.58 -19.72 -6.87
C LEU A 142 20.31 -20.02 -7.65
N MET A 143 19.62 -18.97 -8.14
CA MET A 143 18.44 -19.20 -8.97
C MET A 143 18.80 -19.94 -10.25
N ILE A 144 19.90 -19.57 -10.89
CA ILE A 144 20.33 -20.23 -12.11
C ILE A 144 20.65 -21.70 -11.85
N GLY A 145 21.36 -21.97 -10.75
CA GLY A 145 21.67 -23.35 -10.41
C GLY A 145 20.42 -24.15 -10.09
N GLY A 146 19.46 -23.54 -9.40
CA GLY A 146 18.23 -24.22 -9.10
C GLY A 146 17.47 -24.63 -10.35
N VAL A 147 17.31 -23.68 -11.28
CA VAL A 147 16.59 -24.02 -12.51
C VAL A 147 17.37 -25.03 -13.34
N ALA A 148 18.71 -24.93 -13.35
CA ALA A 148 19.52 -25.85 -14.13
C ALA A 148 19.43 -27.27 -13.60
N VAL A 149 19.47 -27.43 -12.27
CA VAL A 149 19.36 -28.78 -11.71
C VAL A 149 17.93 -29.29 -11.73
N ARG A 150 16.92 -28.40 -11.73
CA ARG A 150 15.56 -28.85 -11.95
C ARG A 150 15.38 -29.41 -13.35
N LEU A 151 15.91 -28.70 -14.35
CA LEU A 151 15.77 -29.17 -15.72
C LEU A 151 16.72 -30.33 -16.03
N VAL A 152 17.91 -30.33 -15.42
CA VAL A 152 18.89 -31.38 -15.64
C VAL A 152 19.29 -31.96 -14.29
N PRO A 153 18.53 -32.92 -13.76
CA PRO A 153 18.82 -33.44 -12.43
C PRO A 153 20.09 -34.29 -12.42
N ASP A 154 20.58 -34.55 -11.21
CA ASP A 154 21.77 -35.37 -11.04
C ASP A 154 21.57 -36.80 -11.50
N ASP A 155 20.33 -37.29 -11.51
CA ASP A 155 20.01 -38.66 -11.91
C ASP A 155 19.41 -38.70 -13.31
N ILE A 156 19.88 -37.84 -14.20
CA ILE A 156 19.38 -37.82 -15.57
C ILE A 156 20.10 -38.87 -16.39
N VAL A 157 19.41 -39.39 -17.41
CA VAL A 157 19.97 -40.42 -18.29
C VAL A 157 20.43 -39.74 -19.57
N ILE A 158 21.72 -39.83 -19.85
CA ILE A 158 22.31 -39.21 -21.04
C ILE A 158 22.98 -40.27 -21.89
N PRO A 159 22.43 -40.60 -23.06
CA PRO A 159 23.09 -41.57 -23.97
C PRO A 159 24.20 -40.91 -24.78
N GLY A 160 25.26 -40.51 -24.08
CA GLY A 160 26.38 -39.80 -24.67
C GLY A 160 27.49 -40.68 -25.20
N GLY A 161 27.28 -41.99 -25.28
CA GLY A 161 28.32 -42.88 -25.76
C GLY A 161 29.53 -42.98 -24.85
N VAL A 162 29.31 -43.08 -23.54
CA VAL A 162 30.38 -43.18 -22.57
C VAL A 162 30.18 -44.45 -21.75
N ASN A 163 31.23 -44.84 -21.04
CA ASN A 163 31.21 -46.04 -20.22
C ASN A 163 30.48 -45.74 -18.91
N ALA A 164 30.48 -46.71 -17.99
CA ALA A 164 29.81 -46.52 -16.71
C ALA A 164 30.47 -45.42 -15.88
N THR A 165 31.76 -45.17 -16.11
CA THR A 165 32.49 -44.12 -15.38
C THR A 165 32.26 -42.77 -16.09
N ASN A 166 31.05 -42.26 -15.93
CA ASN A 166 30.69 -40.98 -16.53
C ASN A 166 31.35 -39.84 -15.78
N GLY A 167 31.98 -38.93 -16.51
CA GLY A 167 32.64 -37.78 -15.94
C GLY A 167 31.76 -36.55 -15.77
N THR A 168 30.45 -36.69 -16.02
CA THR A 168 29.48 -35.61 -15.86
C THR A 168 29.79 -34.40 -16.74
N GLU A 169 30.45 -34.61 -17.89
CA GLU A 169 30.66 -33.50 -18.82
C GLU A 169 29.37 -33.19 -19.58
N ALA A 170 28.62 -34.23 -19.96
CA ALA A 170 27.36 -34.00 -20.67
C ALA A 170 26.34 -33.31 -19.77
N ARG A 171 26.28 -33.70 -18.50
CA ARG A 171 25.37 -33.05 -17.57
C ARG A 171 25.76 -31.58 -17.39
N ASP A 172 27.06 -31.30 -17.30
CA ASP A 172 27.52 -29.92 -17.19
C ASP A 172 27.16 -29.12 -18.43
N ALA A 173 27.32 -29.73 -19.61
CA ALA A 173 26.97 -29.01 -20.85
C ALA A 173 25.48 -28.72 -20.91
N LEU A 174 24.65 -29.68 -20.51
CA LEU A 174 23.20 -29.45 -20.51
C LEU A 174 22.82 -28.36 -19.52
N ARG A 175 23.46 -28.34 -18.34
CA ARG A 175 23.21 -27.30 -17.37
C ARG A 175 23.67 -25.93 -17.89
N VAL A 176 24.78 -25.91 -18.63
CA VAL A 176 25.24 -24.67 -19.25
C VAL A 176 24.23 -24.17 -20.27
N LYS A 177 23.67 -25.09 -21.06
CA LYS A 177 22.65 -24.71 -22.03
C LYS A 177 21.43 -24.12 -21.34
N VAL A 178 20.98 -24.74 -20.25
CA VAL A 178 19.84 -24.22 -19.50
C VAL A 178 20.16 -22.83 -18.94
N ALA A 179 21.38 -22.66 -18.42
CA ALA A 179 21.78 -21.37 -17.86
C ALA A 179 21.80 -20.30 -18.93
N MET A 180 22.32 -20.61 -20.12
CA MET A 180 22.33 -19.62 -21.20
C MET A 180 20.91 -19.27 -21.64
N SER A 181 20.02 -20.26 -21.73
CA SER A 181 18.66 -19.98 -22.13
C SER A 181 17.97 -19.06 -21.13
N VAL A 182 18.09 -19.37 -19.84
CA VAL A 182 17.43 -18.55 -18.83
C VAL A 182 18.06 -17.17 -18.77
N THR A 183 19.38 -17.08 -18.98
CA THR A 183 20.04 -15.78 -19.01
C THR A 183 19.56 -14.92 -20.17
N LEU A 184 19.45 -15.51 -21.37
CA LEU A 184 18.95 -14.77 -22.52
C LEU A 184 17.53 -14.29 -22.29
N LEU A 185 16.67 -15.15 -21.74
CA LEU A 185 15.29 -14.73 -21.52
C LEU A 185 15.22 -13.62 -20.47
N SER A 186 16.01 -13.73 -19.39
CA SER A 186 16.01 -12.68 -18.37
C SER A 186 16.52 -11.37 -18.95
N GLY A 187 17.55 -11.43 -19.79
CA GLY A 187 18.04 -10.21 -20.43
C GLY A 187 17.02 -9.58 -21.35
N ILE A 188 16.30 -10.41 -22.11
CA ILE A 188 15.25 -9.87 -22.97
C ILE A 188 14.17 -9.19 -22.14
N ILE A 189 13.77 -9.83 -21.03
CA ILE A 189 12.75 -9.24 -20.16
C ILE A 189 13.24 -7.93 -19.59
N GLN A 190 14.49 -7.88 -19.13
CA GLN A 190 15.03 -6.65 -18.56
C GLN A 190 15.10 -5.53 -19.59
N PHE A 191 15.54 -5.85 -20.81
CA PHE A 191 15.59 -4.83 -21.86
C PHE A 191 14.19 -4.32 -22.19
N CYS A 192 13.22 -5.22 -22.28
CA CYS A 192 11.85 -4.79 -22.56
C CYS A 192 11.29 -3.91 -21.44
N LEU A 193 11.60 -4.26 -20.19
CA LEU A 193 11.16 -3.43 -19.07
C LEU A 193 11.83 -2.05 -19.12
N GLY A 194 13.12 -2.01 -19.45
CA GLY A 194 13.80 -0.73 -19.53
C GLY A 194 13.26 0.16 -20.62
N VAL A 195 12.93 -0.44 -21.78
CA VAL A 195 12.33 0.33 -22.86
C VAL A 195 10.96 0.86 -22.45
N CYS A 196 10.17 0.03 -21.75
CA CYS A 196 8.83 0.40 -21.32
C CYS A 196 8.81 1.31 -20.09
N ARG A 197 9.95 1.91 -19.75
CA ARG A 197 10.05 2.87 -18.65
C ARG A 197 9.62 2.25 -17.31
N PHE A 198 10.02 1.00 -17.07
CA PHE A 198 9.72 0.36 -15.81
C PHE A 198 10.61 0.87 -14.68
N GLY A 199 11.81 1.34 -15.01
CA GLY A 199 12.77 1.79 -14.02
C GLY A 199 12.27 2.89 -13.11
N PHE A 200 11.15 3.53 -13.47
CA PHE A 200 10.56 4.51 -12.57
C PHE A 200 10.24 3.91 -11.20
N VAL A 201 9.96 2.61 -11.15
CA VAL A 201 9.67 1.96 -9.87
C VAL A 201 10.85 2.05 -8.93
N ALA A 202 12.04 2.36 -9.43
CA ALA A 202 13.19 2.56 -8.56
C ALA A 202 12.99 3.71 -7.59
N ILE A 203 12.02 4.60 -7.86
CA ILE A 203 11.72 5.67 -6.91
C ILE A 203 11.10 5.13 -5.63
N TYR A 204 10.59 3.91 -5.65
CA TYR A 204 9.94 3.34 -4.47
C TYR A 204 10.90 2.60 -3.56
N LEU A 205 12.19 2.60 -3.88
CA LEU A 205 13.22 1.95 -3.06
C LEU A 205 13.89 3.03 -2.22
N THR A 206 13.33 3.30 -1.04
CA THR A 206 13.90 4.30 -0.16
C THR A 206 15.20 3.78 0.46
N GLU A 207 15.95 4.71 1.07
CA GLU A 207 17.27 4.35 1.61
C GLU A 207 17.22 3.27 2.67
N PRO A 208 16.37 3.33 3.70
CA PRO A 208 16.31 2.19 4.65
C PRO A 208 15.91 0.89 3.98
N LEU A 209 14.98 0.95 3.02
CA LEU A 209 14.59 -0.25 2.30
C LEU A 209 15.77 -0.82 1.53
N VAL A 210 16.51 0.05 0.83
CA VAL A 210 17.66 -0.42 0.06
C VAL A 210 18.71 -1.04 0.98
N ARG A 211 18.98 -0.40 2.11
CA ARG A 211 20.05 -0.88 2.98
C ARG A 211 19.65 -2.19 3.68
N GLY A 212 18.41 -2.29 4.13
CA GLY A 212 17.95 -3.56 4.69
C GLY A 212 17.94 -4.67 3.66
N PHE A 213 17.50 -4.37 2.45
CA PHE A 213 17.50 -5.36 1.38
C PHE A 213 18.92 -5.84 1.07
N THR A 214 19.87 -4.92 1.00
CA THR A 214 21.24 -5.30 0.71
C THR A 214 21.86 -6.10 1.85
N THR A 215 21.54 -5.74 3.10
CA THR A 215 22.06 -6.52 4.23
C THR A 215 21.49 -7.94 4.22
N ALA A 216 20.20 -8.08 3.90
CA ALA A 216 19.62 -9.41 3.78
C ALA A 216 20.26 -10.19 2.64
N ALA A 217 20.57 -9.51 1.53
CA ALA A 217 21.27 -10.17 0.44
C ALA A 217 22.66 -10.63 0.87
N ALA A 218 23.35 -9.83 1.67
CA ALA A 218 24.65 -10.24 2.19
C ALA A 218 24.53 -11.46 3.08
N VAL A 219 23.48 -11.52 3.90
CA VAL A 219 23.25 -12.71 4.73
C VAL A 219 22.97 -13.92 3.84
N HIS A 220 22.23 -13.72 2.75
CA HIS A 220 22.01 -14.81 1.79
C HIS A 220 23.33 -15.30 1.22
N VAL A 221 24.20 -14.38 0.84
CA VAL A 221 25.50 -14.75 0.28
C VAL A 221 26.32 -15.53 1.31
N PHE A 222 26.29 -15.07 2.56
CA PHE A 222 27.01 -15.78 3.62
C PHE A 222 26.47 -17.19 3.80
N THR A 223 25.14 -17.35 3.76
CA THR A 223 24.55 -18.67 3.91
C THR A 223 24.93 -19.59 2.76
N SER A 224 24.93 -19.07 1.53
CA SER A 224 25.22 -19.91 0.37
C SER A 224 26.67 -20.40 0.33
N MET A 225 27.57 -19.75 1.06
CA MET A 225 28.99 -20.09 1.04
C MET A 225 29.40 -21.06 2.15
N LEU A 226 28.47 -21.50 2.99
CA LEU A 226 28.85 -22.31 4.15
C LEU A 226 29.23 -23.73 3.76
N LYS A 227 28.50 -24.33 2.83
CA LYS A 227 28.75 -25.72 2.47
C LYS A 227 30.12 -25.90 1.84
N TYR A 228 30.57 -24.92 1.04
CA TYR A 228 31.89 -25.01 0.44
C TYR A 228 32.98 -24.76 1.47
N LEU A 229 32.72 -23.90 2.45
CA LEU A 229 33.68 -23.69 3.53
C LEU A 229 33.87 -24.96 4.35
N PHE A 230 32.77 -25.65 4.66
CA PHE A 230 32.85 -26.87 5.46
C PHE A 230 33.13 -28.12 4.63
N GLY A 231 32.94 -28.05 3.31
CA GLY A 231 33.18 -29.21 2.47
C GLY A 231 32.12 -30.28 2.54
N VAL A 232 30.90 -29.92 2.92
CA VAL A 232 29.82 -30.88 3.06
C VAL A 232 28.94 -30.84 1.82
N LYS A 233 28.13 -31.88 1.65
CA LYS A 233 27.19 -31.97 0.54
C LYS A 233 25.80 -31.57 1.02
N THR A 234 25.13 -30.73 0.24
CA THR A 234 23.86 -30.15 0.66
C THR A 234 22.92 -30.06 -0.53
N LYS A 235 21.64 -30.34 -0.29
CA LYS A 235 20.62 -30.14 -1.30
C LYS A 235 20.50 -28.67 -1.67
N ARG A 236 20.19 -28.41 -2.93
CA ARG A 236 19.94 -27.05 -3.37
C ARG A 236 18.55 -26.60 -2.95
N TYR A 237 18.46 -25.41 -2.37
CA TYR A 237 17.20 -24.84 -1.91
C TYR A 237 17.01 -23.48 -2.56
N SER A 238 15.78 -23.21 -3.00
CA SER A 238 15.45 -21.93 -3.63
C SER A 238 13.98 -21.66 -3.41
N GLY A 239 13.65 -20.50 -2.87
CA GLY A 239 12.28 -20.14 -2.60
C GLY A 239 12.09 -19.53 -1.23
N ILE A 240 10.89 -19.71 -0.66
CA ILE A 240 10.62 -19.18 0.68
C ILE A 240 11.38 -19.99 1.72
N PHE A 241 12.00 -19.28 2.66
CA PHE A 241 12.81 -19.88 3.72
C PHE A 241 13.97 -20.70 3.19
N SER A 242 14.48 -20.36 2.00
CA SER A 242 15.61 -21.10 1.44
C SER A 242 16.85 -20.92 2.29
N VAL A 243 17.04 -19.73 2.87
CA VAL A 243 18.21 -19.50 3.72
C VAL A 243 18.12 -20.38 4.97
N VAL A 244 16.94 -20.49 5.57
CA VAL A 244 16.77 -21.31 6.75
C VAL A 244 17.01 -22.78 6.43
N TYR A 245 16.46 -23.25 5.31
CA TYR A 245 16.65 -24.64 4.92
C TYR A 245 18.13 -24.93 4.65
N SER A 246 18.81 -24.02 3.95
CA SER A 246 20.22 -24.23 3.66
C SER A 246 21.06 -24.27 4.93
N THR A 247 20.80 -23.33 5.85
CA THR A 247 21.56 -23.32 7.10
C THR A 247 21.29 -24.57 7.91
N VAL A 248 20.03 -25.00 7.98
CA VAL A 248 19.69 -26.21 8.73
C VAL A 248 20.37 -27.42 8.12
N ALA A 249 20.37 -27.53 6.79
CA ALA A 249 21.02 -28.65 6.13
C ALA A 249 22.51 -28.66 6.39
N VAL A 250 23.15 -27.48 6.34
CA VAL A 250 24.59 -27.41 6.58
C VAL A 250 24.90 -27.82 8.02
N LEU A 251 24.14 -27.30 8.98
CA LEU A 251 24.40 -27.66 10.37
C LEU A 251 24.02 -29.11 10.68
N GLN A 252 23.14 -29.71 9.87
CA GLN A 252 22.82 -31.12 10.03
C GLN A 252 23.96 -32.00 9.51
N ASN A 253 24.53 -31.63 8.37
CA ASN A 253 25.56 -32.42 7.71
C ASN A 253 26.96 -32.03 8.19
N VAL A 254 27.06 -31.07 9.11
CA VAL A 254 28.36 -30.62 9.60
C VAL A 254 29.13 -31.75 10.28
N LYS A 255 28.46 -32.80 10.73
CA LYS A 255 29.19 -33.92 11.32
C LYS A 255 30.04 -34.64 10.28
N ASN A 256 29.72 -34.50 8.99
CA ASN A 256 30.52 -35.08 7.92
C ASN A 256 31.46 -34.07 7.29
N LEU A 257 31.96 -33.12 8.07
CA LEU A 257 32.76 -32.03 7.53
C LEU A 257 34.12 -32.55 7.07
N ASN A 258 34.73 -31.81 6.15
CA ASN A 258 36.09 -32.06 5.73
C ASN A 258 37.01 -31.19 6.59
N VAL A 259 37.78 -31.84 7.47
CA VAL A 259 38.61 -31.10 8.41
C VAL A 259 39.69 -30.31 7.68
N CYS A 260 40.26 -30.89 6.63
CA CYS A 260 41.27 -30.18 5.86
C CYS A 260 40.69 -28.95 5.17
N SER A 261 39.52 -29.10 4.54
CA SER A 261 38.89 -27.97 3.88
C SER A 261 38.54 -26.87 4.87
N LEU A 262 37.96 -27.25 6.01
CA LEU A 262 37.64 -26.26 7.03
C LEU A 262 38.88 -25.57 7.55
N GLY A 263 39.96 -26.33 7.75
CA GLY A 263 41.19 -25.73 8.25
C GLY A 263 41.77 -24.72 7.29
N VAL A 264 41.84 -25.08 6.00
CA VAL A 264 42.36 -24.14 5.00
C VAL A 264 41.46 -22.92 4.90
N GLY A 265 40.15 -23.12 4.90
CA GLY A 265 39.23 -21.99 4.81
C GLY A 265 39.37 -21.05 5.99
N LEU A 266 39.46 -21.61 7.21
CA LEU A 266 39.57 -20.76 8.40
C LEU A 266 40.92 -20.06 8.46
N MET A 267 41.97 -20.73 8.01
CA MET A 267 43.28 -20.10 7.95
C MET A 267 43.30 -18.91 6.98
N VAL A 268 42.71 -19.11 5.79
CA VAL A 268 42.59 -18.00 4.85
C VAL A 268 41.70 -16.90 5.42
N PHE A 269 40.64 -17.29 6.14
CA PHE A 269 39.75 -16.34 6.77
C PHE A 269 40.48 -15.46 7.77
N GLY A 270 41.27 -16.09 8.65
CA GLY A 270 42.01 -15.33 9.66
C GLY A 270 43.04 -14.42 9.05
N LEU A 271 43.83 -14.91 8.09
CA LEU A 271 44.81 -14.01 7.47
C LEU A 271 44.13 -12.89 6.68
N LEU A 272 43.01 -13.18 6.02
CA LEU A 272 42.32 -12.13 5.28
C LEU A 272 41.78 -11.05 6.22
N LEU A 273 41.20 -11.46 7.36
CA LEU A 273 40.70 -10.47 8.31
C LEU A 273 41.84 -9.66 8.90
N GLY A 274 42.95 -10.31 9.25
CA GLY A 274 44.10 -9.58 9.75
C GLY A 274 44.65 -8.58 8.74
N GLY A 275 44.76 -9.00 7.48
CA GLY A 275 45.23 -8.08 6.45
C GLY A 275 44.28 -6.93 6.21
N LYS A 276 42.97 -7.20 6.25
CA LYS A 276 42.00 -6.13 6.06
C LYS A 276 42.06 -5.12 7.20
N GLU A 277 42.21 -5.60 8.44
CA GLU A 277 42.37 -4.69 9.56
C GLU A 277 43.66 -3.88 9.42
N PHE A 278 44.73 -4.53 8.98
CA PHE A 278 45.98 -3.82 8.73
C PHE A 278 45.81 -2.72 7.68
N ASN A 279 45.10 -3.03 6.60
CA ASN A 279 44.87 -2.04 5.55
C ASN A 279 44.03 -0.88 6.06
N GLU A 280 42.99 -1.17 6.84
CA GLU A 280 42.09 -0.11 7.30
C GLU A 280 42.78 0.79 8.32
N ARG A 281 43.53 0.20 9.26
CA ARG A 281 44.15 1.00 10.30
C ARG A 281 45.28 1.86 9.76
N PHE A 282 46.09 1.31 8.85
CA PHE A 282 47.20 2.01 8.23
C PHE A 282 46.84 2.57 6.85
N LYS A 283 45.59 3.01 6.68
CA LYS A 283 45.17 3.55 5.39
C LYS A 283 45.95 4.82 5.04
N GLU A 284 46.19 5.68 6.03
CA GLU A 284 46.89 6.93 5.79
C GLU A 284 48.36 6.71 5.46
N LYS A 285 48.96 5.62 5.93
CA LYS A 285 50.38 5.35 5.72
C LYS A 285 50.66 4.43 4.53
N LEU A 286 49.63 4.05 3.78
CA LEU A 286 49.80 3.19 2.63
C LEU A 286 49.40 3.94 1.36
N PRO A 287 50.26 3.98 0.34
CA PRO A 287 49.86 4.64 -0.92
C PRO A 287 48.64 4.01 -1.56
N ALA A 288 48.49 2.70 -1.45
CA ALA A 288 47.34 1.98 -1.96
C ALA A 288 47.13 0.74 -1.10
N PRO A 289 45.87 0.37 -0.83
CA PRO A 289 45.63 -0.83 -0.02
C PRO A 289 46.21 -2.07 -0.69
N ILE A 290 46.77 -2.95 0.12
CA ILE A 290 47.38 -4.18 -0.40
C ILE A 290 46.30 -5.09 -0.95
N PRO A 291 46.41 -5.57 -2.19
CA PRO A 291 45.43 -6.53 -2.68
C PRO A 291 45.60 -7.88 -2.01
N LEU A 292 44.70 -8.19 -1.08
CA LEU A 292 44.85 -9.36 -0.23
C LEU A 292 44.20 -10.60 -0.81
N GLU A 293 43.16 -10.45 -1.63
CA GLU A 293 42.52 -11.61 -2.23
C GLU A 293 43.48 -12.34 -3.16
N PHE A 294 44.32 -11.60 -3.89
CA PHE A 294 45.30 -12.24 -4.75
C PHE A 294 46.30 -13.05 -3.94
N PHE A 295 46.77 -12.49 -2.83
CA PHE A 295 47.68 -13.22 -1.96
C PHE A 295 47.01 -14.46 -1.39
N ALA A 296 45.75 -14.34 -0.99
CA ALA A 296 45.03 -15.50 -0.44
C ALA A 296 44.87 -16.59 -1.49
N VAL A 297 44.54 -16.21 -2.72
CA VAL A 297 44.38 -17.20 -3.79
C VAL A 297 45.71 -17.88 -4.08
N VAL A 298 46.78 -17.11 -4.21
CA VAL A 298 48.08 -17.68 -4.53
C VAL A 298 48.54 -18.62 -3.42
N MET A 299 48.40 -18.18 -2.17
CA MET A 299 48.84 -18.97 -1.02
C MET A 299 48.01 -20.25 -0.87
N GLY A 300 46.69 -20.14 -1.03
CA GLY A 300 45.86 -21.33 -0.94
C GLY A 300 46.14 -22.34 -2.04
N THR A 301 46.30 -21.85 -3.28
CA THR A 301 46.64 -22.74 -4.38
C THR A 301 48.00 -23.40 -4.17
N GLY A 302 48.97 -22.63 -3.67
CA GLY A 302 50.29 -23.19 -3.42
C GLY A 302 50.26 -24.27 -2.34
N ILE A 303 49.51 -24.02 -1.26
CA ILE A 303 49.42 -25.03 -0.21
C ILE A 303 48.68 -26.27 -0.71
N SER A 304 47.60 -26.07 -1.48
CA SER A 304 46.85 -27.21 -2.00
C SER A 304 47.69 -28.03 -2.97
N ALA A 305 48.49 -27.38 -3.82
CA ALA A 305 49.29 -28.11 -4.78
C ALA A 305 50.49 -28.78 -4.13
N GLY A 306 51.14 -28.10 -3.18
CA GLY A 306 52.30 -28.67 -2.53
C GLY A 306 51.99 -29.90 -1.71
N PHE A 307 50.90 -29.85 -0.94
CA PHE A 307 50.50 -30.96 -0.10
C PHE A 307 49.51 -31.90 -0.79
N ASN A 308 49.08 -31.56 -2.00
CA ASN A 308 48.21 -32.41 -2.83
C ASN A 308 46.95 -32.80 -2.07
N LEU A 309 46.23 -31.76 -1.64
CA LEU A 309 45.02 -31.95 -0.84
C LEU A 309 43.83 -32.49 -1.65
N LYS A 310 43.92 -32.51 -2.97
CA LYS A 310 42.76 -32.88 -3.79
C LYS A 310 42.34 -34.33 -3.54
N GLU A 311 43.30 -35.25 -3.48
CA GLU A 311 42.98 -36.66 -3.30
C GLU A 311 43.58 -37.26 -2.04
N SER A 312 44.66 -36.69 -1.51
CA SER A 312 45.18 -37.16 -0.23
C SER A 312 44.20 -36.89 0.89
N TYR A 313 43.53 -35.74 0.85
CA TYR A 313 42.56 -35.36 1.87
C TYR A 313 41.16 -35.13 1.30
N ASN A 314 40.96 -35.45 0.01
CA ASN A 314 39.65 -35.35 -0.63
C ASN A 314 39.07 -33.94 -0.53
N VAL A 315 39.94 -32.95 -0.67
CA VAL A 315 39.56 -31.55 -0.61
C VAL A 315 39.03 -31.13 -1.97
N ASP A 316 37.83 -30.59 -2.01
CA ASP A 316 37.26 -30.09 -3.25
C ASP A 316 38.08 -28.91 -3.76
N VAL A 317 38.39 -28.93 -5.04
CA VAL A 317 39.18 -27.87 -5.66
C VAL A 317 38.35 -27.23 -6.77
N VAL A 318 38.88 -26.16 -7.37
CA VAL A 318 38.17 -25.48 -8.45
C VAL A 318 37.98 -26.42 -9.63
N GLY A 319 39.03 -27.14 -10.00
CA GLY A 319 38.99 -28.01 -11.16
C GLY A 319 39.67 -27.39 -12.35
N THR A 320 39.58 -28.10 -13.48
CA THR A 320 40.23 -27.65 -14.70
C THR A 320 39.58 -26.37 -15.21
N LEU A 321 40.42 -25.45 -15.71
CA LEU A 321 39.96 -24.20 -16.31
C LEU A 321 40.47 -24.13 -17.74
N PRO A 322 39.64 -24.42 -18.73
CA PRO A 322 40.10 -24.34 -20.13
C PRO A 322 40.48 -22.92 -20.51
N LEU A 323 41.51 -22.80 -21.34
CA LEU A 323 42.01 -21.51 -21.77
C LEU A 323 41.37 -21.08 -23.09
N GLY A 324 41.26 -19.78 -23.27
CA GLY A 324 40.71 -19.22 -24.49
C GLY A 324 39.24 -18.89 -24.36
N LEU A 325 38.78 -17.98 -25.19
CA LEU A 325 37.40 -17.56 -25.22
C LEU A 325 36.59 -18.44 -26.16
N LEU A 326 35.29 -18.46 -25.94
CA LEU A 326 34.41 -19.29 -26.76
C LEU A 326 33.72 -18.46 -27.83
N PRO A 327 33.50 -19.04 -29.01
CA PRO A 327 32.79 -18.30 -30.05
C PRO A 327 31.32 -18.13 -29.69
N PRO A 328 30.65 -17.12 -30.25
CA PRO A 328 29.23 -16.93 -29.95
C PRO A 328 28.41 -18.14 -30.39
N ALA A 329 27.46 -18.52 -29.53
CA ALA A 329 26.59 -19.65 -29.80
C ALA A 329 25.16 -19.25 -29.47
N ASN A 330 24.24 -19.59 -30.37
CA ASN A 330 22.86 -19.17 -30.22
C ASN A 330 22.20 -20.02 -29.13
N PRO A 331 21.71 -19.43 -28.05
CA PRO A 331 20.99 -20.23 -27.04
C PRO A 331 19.70 -20.80 -27.61
N ASP A 332 19.34 -21.98 -27.11
CA ASP A 332 18.14 -22.66 -27.58
C ASP A 332 16.90 -22.02 -26.94
N THR A 333 16.08 -21.39 -27.78
CA THR A 333 14.83 -20.82 -27.32
C THR A 333 13.83 -21.89 -26.88
N SER A 334 14.07 -23.15 -27.27
CA SER A 334 13.13 -24.21 -26.99
C SER A 334 12.94 -24.47 -25.50
N LEU A 335 13.81 -23.97 -24.65
CA LEU A 335 13.68 -24.14 -23.21
C LEU A 335 12.94 -22.99 -22.53
N PHE A 336 12.55 -21.97 -23.29
CA PHE A 336 11.95 -20.78 -22.69
C PHE A 336 10.70 -21.12 -21.90
N HIS A 337 9.80 -21.92 -22.50
CA HIS A 337 8.57 -22.29 -21.82
C HIS A 337 8.81 -23.05 -20.53
N LEU A 338 10.00 -23.63 -20.37
CA LEU A 338 10.32 -24.35 -19.15
C LEU A 338 10.98 -23.46 -18.09
N VAL A 339 11.48 -22.29 -18.47
CA VAL A 339 12.25 -21.46 -17.57
C VAL A 339 11.68 -20.06 -17.40
N TYR A 340 10.62 -19.70 -18.14
CA TYR A 340 10.21 -18.30 -18.23
C TYR A 340 9.89 -17.71 -16.86
N VAL A 341 9.16 -18.46 -16.02
CA VAL A 341 8.86 -17.97 -14.68
C VAL A 341 10.15 -17.62 -13.94
N ASP A 342 11.11 -18.55 -13.95
CA ASP A 342 12.39 -18.27 -13.32
C ASP A 342 13.06 -17.07 -13.98
N ALA A 343 13.01 -17.00 -15.31
CA ALA A 343 13.62 -15.89 -16.01
C ALA A 343 12.99 -14.56 -15.61
N ILE A 344 11.74 -14.59 -15.16
CA ILE A 344 11.13 -13.36 -14.65
C ILE A 344 11.79 -12.95 -13.34
N ALA A 345 11.93 -13.90 -12.41
CA ALA A 345 12.47 -13.56 -11.10
C ALA A 345 13.90 -13.05 -11.22
N ILE A 346 14.74 -13.75 -11.99
CA ILE A 346 16.10 -13.31 -12.23
C ILE A 346 16.10 -11.93 -12.88
N ALA A 347 15.10 -11.64 -13.70
CA ALA A 347 15.01 -10.32 -14.32
C ALA A 347 14.75 -9.25 -13.27
N ILE A 348 13.93 -9.56 -12.25
CA ILE A 348 13.60 -8.56 -11.24
C ILE A 348 14.73 -8.43 -10.24
N VAL A 349 15.11 -9.54 -9.60
CA VAL A 349 16.14 -9.50 -8.56
C VAL A 349 17.42 -8.89 -9.11
N GLY A 350 17.84 -9.32 -10.30
CA GLY A 350 19.04 -8.76 -10.90
C GLY A 350 18.96 -7.25 -11.06
N PHE A 351 17.80 -6.74 -11.43
CA PHE A 351 17.60 -5.29 -11.45
C PHE A 351 17.59 -4.74 -10.04
N SER A 352 16.87 -5.40 -9.14
CA SER A 352 16.68 -4.85 -7.79
C SER A 352 18.00 -4.70 -7.06
N VAL A 353 18.88 -5.69 -7.18
CA VAL A 353 20.20 -5.58 -6.56
C VAL A 353 21.01 -4.48 -7.24
N THR A 354 20.90 -4.35 -8.56
CA THR A 354 21.74 -3.41 -9.28
C THR A 354 21.32 -1.97 -9.03
N ILE A 355 20.01 -1.70 -9.10
CA ILE A 355 19.55 -0.32 -8.94
C ILE A 355 19.63 0.12 -7.47
N SER A 356 19.52 -0.82 -6.53
CA SER A 356 19.67 -0.46 -5.12
C SER A 356 21.09 0.01 -4.84
N MET A 357 22.07 -0.87 -5.06
CA MET A 357 23.45 -0.56 -4.72
C MET A 357 23.93 0.70 -5.44
N ALA A 358 23.62 0.82 -6.74
CA ALA A 358 23.95 2.03 -7.48
C ALA A 358 23.46 3.26 -6.74
N LYS A 359 22.18 3.25 -6.35
CA LYS A 359 21.63 4.37 -5.58
C LYS A 359 22.44 4.59 -4.31
N THR A 360 22.73 3.50 -3.59
CA THR A 360 23.52 3.61 -2.37
C THR A 360 24.83 4.32 -2.62
N LEU A 361 25.45 4.08 -3.78
CA LEU A 361 26.69 4.76 -4.09
C LEU A 361 26.45 6.13 -4.70
N ALA A 362 25.37 6.28 -5.47
CA ALA A 362 25.10 7.56 -6.11
C ALA A 362 24.87 8.65 -5.07
N ASN A 363 24.02 8.37 -4.08
CA ASN A 363 23.80 9.31 -3.00
C ASN A 363 25.08 9.58 -2.22
N LYS A 364 26.05 8.67 -2.27
CA LYS A 364 27.30 8.88 -1.58
C LYS A 364 28.22 9.84 -2.33
N HIS A 365 27.98 10.06 -3.62
CA HIS A 365 28.87 10.90 -4.43
C HIS A 365 28.13 12.02 -5.15
N GLY A 366 26.87 12.27 -4.80
CA GLY A 366 26.15 13.42 -5.34
C GLY A 366 25.87 13.37 -6.83
N TYR A 367 25.51 12.21 -7.36
CA TYR A 367 25.03 12.10 -8.73
C TYR A 367 23.82 11.17 -8.73
N GLN A 368 23.20 11.02 -9.90
CA GLN A 368 21.97 10.26 -10.03
C GLN A 368 22.13 9.21 -11.13
N VAL A 369 21.40 8.11 -10.97
CA VAL A 369 21.46 6.99 -11.89
C VAL A 369 20.07 6.77 -12.48
N ASP A 370 20.01 6.59 -13.80
CA ASP A 370 18.74 6.37 -14.50
C ASP A 370 18.37 4.90 -14.38
N GLY A 371 17.24 4.63 -13.73
CA GLY A 371 16.80 3.25 -13.57
C GLY A 371 16.49 2.59 -14.90
N ASN A 372 15.89 3.33 -15.82
CA ASN A 372 15.58 2.78 -17.13
C ASN A 372 16.85 2.40 -17.89
N GLN A 373 17.87 3.26 -17.82
CA GLN A 373 19.13 2.92 -18.47
C GLN A 373 19.83 1.77 -17.76
N GLU A 374 19.67 1.67 -16.45
CA GLU A 374 20.20 0.49 -15.74
C GLU A 374 19.54 -0.78 -16.23
N LEU A 375 18.22 -0.76 -16.40
CA LEU A 375 17.51 -1.92 -16.92
C LEU A 375 17.96 -2.25 -18.33
N ILE A 376 18.12 -1.23 -19.18
CA ILE A 376 18.56 -1.46 -20.56
C ILE A 376 19.96 -2.07 -20.59
N ALA A 377 20.86 -1.51 -19.78
CA ALA A 377 22.24 -2.03 -19.74
C ALA A 377 22.27 -3.46 -19.23
N LEU A 378 21.52 -3.76 -18.17
CA LEU A 378 21.47 -5.13 -17.65
C LEU A 378 20.91 -6.09 -18.69
N GLY A 379 19.83 -5.69 -19.35
CA GLY A 379 19.22 -6.56 -20.34
C GLY A 379 20.13 -6.83 -21.52
N LEU A 380 20.78 -5.79 -22.04
CA LEU A 380 21.70 -6.00 -23.15
C LEU A 380 22.90 -6.83 -22.73
N CYS A 381 23.45 -6.55 -21.55
CA CYS A 381 24.58 -7.34 -21.05
C CYS A 381 24.20 -8.82 -20.96
N ASN A 382 23.07 -9.12 -20.32
CA ASN A 382 22.66 -10.52 -20.17
C ASN A 382 22.40 -11.18 -21.51
N SER A 383 21.62 -10.52 -22.37
CA SER A 383 21.24 -11.15 -23.64
C SER A 383 22.46 -11.36 -24.54
N ILE A 384 23.35 -10.39 -24.64
CA ILE A 384 24.54 -10.56 -25.49
C ILE A 384 25.50 -11.57 -24.87
N GLY A 385 25.67 -11.54 -23.54
CA GLY A 385 26.56 -12.47 -22.89
C GLY A 385 26.10 -13.91 -23.02
N SER A 386 24.78 -14.14 -23.02
CA SER A 386 24.28 -15.50 -23.21
C SER A 386 24.79 -16.10 -24.51
N LEU A 387 25.06 -15.27 -25.52
CA LEU A 387 25.69 -15.77 -26.74
C LEU A 387 27.12 -16.21 -26.47
N PHE A 388 27.81 -15.58 -25.52
CA PHE A 388 29.19 -15.88 -25.20
C PHE A 388 29.32 -16.81 -23.99
N GLN A 389 28.30 -17.64 -23.73
CA GLN A 389 28.28 -18.56 -22.60
C GLN A 389 28.49 -17.82 -21.27
N THR A 390 27.66 -16.80 -21.04
CA THR A 390 27.64 -16.05 -19.81
C THR A 390 26.29 -16.24 -19.13
N PHE A 391 26.30 -16.59 -17.85
CA PHE A 391 25.05 -16.69 -17.13
C PHE A 391 24.69 -15.35 -16.51
N SER A 392 23.46 -15.25 -16.00
CA SER A 392 22.88 -13.96 -15.64
C SER A 392 23.72 -13.25 -14.59
N ILE A 393 23.85 -11.93 -14.75
CA ILE A 393 24.71 -11.11 -13.92
C ILE A 393 23.88 -10.18 -13.05
N SER A 394 24.55 -9.47 -12.15
CA SER A 394 23.95 -8.44 -11.32
C SER A 394 25.08 -7.54 -10.84
N CYS A 395 24.80 -6.73 -9.82
CA CYS A 395 25.84 -6.00 -9.11
C CYS A 395 26.32 -6.82 -7.92
N SER A 396 27.64 -6.97 -7.81
CA SER A 396 28.23 -7.62 -6.65
C SER A 396 28.36 -6.57 -5.55
N LEU A 397 27.61 -6.74 -4.46
CA LEU A 397 27.52 -5.71 -3.44
C LEU A 397 28.87 -5.48 -2.75
N SER A 398 29.50 -6.55 -2.29
CA SER A 398 30.79 -6.41 -1.62
C SER A 398 31.86 -5.88 -2.57
N ARG A 399 31.87 -6.38 -3.81
CA ARG A 399 32.84 -5.89 -4.78
C ARG A 399 32.54 -4.46 -5.20
N SER A 400 31.26 -4.06 -5.23
CA SER A 400 30.92 -2.67 -5.49
C SER A 400 31.45 -1.78 -4.37
N LEU A 401 31.31 -2.22 -3.12
CA LEU A 401 31.87 -1.46 -1.99
C LEU A 401 33.39 -1.37 -2.11
N VAL A 402 34.05 -2.46 -2.49
CA VAL A 402 35.50 -2.45 -2.64
C VAL A 402 35.91 -1.47 -3.73
N GLN A 403 35.21 -1.49 -4.87
CA GLN A 403 35.54 -0.60 -5.97
C GLN A 403 35.33 0.85 -5.60
N GLU A 404 34.23 1.17 -4.92
CA GLU A 404 33.94 2.55 -4.55
C GLU A 404 34.91 3.05 -3.49
N GLY A 405 35.20 2.23 -2.47
CA GLY A 405 36.02 2.66 -1.36
C GLY A 405 37.52 2.63 -1.59
N THR A 406 37.97 2.11 -2.73
CA THR A 406 39.39 2.05 -3.06
C THR A 406 39.82 3.24 -3.91
N GLY A 407 38.91 4.18 -4.16
CA GLY A 407 39.22 5.34 -4.96
C GLY A 407 38.68 5.31 -6.37
N GLY A 408 37.74 4.41 -6.68
CA GLY A 408 37.15 4.35 -7.99
C GLY A 408 36.40 5.60 -8.38
N LYS A 409 36.63 6.09 -9.60
CA LYS A 409 35.98 7.29 -10.11
C LYS A 409 35.02 7.00 -11.24
N THR A 410 35.47 6.28 -12.26
CA THR A 410 34.65 5.91 -13.40
C THR A 410 34.57 4.38 -13.48
N GLN A 411 33.99 3.89 -14.58
CA GLN A 411 33.89 2.46 -14.83
C GLN A 411 35.13 1.89 -15.50
N LEU A 412 36.16 2.70 -15.73
CA LEU A 412 37.42 2.18 -16.26
C LEU A 412 38.08 1.22 -15.28
N ALA A 413 37.78 1.35 -13.99
CA ALA A 413 38.23 0.35 -13.02
C ALA A 413 37.61 -1.00 -13.32
N GLY A 414 36.34 -1.02 -13.70
CA GLY A 414 35.72 -2.26 -14.14
C GLY A 414 36.39 -2.85 -15.36
N CYS A 415 36.81 -1.98 -16.29
CA CYS A 415 37.53 -2.46 -17.47
C CYS A 415 38.88 -3.06 -17.10
N LEU A 416 39.59 -2.44 -16.15
CA LEU A 416 40.87 -3.00 -15.71
C LEU A 416 40.67 -4.35 -15.02
N ALA A 417 39.64 -4.46 -14.19
CA ALA A 417 39.32 -5.73 -13.56
C ALA A 417 38.99 -6.79 -14.61
N SER A 418 38.23 -6.40 -15.63
CA SER A 418 37.92 -7.33 -16.72
C SER A 418 39.17 -7.73 -17.48
N LEU A 419 40.12 -6.82 -17.64
CA LEU A 419 41.37 -7.17 -18.31
C LEU A 419 42.16 -8.18 -17.49
N MET A 420 42.16 -8.03 -16.16
CA MET A 420 42.80 -9.03 -15.32
C MET A 420 42.10 -10.39 -15.45
N ILE A 421 40.76 -10.38 -15.47
CA ILE A 421 40.01 -11.63 -15.65
C ILE A 421 40.33 -12.25 -17.01
N LEU A 422 40.48 -11.42 -18.04
CA LEU A 422 40.83 -11.92 -19.37
C LEU A 422 42.23 -12.51 -19.39
N LEU A 423 43.15 -11.90 -18.64
CA LEU A 423 44.48 -12.48 -18.49
C LEU A 423 44.40 -13.86 -17.85
N VAL A 424 43.56 -14.01 -16.83
CA VAL A 424 43.38 -15.32 -16.21
C VAL A 424 42.79 -16.31 -17.22
N ILE A 425 41.79 -15.85 -17.98
CA ILE A 425 41.10 -16.74 -18.93
C ILE A 425 42.04 -17.23 -20.01
N LEU A 426 42.85 -16.32 -20.57
CA LEU A 426 43.61 -16.65 -21.78
C LEU A 426 44.90 -17.39 -21.46
N ALA A 427 45.56 -17.07 -20.37
CA ALA A 427 46.91 -17.59 -20.21
C ALA A 427 47.16 -18.31 -18.89
N THR A 428 46.60 -17.83 -17.78
CA THR A 428 47.01 -18.31 -16.46
C THR A 428 45.87 -19.00 -15.70
N GLY A 429 44.85 -19.49 -16.40
CA GLY A 429 43.78 -20.18 -15.71
C GLY A 429 44.23 -21.49 -15.09
N PHE A 430 45.10 -22.22 -15.77
CA PHE A 430 45.53 -23.54 -15.30
C PHE A 430 46.29 -23.47 -13.98
N LEU A 431 46.76 -22.30 -13.58
CA LEU A 431 47.40 -22.17 -12.28
C LEU A 431 46.41 -22.27 -11.13
N PHE A 432 45.13 -21.94 -11.37
CA PHE A 432 44.12 -21.94 -10.33
C PHE A 432 43.29 -23.22 -10.31
N GLU A 433 43.83 -24.31 -10.88
CA GLU A 433 43.07 -25.55 -10.95
C GLU A 433 43.02 -26.26 -9.60
N SER A 434 44.07 -26.14 -8.80
CA SER A 434 44.15 -26.82 -7.51
C SER A 434 43.66 -25.94 -6.36
N LEU A 435 43.12 -24.77 -6.64
CA LEU A 435 42.64 -23.88 -5.60
C LEU A 435 41.42 -24.48 -4.91
N PRO A 436 41.44 -24.67 -3.60
CA PRO A 436 40.27 -25.23 -2.92
C PRO A 436 39.09 -24.30 -2.94
N GLN A 437 37.89 -24.90 -2.92
CA GLN A 437 36.67 -24.11 -2.85
C GLN A 437 36.47 -23.47 -1.48
N ALA A 438 37.10 -24.04 -0.45
CA ALA A 438 37.06 -23.44 0.88
C ALA A 438 37.70 -22.07 0.88
N VAL A 439 38.78 -21.90 0.12
CA VAL A 439 39.43 -20.61 0.02
C VAL A 439 38.50 -19.59 -0.62
N LEU A 440 37.79 -19.99 -1.68
CA LEU A 440 36.83 -19.08 -2.31
C LEU A 440 35.73 -18.67 -1.35
N SER A 441 35.18 -19.65 -0.61
CA SER A 441 34.13 -19.33 0.34
C SER A 441 34.64 -18.40 1.43
N ALA A 442 35.86 -18.65 1.91
CA ALA A 442 36.45 -17.80 2.94
C ALA A 442 36.65 -16.38 2.42
N ILE A 443 37.10 -16.24 1.18
CA ILE A 443 37.30 -14.92 0.59
C ILE A 443 35.97 -14.17 0.51
N VAL A 444 34.92 -14.84 0.04
CA VAL A 444 33.62 -14.20 -0.08
C VAL A 444 33.09 -13.79 1.30
N ILE A 445 33.22 -14.68 2.28
CA ILE A 445 32.69 -14.40 3.61
C ILE A 445 33.46 -13.26 4.26
N VAL A 446 34.78 -13.22 4.08
CA VAL A 446 35.56 -12.11 4.62
C VAL A 446 35.15 -10.80 3.98
N ASN A 447 34.97 -10.80 2.66
CA ASN A 447 34.62 -9.55 1.98
C ASN A 447 33.18 -9.13 2.23
N LEU A 448 32.35 -10.00 2.79
CA LEU A 448 31.01 -9.57 3.21
C LEU A 448 31.01 -8.68 4.45
N LYS A 449 32.18 -8.42 5.05
CA LYS A 449 32.23 -7.62 6.27
C LYS A 449 31.75 -6.19 6.05
N GLY A 450 32.16 -5.57 4.95
CA GLY A 450 31.73 -4.22 4.67
C GLY A 450 30.22 -4.13 4.51
N MET A 451 29.60 -5.16 3.96
CA MET A 451 28.15 -5.18 3.83
C MET A 451 27.48 -5.44 5.18
N PHE A 452 28.09 -6.29 6.01
CA PHE A 452 27.56 -6.53 7.34
C PHE A 452 27.69 -5.31 8.25
N MET A 453 28.59 -4.39 7.93
CA MET A 453 28.73 -3.16 8.71
C MET A 453 27.51 -2.27 8.63
N GLN A 454 26.58 -2.54 7.71
CA GLN A 454 25.37 -1.73 7.56
C GLN A 454 24.39 -1.90 8.71
N PHE A 455 24.65 -2.84 9.63
CA PHE A 455 23.78 -3.01 10.79
C PHE A 455 23.86 -1.83 11.75
N SER A 456 24.82 -0.92 11.56
CA SER A 456 24.92 0.28 12.38
C SER A 456 23.80 1.27 12.09
N ASP A 457 23.00 1.03 11.05
CA ASP A 457 21.87 1.90 10.76
C ASP A 457 20.76 1.79 11.79
N LEU A 458 20.72 0.70 12.55
CA LEU A 458 19.65 0.54 13.54
C LEU A 458 19.66 1.61 14.62
N PRO A 459 20.78 1.89 15.31
CA PRO A 459 20.77 3.04 16.23
C PRO A 459 20.54 4.36 15.52
N PHE A 460 21.08 4.50 14.31
CA PHE A 460 20.92 5.73 13.55
C PHE A 460 19.45 6.01 13.26
N PHE A 461 18.75 5.03 12.70
CA PHE A 461 17.34 5.23 12.38
C PHE A 461 16.49 5.24 13.64
N TRP A 462 16.96 4.60 14.71
CA TRP A 462 16.26 4.72 15.99
C TRP A 462 16.28 6.16 16.48
N ARG A 463 17.42 6.84 16.33
CA ARG A 463 17.49 8.24 16.74
C ARG A 463 16.79 9.19 15.77
N THR A 464 16.84 8.91 14.47
CA THR A 464 16.31 9.86 13.50
C THR A 464 14.82 9.67 13.25
N SER A 465 14.38 8.46 12.89
CA SER A 465 12.97 8.23 12.58
C SER A 465 12.65 6.77 12.81
N LYS A 466 11.78 6.49 13.79
CA LYS A 466 11.43 5.12 14.10
C LYS A 466 10.57 4.48 13.01
N ILE A 467 9.83 5.28 12.24
CA ILE A 467 9.09 4.74 11.11
C ILE A 467 10.06 4.15 10.08
N GLU A 468 11.14 4.87 9.78
CA GLU A 468 12.08 4.38 8.78
C GLU A 468 12.95 3.28 9.34
N LEU A 469 13.16 3.26 10.66
CA LEU A 469 13.73 2.08 11.31
C LEU A 469 12.83 0.87 11.10
N THR A 470 11.52 1.06 11.25
CA THR A 470 10.59 -0.02 10.97
C THR A 470 10.69 -0.49 9.53
N ILE A 471 10.85 0.47 8.61
CA ILE A 471 11.04 0.12 7.20
C ILE A 471 12.29 -0.71 7.01
N TRP A 472 13.39 -0.30 7.65
CA TRP A 472 14.64 -1.04 7.57
C TRP A 472 14.46 -2.48 8.07
N LEU A 473 13.90 -2.63 9.26
CA LEU A 473 13.77 -3.95 9.86
C LEU A 473 12.81 -4.83 9.07
N THR A 474 11.69 -4.27 8.62
CA THR A 474 10.74 -5.03 7.83
C THR A 474 11.35 -5.50 6.51
N THR A 475 12.09 -4.61 5.84
CA THR A 475 12.75 -5.01 4.60
C THR A 475 13.78 -6.11 4.86
N PHE A 476 14.56 -5.96 5.92
CA PHE A 476 15.56 -6.98 6.23
C PHE A 476 14.92 -8.34 6.48
N VAL A 477 13.89 -8.37 7.34
CA VAL A 477 13.25 -9.63 7.69
C VAL A 477 12.57 -10.25 6.47
N SER A 478 11.84 -9.45 5.70
CA SER A 478 11.11 -9.98 4.56
C SER A 478 12.05 -10.48 3.48
N SER A 479 13.12 -9.73 3.18
CA SER A 479 14.07 -10.17 2.17
C SER A 479 14.94 -11.32 2.67
N LEU A 480 15.03 -11.51 3.98
CA LEU A 480 15.80 -12.63 4.50
C LEU A 480 14.98 -13.92 4.47
N PHE A 481 13.85 -13.94 5.17
CA PHE A 481 13.09 -15.18 5.28
C PHE A 481 12.35 -15.52 4.00
N LEU A 482 11.74 -14.54 3.35
CA LEU A 482 11.28 -14.74 1.99
C LEU A 482 12.43 -14.46 1.03
N GLY A 483 12.19 -14.68 -0.26
CA GLY A 483 13.21 -14.43 -1.24
C GLY A 483 13.48 -12.94 -1.42
N LEU A 484 14.52 -12.64 -2.20
CA LEU A 484 14.76 -11.25 -2.56
C LEU A 484 13.76 -10.75 -3.59
N ASP A 485 12.94 -11.62 -4.16
CA ASP A 485 11.90 -11.22 -5.11
C ASP A 485 10.57 -10.94 -4.40
N TYR A 486 10.10 -11.89 -3.59
CA TYR A 486 8.89 -11.67 -2.81
C TYR A 486 9.16 -10.73 -1.64
N GLY A 487 10.33 -10.85 -1.02
CA GLY A 487 10.66 -9.97 0.09
C GLY A 487 10.73 -8.52 -0.33
N LEU A 488 11.26 -8.25 -1.52
CA LEU A 488 11.39 -6.88 -1.98
C LEU A 488 10.02 -6.23 -2.19
N ILE A 489 9.10 -6.94 -2.85
CA ILE A 489 7.79 -6.36 -3.09
C ILE A 489 7.02 -6.22 -1.78
N THR A 490 7.19 -7.19 -0.87
CA THR A 490 6.61 -7.06 0.47
C THR A 490 7.11 -5.78 1.14
N ALA A 491 8.42 -5.56 1.12
CA ALA A 491 9.01 -4.40 1.76
C ALA A 491 8.55 -3.10 1.11
N VAL A 492 8.46 -3.09 -0.22
CA VAL A 492 8.02 -1.89 -0.93
C VAL A 492 6.59 -1.54 -0.54
N ILE A 493 5.71 -2.56 -0.52
CA ILE A 493 4.32 -2.30 -0.15
C ILE A 493 4.21 -1.82 1.28
N ILE A 494 4.97 -2.42 2.20
CA ILE A 494 4.88 -2.01 3.60
C ILE A 494 5.46 -0.60 3.80
N ALA A 495 6.54 -0.27 3.08
CA ALA A 495 7.08 1.08 3.16
C ALA A 495 6.08 2.10 2.62
N LEU A 496 5.35 1.73 1.57
CA LEU A 496 4.29 2.61 1.08
C LEU A 496 3.15 2.75 2.10
N LEU A 497 2.82 1.65 2.78
CA LEU A 497 1.76 1.68 3.78
C LEU A 497 2.15 2.47 5.03
N THR A 498 3.46 2.69 5.24
CA THR A 498 3.87 3.57 6.32
C THR A 498 3.29 4.97 6.15
N VAL A 499 3.11 5.42 4.90
CA VAL A 499 2.46 6.70 4.65
C VAL A 499 1.00 6.67 5.08
N ILE A 500 0.31 5.56 4.82
CA ILE A 500 -1.06 5.39 5.28
C ILE A 500 -1.11 5.45 6.80
N TYR A 501 -0.14 4.81 7.46
CA TYR A 501 -0.07 4.89 8.91
C TYR A 501 0.14 6.33 9.37
N ARG A 502 1.02 7.07 8.70
CA ARG A 502 1.27 8.47 9.05
C ARG A 502 -0.01 9.28 8.95
N THR A 503 -0.80 9.06 7.89
CA THR A 503 -2.05 9.79 7.75
C THR A 503 -3.09 9.32 8.76
N GLN A 504 -3.03 8.06 9.20
CA GLN A 504 -4.00 7.53 10.14
C GLN A 504 -3.68 7.87 11.59
N SER A 505 -2.49 8.38 11.88
CA SER A 505 -2.12 8.83 13.22
C SER A 505 -1.55 10.23 13.14
N PRO A 506 -2.40 11.23 12.86
CA PRO A 506 -1.89 12.59 12.72
C PRO A 506 -1.87 13.32 14.06
N SER A 507 -1.45 14.58 14.03
CA SER A 507 -1.39 15.41 15.24
C SER A 507 -2.66 16.25 15.31
N TYR A 508 -3.59 15.84 16.16
CA TYR A 508 -4.82 16.58 16.39
C TYR A 508 -4.53 17.68 17.42
N LYS A 509 -4.60 18.93 16.99
CA LYS A 509 -4.21 20.05 17.81
C LYS A 509 -5.40 20.98 18.05
N VAL A 510 -5.46 21.55 19.25
CA VAL A 510 -6.43 22.60 19.56
C VAL A 510 -5.62 23.90 19.62
N LEU A 511 -6.01 24.86 18.81
CA LEU A 511 -5.18 26.04 18.59
C LEU A 511 -5.61 27.20 19.46
N GLY A 512 -4.62 27.98 19.92
CA GLY A 512 -4.88 29.21 20.60
C GLY A 512 -4.07 30.33 19.97
N LYS A 513 -4.50 31.55 20.23
CA LYS A 513 -4.01 32.73 19.53
C LYS A 513 -2.91 33.40 20.33
N LEU A 514 -1.77 33.65 19.68
CA LEU A 514 -0.73 34.46 20.28
C LEU A 514 -1.19 35.92 20.34
N PRO A 515 -1.16 36.55 21.51
CA PRO A 515 -1.79 37.87 21.65
C PRO A 515 -1.17 38.92 20.74
N GLU A 516 -2.03 39.80 20.21
CA GLU A 516 -1.67 40.93 19.36
C GLU A 516 -1.07 40.51 18.04
N THR A 517 -1.21 39.25 17.64
CA THR A 517 -0.75 38.76 16.35
C THR A 517 -1.87 37.97 15.68
N ASP A 518 -1.56 37.39 14.52
CA ASP A 518 -2.46 36.47 13.84
C ASP A 518 -1.91 35.05 13.85
N VAL A 519 -1.07 34.73 14.82
CA VAL A 519 -0.39 33.45 14.89
C VAL A 519 -1.19 32.53 15.81
N TYR A 520 -1.57 31.36 15.31
CA TYR A 520 -2.34 30.39 16.08
C TYR A 520 -1.49 29.13 16.23
N ILE A 521 -1.22 28.75 17.47
CA ILE A 521 -0.30 27.67 17.78
C ILE A 521 -1.00 26.71 18.73
N ASP A 522 -0.52 25.47 18.79
CA ASP A 522 -1.06 24.48 19.71
C ASP A 522 -1.14 25.04 21.12
N ILE A 523 -2.32 24.93 21.72
CA ILE A 523 -2.57 25.57 23.02
C ILE A 523 -1.72 24.94 24.11
N ASP A 524 -1.38 23.66 23.98
CA ASP A 524 -0.65 22.93 25.01
C ASP A 524 0.85 22.88 24.73
N ALA A 525 1.41 23.95 24.18
CA ALA A 525 2.81 23.93 23.78
C ALA A 525 3.63 25.07 24.37
N TYR A 526 3.03 26.26 24.52
CA TYR A 526 3.83 27.46 24.80
C TYR A 526 3.27 28.35 25.90
N GLU A 527 1.97 28.34 26.16
CA GLU A 527 1.35 28.86 27.38
C GLU A 527 1.29 30.38 27.44
N GLU A 528 1.87 31.07 26.46
CA GLU A 528 1.42 32.41 26.13
C GLU A 528 0.30 32.42 25.10
N VAL A 529 0.20 31.39 24.29
CA VAL A 529 -0.94 31.20 23.42
C VAL A 529 -2.18 31.00 24.28
N LYS A 530 -3.21 31.79 24.02
CA LYS A 530 -4.43 31.78 24.82
C LYS A 530 -5.60 31.46 23.93
N GLU A 531 -6.50 30.63 24.44
CA GLU A 531 -7.66 30.22 23.66
C GLU A 531 -8.70 31.33 23.65
N ILE A 532 -9.30 31.54 22.48
CA ILE A 532 -10.29 32.60 22.32
C ILE A 532 -11.61 32.13 22.92
N PRO A 533 -12.21 32.89 23.84
CA PRO A 533 -13.44 32.42 24.49
C PRO A 533 -14.57 32.24 23.48
N GLY A 534 -15.29 31.13 23.62
CA GLY A 534 -16.40 30.81 22.75
C GLY A 534 -16.02 30.25 21.41
N ILE A 535 -14.75 30.05 21.12
CA ILE A 535 -14.27 29.60 19.82
C ILE A 535 -13.34 28.40 20.03
N LYS A 536 -13.58 27.33 19.28
CA LYS A 536 -12.72 26.15 19.28
C LYS A 536 -12.09 26.02 17.90
N ILE A 537 -10.76 25.93 17.87
CA ILE A 537 -10.02 25.77 16.62
C ILE A 537 -9.34 24.41 16.66
N PHE A 538 -9.72 23.54 15.72
CA PHE A 538 -9.21 22.18 15.66
C PHE A 538 -8.42 22.00 14.36
N GLN A 539 -7.24 21.38 14.47
CA GLN A 539 -6.34 21.23 13.34
C GLN A 539 -5.85 19.80 13.23
N ILE A 540 -5.82 19.30 12.00
CA ILE A 540 -5.26 17.99 11.66
C ILE A 540 -4.20 18.20 10.58
N ASN A 541 -3.03 17.60 10.76
CA ASN A 541 -1.98 17.65 9.76
C ASN A 541 -2.02 16.41 8.87
N ALA A 542 -3.17 16.19 8.25
CA ALA A 542 -3.37 15.02 7.42
C ALA A 542 -4.59 15.26 6.54
N PRO A 543 -4.73 14.53 5.45
CA PRO A 543 -5.99 14.53 4.71
C PRO A 543 -7.09 13.89 5.53
N ILE A 544 -8.32 14.05 5.04
CA ILE A 544 -9.49 13.57 5.77
C ILE A 544 -10.13 12.46 4.95
N TYR A 545 -9.31 11.65 4.31
CA TYR A 545 -9.79 10.59 3.44
C TYR A 545 -10.49 9.50 4.27
N TYR A 546 -10.91 8.43 3.59
CA TYR A 546 -11.85 7.48 4.18
C TYR A 546 -11.27 6.80 5.41
N ALA A 547 -9.99 6.45 5.39
CA ALA A 547 -9.37 5.79 6.52
C ALA A 547 -9.01 6.77 7.64
N ASN A 548 -9.53 7.99 7.59
CA ASN A 548 -9.12 9.04 8.50
C ASN A 548 -10.33 9.81 9.04
N SER A 549 -11.44 9.74 8.31
CA SER A 549 -12.58 10.62 8.59
C SER A 549 -13.19 10.32 9.96
N ASP A 550 -13.40 9.04 10.29
CA ASP A 550 -14.03 8.72 11.56
C ASP A 550 -13.10 9.04 12.73
N LEU A 551 -11.81 8.76 12.58
CA LEU A 551 -10.84 9.14 13.61
C LEU A 551 -10.79 10.65 13.77
N TYR A 552 -10.83 11.38 12.65
CA TYR A 552 -10.82 12.84 12.72
C TYR A 552 -12.05 13.36 13.45
N SER A 553 -13.23 12.81 13.15
CA SER A 553 -14.45 13.24 13.83
C SER A 553 -14.40 12.94 15.32
N ASN A 554 -13.94 11.73 15.68
CA ASN A 554 -13.84 11.37 17.09
C ASN A 554 -12.86 12.28 17.83
N ALA A 555 -11.71 12.56 17.20
CA ALA A 555 -10.73 13.44 17.83
C ALA A 555 -11.26 14.86 17.95
N LEU A 556 -12.01 15.33 16.96
CA LEU A 556 -12.61 16.65 17.05
C LEU A 556 -13.59 16.73 18.21
N LYS A 557 -14.42 15.69 18.38
CA LYS A 557 -15.39 15.70 19.47
C LYS A 557 -14.73 15.52 20.82
N ARG A 558 -13.57 14.85 20.87
CA ARG A 558 -12.94 14.57 22.15
C ARG A 558 -12.03 15.70 22.61
N LYS A 559 -11.10 16.13 21.75
CA LYS A 559 -10.11 17.12 22.14
C LYS A 559 -10.74 18.48 22.43
N THR A 560 -11.70 18.90 21.61
CA THR A 560 -12.36 20.18 21.84
C THR A 560 -13.34 20.14 23.00
N GLY A 561 -13.79 18.96 23.40
CA GLY A 561 -14.74 18.84 24.47
C GLY A 561 -16.16 19.24 24.11
N VAL A 562 -16.44 19.46 22.83
CA VAL A 562 -17.76 19.84 22.37
C VAL A 562 -18.32 18.66 21.59
N ASN A 563 -19.10 17.84 22.27
CA ASN A 563 -19.74 16.68 21.65
C ASN A 563 -21.21 16.98 21.45
N PRO A 564 -21.69 17.10 20.21
CA PRO A 564 -23.12 17.40 20.01
C PRO A 564 -24.04 16.35 20.62
N ALA A 565 -23.65 15.08 20.57
CA ALA A 565 -24.48 14.03 21.17
C ALA A 565 -24.59 14.21 22.67
N VAL A 566 -23.47 14.54 23.33
CA VAL A 566 -23.49 14.77 24.77
C VAL A 566 -24.32 16.00 25.10
N ILE A 567 -24.23 17.03 24.27
CA ILE A 567 -25.02 18.24 24.51
C ILE A 567 -26.51 17.95 24.39
N MET A 568 -26.91 17.21 23.37
CA MET A 568 -28.32 16.83 23.23
C MET A 568 -28.78 15.96 24.39
N GLY A 569 -27.93 15.02 24.82
CA GLY A 569 -28.28 14.19 25.96
C GLY A 569 -28.47 15.01 27.22
N ALA A 570 -27.60 15.98 27.47
CA ALA A 570 -27.74 16.84 28.63
C ALA A 570 -28.99 17.71 28.55
N ARG A 571 -29.30 18.20 27.34
CA ARG A 571 -30.53 18.98 27.18
C ARG A 571 -31.77 18.14 27.47
N ARG A 572 -31.79 16.90 27.01
CA ARG A 572 -32.92 16.03 27.29
C ARG A 572 -32.98 15.66 28.76
N LYS A 573 -31.82 15.47 29.40
CA LYS A 573 -31.81 15.21 30.83
C LYS A 573 -32.38 16.37 31.62
N ALA A 574 -32.04 17.60 31.21
CA ALA A 574 -32.62 18.76 31.86
C ALA A 574 -34.10 18.89 31.56
N MET A 575 -34.53 18.50 30.36
CA MET A 575 -35.96 18.44 30.07
C MET A 575 -36.66 17.50 31.03
N ARG A 576 -36.05 16.36 31.34
CA ARG A 576 -36.64 15.44 32.31
C ARG A 576 -36.62 16.00 33.73
N LYS A 577 -35.53 16.67 34.14
CA LYS A 577 -35.42 17.08 35.54
C LYS A 577 -36.25 18.32 35.83
N TYR A 578 -36.24 19.29 34.90
CA TYR A 578 -36.95 20.55 35.13
C TYR A 578 -38.46 20.36 35.15
N ALA A 579 -38.96 19.34 34.46
CA ALA A 579 -40.40 19.07 34.46
C ALA A 579 -40.93 18.77 35.86
N LYS A 580 -40.06 18.35 36.77
CA LYS A 580 -40.47 18.07 38.15
C LYS A 580 -40.33 19.31 39.01
N VAL A 614 -35.14 25.01 -5.13
CA VAL A 614 -35.08 24.23 -3.90
C VAL A 614 -34.75 25.18 -2.75
N LYS A 615 -35.36 24.93 -1.59
CA LYS A 615 -35.38 25.88 -0.49
C LYS A 615 -35.02 25.16 0.80
N TYR A 616 -33.98 25.67 1.48
CA TYR A 616 -33.34 24.94 2.57
C TYR A 616 -33.55 25.63 3.91
N PRO A 617 -33.57 24.86 5.00
CA PRO A 617 -33.62 25.45 6.34
C PRO A 617 -32.26 25.93 6.79
N PRO A 618 -32.18 26.76 7.84
CA PRO A 618 -30.86 27.21 8.32
C PRO A 618 -29.99 26.06 8.80
N ILE A 619 -28.69 26.19 8.59
CA ILE A 619 -27.76 25.15 9.01
C ILE A 619 -27.69 25.06 10.52
N VAL A 620 -27.60 26.20 11.19
CA VAL A 620 -27.48 26.27 12.65
C VAL A 620 -28.85 26.62 13.22
N ILE A 621 -29.38 25.73 14.04
CA ILE A 621 -30.70 25.90 14.63
C ILE A 621 -30.54 26.57 15.98
N LYS A 622 -31.22 27.71 16.17
CA LYS A 622 -31.17 28.41 17.45
C LYS A 622 -31.62 27.50 18.58
N SER A 623 -30.82 27.45 19.63
CA SER A 623 -31.12 26.59 20.78
C SER A 623 -32.33 27.17 21.51
N THR A 624 -33.50 26.60 21.26
CA THR A 624 -34.73 27.07 21.89
C THR A 624 -34.88 26.51 23.28
N PHE A 625 -33.84 26.67 24.12
CA PHE A 625 -33.86 26.14 25.46
C PHE A 625 -34.31 27.20 26.44
N PRO A 626 -35.36 26.96 27.23
CA PRO A 626 -35.83 27.99 28.17
C PRO A 626 -34.77 28.32 29.23
N GLU A 627 -34.79 29.58 29.67
CA GLU A 627 -33.86 30.01 30.70
C GLU A 627 -34.11 29.29 32.02
N GLU A 628 -35.37 29.06 32.37
CA GLU A 628 -35.68 28.28 33.57
C GLU A 628 -35.11 26.88 33.47
N MET A 629 -35.22 26.26 32.29
CA MET A 629 -34.56 24.97 32.07
C MET A 629 -33.07 25.14 31.89
N GLN A 630 -32.62 26.31 31.41
CA GLN A 630 -31.19 26.57 31.31
C GLN A 630 -30.53 26.63 32.68
N ARG A 631 -31.31 26.89 33.73
CA ARG A 631 -30.79 26.78 35.09
C ARG A 631 -30.38 25.34 35.40
N PHE A 632 -30.87 24.38 34.63
CA PHE A 632 -30.51 22.97 34.78
C PHE A 632 -29.30 22.57 33.96
N MET A 633 -28.78 23.46 33.12
CA MET A 633 -27.54 23.19 32.41
C MET A 633 -26.37 22.99 33.36
N PRO A 634 -25.65 21.87 33.25
CA PRO A 634 -24.32 21.81 33.85
C PRO A 634 -23.43 22.86 33.21
N PRO A 635 -22.53 23.44 33.99
CA PRO A 635 -21.65 24.49 33.43
C PRO A 635 -20.79 23.95 32.31
N GLY A 636 -20.58 24.80 31.31
CA GLY A 636 -19.81 24.42 30.14
C GLY A 636 -18.96 25.55 29.59
N ASP A 637 -18.26 25.28 28.49
CA ASP A 637 -17.37 26.27 27.90
C ASP A 637 -18.13 27.35 27.14
N ASN A 638 -19.39 27.11 26.80
CA ASN A 638 -20.22 28.06 26.05
C ASN A 638 -19.56 28.41 24.71
N VAL A 639 -19.30 27.36 23.94
CA VAL A 639 -18.67 27.50 22.63
C VAL A 639 -19.75 27.74 21.59
N HIS A 640 -19.62 28.83 20.84
CA HIS A 640 -20.58 29.16 19.80
C HIS A 640 -20.08 28.86 18.40
N THR A 641 -18.77 28.78 18.20
CA THR A 641 -18.19 28.51 16.89
C THR A 641 -17.07 27.51 17.02
N VAL A 642 -16.98 26.61 16.04
CA VAL A 642 -15.89 25.63 15.94
C VAL A 642 -15.18 25.89 14.62
N ILE A 643 -13.89 26.21 14.70
CA ILE A 643 -13.09 26.49 13.51
C ILE A 643 -12.32 25.23 13.16
N LEU A 644 -12.47 24.76 11.93
CA LEU A 644 -11.73 23.60 11.44
C LEU A 644 -10.63 24.08 10.52
N ASP A 645 -9.39 23.92 10.96
CA ASP A 645 -8.21 24.34 10.20
C ASP A 645 -8.01 23.36 9.06
N PHE A 646 -8.22 23.81 7.82
CA PHE A 646 -8.01 22.98 6.65
C PHE A 646 -6.74 23.34 5.89
N THR A 647 -5.86 24.12 6.51
CA THR A 647 -4.65 24.58 5.82
C THR A 647 -3.73 23.42 5.46
N GLN A 648 -3.64 22.42 6.33
CA GLN A 648 -2.76 21.28 6.12
C GLN A 648 -3.48 20.06 5.55
N VAL A 649 -4.77 20.20 5.23
CA VAL A 649 -5.56 19.11 4.67
C VAL A 649 -5.29 19.09 3.17
N ASN A 650 -4.70 17.99 2.69
CA ASN A 650 -4.22 17.96 1.31
C ASN A 650 -5.35 17.70 0.33
N PHE A 651 -6.25 16.79 0.67
CA PHE A 651 -7.35 16.39 -0.20
C PHE A 651 -8.45 15.81 0.67
N ILE A 652 -9.64 15.67 0.10
CA ILE A 652 -10.78 15.08 0.79
C ILE A 652 -11.63 14.37 -0.25
N ASP A 653 -12.02 13.13 0.02
CA ASP A 653 -12.81 12.37 -0.93
C ASP A 653 -14.27 12.33 -0.47
N SER A 654 -15.05 11.49 -1.16
CA SER A 654 -16.48 11.42 -0.88
C SER A 654 -16.77 11.05 0.57
N VAL A 655 -16.02 10.10 1.12
CA VAL A 655 -16.21 9.69 2.51
C VAL A 655 -15.87 10.85 3.45
N GLY A 656 -14.75 11.52 3.19
CA GLY A 656 -14.38 12.67 4.00
C GLY A 656 -15.38 13.80 3.89
N VAL A 657 -15.90 14.03 2.68
CA VAL A 657 -16.90 15.08 2.49
C VAL A 657 -18.18 14.74 3.25
N LYS A 658 -18.59 13.47 3.22
CA LYS A 658 -19.77 13.07 3.96
C LYS A 658 -19.56 13.24 5.46
N THR A 659 -18.38 12.88 5.96
CA THR A 659 -18.09 13.09 7.38
C THR A 659 -18.12 14.57 7.74
N LEU A 660 -17.55 15.42 6.87
CA LEU A 660 -17.55 16.86 7.13
C LEU A 660 -18.96 17.42 7.14
N ALA A 661 -19.79 17.00 6.19
CA ALA A 661 -21.18 17.46 6.15
C ALA A 661 -21.93 17.00 7.39
N GLY A 662 -21.69 15.76 7.82
CA GLY A 662 -22.29 15.29 9.05
C GLY A 662 -21.86 16.09 10.26
N ILE A 663 -20.57 16.44 10.33
CA ILE A 663 -20.07 17.25 11.43
C ILE A 663 -20.76 18.60 11.45
N VAL A 664 -20.85 19.24 10.28
CA VAL A 664 -21.48 20.56 10.19
C VAL A 664 -22.94 20.47 10.63
N LYS A 665 -23.66 19.46 10.14
CA LYS A 665 -25.08 19.33 10.48
C LYS A 665 -25.28 19.04 11.97
N GLU A 666 -24.48 18.13 12.53
CA GLU A 666 -24.62 17.78 13.93
C GLU A 666 -24.30 18.96 14.84
N TYR A 667 -23.28 19.75 14.50
CA TYR A 667 -22.97 20.91 15.32
C TYR A 667 -23.99 22.03 15.12
N GLY A 668 -24.59 22.12 13.94
CA GLY A 668 -25.63 23.11 13.73
C GLY A 668 -26.93 22.75 14.41
N ASP A 669 -27.15 21.46 14.67
CA ASP A 669 -28.36 21.05 15.36
C ASP A 669 -28.36 21.49 16.82
N VAL A 670 -27.17 21.70 17.39
CA VAL A 670 -27.06 22.19 18.76
C VAL A 670 -26.77 23.69 18.80
N GLY A 671 -26.97 24.39 17.69
CA GLY A 671 -26.73 25.82 17.64
C GLY A 671 -25.27 26.22 17.74
N ILE A 672 -24.38 25.49 17.08
CA ILE A 672 -22.96 25.79 17.07
C ILE A 672 -22.51 25.91 15.61
N TYR A 673 -21.83 27.01 15.30
CA TYR A 673 -21.37 27.23 13.94
C TYR A 673 -20.05 26.52 13.70
N VAL A 674 -19.89 26.00 12.49
CA VAL A 674 -18.67 25.32 12.06
C VAL A 674 -18.13 26.08 10.86
N TYR A 675 -16.88 26.53 10.95
CA TYR A 675 -16.22 27.27 9.90
C TYR A 675 -15.02 26.48 9.39
N LEU A 676 -14.80 26.53 8.09
CA LEU A 676 -13.64 25.90 7.46
C LEU A 676 -12.63 27.00 7.11
N ALA A 677 -11.42 26.89 7.63
CA ALA A 677 -10.39 27.91 7.46
C ALA A 677 -9.22 27.33 6.68
N GLY A 678 -8.81 28.03 5.63
CA GLY A 678 -7.64 27.64 4.88
C GLY A 678 -7.86 26.53 3.88
N CYS A 679 -9.09 26.30 3.44
CA CYS A 679 -9.35 25.27 2.43
C CYS A 679 -8.67 25.65 1.12
N SER A 680 -7.83 24.76 0.62
CA SER A 680 -7.13 25.00 -0.62
C SER A 680 -8.11 24.91 -1.79
N ALA A 681 -7.69 25.46 -2.94
CA ALA A 681 -8.54 25.41 -4.13
C ALA A 681 -8.83 23.96 -4.53
N GLN A 682 -7.87 23.08 -4.29
CA GLN A 682 -8.06 21.67 -4.62
C GLN A 682 -9.11 21.05 -3.70
N VAL A 683 -9.05 21.35 -2.41
CA VAL A 683 -10.05 20.83 -1.47
C VAL A 683 -11.42 21.44 -1.74
N VAL A 684 -11.46 22.70 -2.13
CA VAL A 684 -12.74 23.31 -2.52
C VAL A 684 -13.30 22.60 -3.75
N ASN A 685 -12.43 22.23 -4.69
CA ASN A 685 -12.89 21.47 -5.85
C ASN A 685 -13.40 20.08 -5.46
N ASP A 686 -12.77 19.43 -4.47
CA ASP A 686 -13.31 18.15 -4.00
C ASP A 686 -14.67 18.34 -3.34
N LEU A 687 -14.83 19.41 -2.55
CA LEU A 687 -16.12 19.67 -1.91
C LEU A 687 -17.19 20.01 -2.93
N THR A 688 -16.80 20.64 -4.04
CA THR A 688 -17.77 21.01 -5.06
C THR A 688 -18.14 19.84 -5.97
N ARG A 689 -17.17 18.97 -6.28
CA ARG A 689 -17.48 17.80 -7.10
C ARG A 689 -18.45 16.88 -6.39
N ASN A 690 -18.22 16.63 -5.11
CA ASN A 690 -19.26 16.09 -4.26
C ASN A 690 -20.32 17.17 -4.01
N ARG A 691 -21.50 16.77 -3.56
CA ARG A 691 -22.57 17.73 -3.37
C ARG A 691 -22.53 18.35 -1.98
N PHE A 692 -21.36 18.89 -1.61
CA PHE A 692 -21.25 19.58 -0.32
C PHE A 692 -21.91 20.95 -0.37
N PHE A 693 -21.75 21.68 -1.47
CA PHE A 693 -22.30 23.01 -1.60
C PHE A 693 -23.64 22.99 -2.33
N GLU A 694 -24.40 21.90 -2.18
CA GLU A 694 -25.77 21.87 -2.68
C GLU A 694 -26.60 22.97 -2.05
N ASN A 695 -26.34 23.28 -0.77
CA ASN A 695 -26.91 24.46 -0.14
C ASN A 695 -25.90 25.60 -0.26
N PRO A 696 -26.23 26.68 -0.96
CA PRO A 696 -25.26 27.78 -1.13
C PRO A 696 -24.87 28.45 0.17
N ALA A 697 -25.68 28.33 1.23
CA ALA A 697 -25.33 28.96 2.50
C ALA A 697 -24.00 28.44 3.05
N LEU A 698 -23.69 27.17 2.79
CA LEU A 698 -22.42 26.61 3.23
C LEU A 698 -21.23 27.34 2.65
N TRP A 699 -21.41 28.06 1.53
CA TRP A 699 -20.32 28.84 0.98
C TRP A 699 -19.83 29.89 1.97
N GLU A 700 -20.72 30.40 2.82
CA GLU A 700 -20.30 31.40 3.80
C GLU A 700 -19.64 30.79 5.01
N LEU A 701 -19.41 29.48 5.03
CA LEU A 701 -18.65 28.84 6.10
C LEU A 701 -17.18 28.71 5.78
N LEU A 702 -16.74 29.17 4.61
CA LEU A 702 -15.35 29.02 4.18
C LEU A 702 -14.63 30.35 4.32
N PHE A 703 -13.51 30.34 5.03
CA PHE A 703 -12.70 31.52 5.26
C PHE A 703 -11.28 31.26 4.80
N HIS A 704 -10.57 32.34 4.48
CA HIS A 704 -9.23 32.21 3.91
C HIS A 704 -8.23 31.66 4.91
N SER A 705 -8.31 32.08 6.16
CA SER A 705 -7.32 31.70 7.17
C SER A 705 -8.02 31.53 8.52
N ILE A 706 -7.24 31.14 9.53
CA ILE A 706 -7.77 30.99 10.88
C ILE A 706 -8.22 32.35 11.41
N HIS A 707 -7.38 33.38 11.23
CA HIS A 707 -7.71 34.69 11.76
C HIS A 707 -8.95 35.25 11.09
N ASP A 708 -9.09 35.02 9.78
CA ASP A 708 -10.30 35.45 9.08
C ASP A 708 -11.53 34.78 9.66
N ALA A 709 -11.46 33.48 9.93
CA ALA A 709 -12.59 32.77 10.50
C ALA A 709 -12.92 33.27 11.90
N VAL A 710 -11.89 33.51 12.72
CA VAL A 710 -12.11 33.99 14.08
C VAL A 710 -12.77 35.37 14.05
N LEU A 711 -12.26 36.26 13.19
CA LEU A 711 -12.83 37.60 13.08
C LEU A 711 -14.26 37.54 12.56
N GLY A 712 -14.52 36.64 11.60
CA GLY A 712 -15.88 36.50 11.09
C GLY A 712 -16.84 36.00 12.14
N SER A 713 -16.42 35.02 12.95
CA SER A 713 -17.27 34.52 14.02
C SER A 713 -17.53 35.60 15.07
N GLN A 714 -16.49 36.36 15.44
CA GLN A 714 -16.66 37.42 16.42
C GLN A 714 -17.59 38.51 15.89
N LEU A 715 -17.44 38.86 14.61
CA LEU A 715 -18.33 39.84 14.00
C LEU A 715 -19.76 39.34 13.93
N ARG A 716 -19.93 38.04 13.64
CA ARG A 716 -21.26 37.44 13.63
C ARG A 716 -21.90 37.53 15.00
N GLU A 717 -21.13 37.23 16.05
CA GLU A 717 -21.66 37.33 17.41
C GLU A 717 -21.98 38.78 17.76
N ALA A 718 -21.12 39.72 17.36
CA ALA A 718 -21.38 41.13 17.66
C ALA A 718 -22.66 41.61 16.98
N LEU A 719 -22.86 41.24 15.71
CA LEU A 719 -24.09 41.61 15.02
C LEU A 719 -25.30 40.95 15.66
N ALA A 720 -25.15 39.69 16.10
CA ALA A 720 -26.26 39.01 16.77
C ALA A 720 -26.66 39.73 18.05
N GLU A 721 -25.67 40.15 18.85
CA GLU A 721 -26.00 40.86 20.09
C GLU A 721 -26.51 42.27 19.80
N GLN A 722 -26.06 42.89 18.71
CA GLN A 722 -26.62 44.18 18.30
C GLN A 722 -28.09 44.06 17.96
N GLU A 723 -28.46 43.02 17.20
CA GLU A 723 -29.85 42.83 16.81
C GLU A 723 -30.71 42.26 17.93
N ALA A 724 -30.10 41.64 18.94
CA ALA A 724 -30.87 41.06 20.04
C ALA A 724 -31.62 42.14 20.81
N SER A 725 -30.95 43.26 21.09
CA SER A 725 -31.58 44.35 21.82
C SER A 725 -30.86 45.68 21.55
N THR B 13 -19.36 45.80 9.72
CA THR B 13 -18.35 44.77 9.50
C THR B 13 -16.97 45.26 9.90
N GLN B 14 -16.27 44.49 10.73
CA GLN B 14 -14.91 44.83 11.12
C GLN B 14 -13.93 44.45 10.02
N ARG B 15 -12.64 44.61 10.31
CA ARG B 15 -11.61 44.42 9.31
C ARG B 15 -10.47 43.57 9.87
N TYR B 16 -9.70 42.99 8.95
CA TYR B 16 -8.54 42.19 9.28
C TYR B 16 -7.33 43.12 9.41
N TYR B 17 -6.93 43.42 10.64
CA TYR B 17 -5.81 44.31 10.91
C TYR B 17 -4.75 43.55 11.68
N VAL B 18 -3.53 43.52 11.14
CA VAL B 18 -2.39 42.88 11.79
C VAL B 18 -1.19 43.82 11.70
N GLU B 19 -0.53 44.03 12.84
CA GLU B 19 0.67 44.86 12.90
C GLU B 19 1.64 44.17 13.86
N ARG B 20 2.71 43.59 13.32
CA ARG B 20 3.65 42.83 14.11
C ARG B 20 4.96 42.76 13.36
N PRO B 21 6.05 42.38 14.02
CA PRO B 21 7.33 42.21 13.31
C PRO B 21 7.32 40.97 12.43
N ILE B 22 8.31 40.90 11.55
CA ILE B 22 8.47 39.73 10.70
C ILE B 22 8.87 38.54 11.55
N PHE B 23 8.10 37.47 11.47
CA PHE B 23 8.30 36.30 12.32
C PHE B 23 9.11 35.25 11.56
N SER B 24 10.43 35.40 11.61
CA SER B 24 11.29 34.28 11.31
C SER B 24 11.27 33.31 12.48
N HIS B 25 11.86 32.14 12.28
CA HIS B 25 11.83 31.14 13.35
C HIS B 25 12.53 31.61 14.62
N PRO B 26 13.75 32.14 14.59
CA PRO B 26 14.33 32.66 15.84
C PRO B 26 13.54 33.80 16.46
N VAL B 27 13.00 34.70 15.64
CA VAL B 27 12.25 35.84 16.16
C VAL B 27 10.98 35.37 16.86
N LEU B 28 10.25 34.44 16.23
CA LEU B 28 9.03 33.91 16.85
C LEU B 28 9.35 33.08 18.08
N GLN B 29 10.45 32.32 18.05
CA GLN B 29 10.80 31.50 19.20
C GLN B 29 11.28 32.34 20.37
N GLU B 30 11.79 33.54 20.11
CA GLU B 30 12.16 34.43 21.20
C GLU B 30 10.95 34.81 22.06
N ARG B 31 9.76 34.83 21.46
CA ARG B 31 8.54 35.09 22.20
C ARG B 31 8.01 33.88 22.93
N LEU B 32 8.32 32.67 22.49
CA LEU B 32 7.64 31.47 22.94
C LEU B 32 8.52 30.70 23.92
N HIS B 33 7.92 30.31 25.05
CA HIS B 33 8.60 29.55 26.09
C HIS B 33 7.93 28.19 26.21
N THR B 34 8.73 27.15 26.41
CA THR B 34 8.20 25.79 26.44
C THR B 34 7.21 25.61 27.59
N LYS B 35 6.09 24.96 27.30
CA LYS B 35 5.11 24.58 28.30
C LYS B 35 5.47 23.26 28.94
N ASP B 36 4.99 23.06 30.17
CA ASP B 36 5.22 21.83 30.91
C ASP B 36 4.10 20.85 30.62
N LYS B 37 4.45 19.70 30.06
CA LYS B 37 3.45 18.67 29.76
C LYS B 37 2.83 18.15 31.06
N VAL B 38 1.51 18.02 31.07
CA VAL B 38 0.85 17.47 32.25
C VAL B 38 1.25 16.01 32.43
N PRO B 39 1.48 15.54 33.65
CA PRO B 39 1.91 14.15 33.84
C PRO B 39 0.82 13.17 33.44
N ASP B 40 1.18 12.22 32.57
CA ASP B 40 0.27 11.18 32.11
C ASP B 40 0.99 9.83 32.25
N SER B 41 0.89 9.24 33.44
CA SER B 41 1.54 7.96 33.70
C SER B 41 0.67 6.81 33.25
N ILE B 42 1.31 5.78 32.68
CA ILE B 42 0.57 4.64 32.15
C ILE B 42 -0.08 3.85 33.28
N ALA B 43 0.59 3.74 34.43
CA ALA B 43 0.03 3.00 35.55
C ALA B 43 -1.26 3.65 36.04
N ASP B 44 -1.26 4.98 36.18
CA ASP B 44 -2.49 5.66 36.59
C ASP B 44 -3.56 5.58 35.51
N LYS B 45 -3.15 5.55 34.23
CA LYS B 45 -4.12 5.37 33.15
C LYS B 45 -4.83 4.02 33.28
N LEU B 46 -4.06 2.96 33.52
CA LEU B 46 -4.67 1.65 33.72
C LEU B 46 -5.54 1.63 34.97
N LYS B 47 -5.07 2.26 36.05
CA LYS B 47 -5.85 2.27 37.29
C LYS B 47 -7.18 2.97 37.10
N GLN B 48 -7.20 4.10 36.39
CA GLN B 48 -8.46 4.78 36.11
C GLN B 48 -9.28 4.07 35.03
N ALA B 49 -8.65 3.22 34.22
CA ALA B 49 -9.38 2.38 33.28
C ALA B 49 -10.00 1.16 33.95
N PHE B 50 -9.56 0.82 35.16
CA PHE B 50 -10.11 -0.30 35.91
C PHE B 50 -10.95 0.17 37.11
N THR B 51 -11.69 1.26 36.95
CA THR B 51 -12.51 1.76 38.05
C THR B 51 -13.75 0.91 38.26
N CYS B 52 -14.36 0.44 37.18
CA CYS B 52 -15.53 -0.45 37.25
C CYS B 52 -16.73 0.22 37.93
N THR B 53 -17.04 1.43 37.48
CA THR B 53 -18.27 2.09 37.90
C THR B 53 -19.47 1.42 37.23
N PRO B 54 -20.64 1.45 37.86
CA PRO B 54 -21.81 0.79 37.27
C PRO B 54 -22.15 1.27 35.87
N LYS B 55 -21.93 2.56 35.57
CA LYS B 55 -22.16 3.04 34.21
C LYS B 55 -21.19 2.37 33.23
N LYS B 56 -19.95 2.16 33.65
CA LYS B 56 -18.97 1.51 32.78
C LYS B 56 -19.36 0.07 32.49
N ILE B 57 -19.79 -0.68 33.51
CA ILE B 57 -20.17 -2.07 33.27
C ILE B 57 -21.46 -2.13 32.45
N ARG B 58 -22.36 -1.17 32.64
CA ARG B 58 -23.55 -1.11 31.79
C ARG B 58 -23.17 -0.87 30.33
N ASN B 59 -22.21 0.03 30.09
CA ASN B 59 -21.74 0.26 28.73
C ASN B 59 -21.07 -0.97 28.14
N ILE B 60 -20.31 -1.70 28.96
CA ILE B 60 -19.71 -2.95 28.49
C ILE B 60 -20.78 -3.96 28.11
N ILE B 61 -21.82 -4.09 28.94
CA ILE B 61 -22.91 -5.00 28.63
C ILE B 61 -23.59 -4.61 27.33
N TYR B 62 -23.83 -3.30 27.14
CA TYR B 62 -24.46 -2.83 25.91
C TYR B 62 -23.57 -3.13 24.71
N MET B 63 -22.25 -2.96 24.86
CA MET B 63 -21.34 -3.19 23.75
C MET B 63 -21.28 -4.67 23.37
N PHE B 64 -21.33 -5.56 24.36
CA PHE B 64 -21.27 -6.99 24.06
C PHE B 64 -22.64 -7.63 23.85
N LEU B 65 -23.70 -7.05 24.42
CA LEU B 65 -25.07 -7.55 24.24
C LEU B 65 -25.94 -6.41 23.76
N PRO B 66 -25.86 -6.06 22.47
CA PRO B 66 -26.61 -4.90 21.98
C PRO B 66 -28.11 -4.99 22.18
N ILE B 67 -28.68 -6.20 22.24
CA ILE B 67 -30.12 -6.33 22.43
C ILE B 67 -30.55 -5.74 23.76
N THR B 68 -29.64 -5.69 24.74
CA THR B 68 -29.96 -5.09 26.03
C THR B 68 -30.16 -3.59 25.93
N LYS B 69 -29.80 -2.98 24.80
CA LYS B 69 -29.93 -1.54 24.60
C LYS B 69 -31.09 -1.15 23.70
N TRP B 70 -31.16 -1.73 22.50
CA TRP B 70 -32.18 -1.31 21.54
C TRP B 70 -33.55 -1.95 21.78
N LEU B 71 -33.61 -3.02 22.56
CA LEU B 71 -34.90 -3.66 22.78
C LEU B 71 -35.73 -2.91 23.82
N PRO B 72 -35.18 -2.51 24.97
CA PRO B 72 -35.96 -1.65 25.87
C PRO B 72 -36.35 -0.32 25.25
N ALA B 73 -35.56 0.20 24.31
CA ALA B 73 -35.86 1.45 23.62
C ALA B 73 -36.66 1.22 22.35
N TYR B 74 -37.43 0.14 22.28
CA TYR B 74 -38.19 -0.18 21.08
C TYR B 74 -39.46 0.65 21.02
N LYS B 75 -39.55 1.53 20.03
CA LYS B 75 -40.76 2.34 19.81
C LYS B 75 -41.79 1.47 19.11
N PHE B 76 -42.70 0.88 19.90
CA PHE B 76 -43.60 -0.14 19.37
C PHE B 76 -44.51 0.41 18.28
N LYS B 77 -45.19 1.52 18.56
CA LYS B 77 -46.17 2.05 17.63
C LYS B 77 -45.53 2.54 16.34
N GLU B 78 -44.26 2.93 16.37
CA GLU B 78 -43.57 3.43 15.19
C GLU B 78 -42.84 2.34 14.43
N TYR B 79 -42.55 1.22 15.07
CA TYR B 79 -41.70 0.18 14.49
C TYR B 79 -42.42 -1.11 14.12
N VAL B 80 -43.58 -1.40 14.72
CA VAL B 80 -44.12 -2.76 14.65
C VAL B 80 -44.58 -3.10 13.23
N LEU B 81 -45.25 -2.17 12.55
CA LEU B 81 -45.75 -2.45 11.20
C LEU B 81 -44.60 -2.68 10.22
N GLY B 82 -43.59 -1.81 10.26
CA GLY B 82 -42.43 -2.00 9.40
C GLY B 82 -41.69 -3.29 9.70
N ASP B 83 -41.54 -3.62 10.98
CA ASP B 83 -40.86 -4.85 11.34
C ASP B 83 -41.65 -6.07 10.87
N LEU B 84 -42.97 -6.05 11.02
CA LEU B 84 -43.79 -7.19 10.58
C LEU B 84 -43.71 -7.37 9.07
N VAL B 85 -43.88 -6.28 8.32
CA VAL B 85 -43.83 -6.38 6.86
C VAL B 85 -42.45 -6.82 6.40
N SER B 86 -41.40 -6.24 6.97
CA SER B 86 -40.05 -6.60 6.59
C SER B 86 -39.74 -8.05 6.94
N GLY B 87 -40.21 -8.52 8.09
CA GLY B 87 -39.98 -9.90 8.46
C GLY B 87 -40.66 -10.88 7.53
N ILE B 88 -41.91 -10.59 7.14
CA ILE B 88 -42.61 -11.48 6.21
C ILE B 88 -41.88 -11.50 4.86
N SER B 89 -41.54 -10.32 4.34
CA SER B 89 -40.88 -10.23 3.04
C SER B 89 -39.49 -10.86 3.09
N THR B 90 -38.84 -10.83 4.25
CA THR B 90 -37.53 -11.46 4.39
C THR B 90 -37.64 -12.97 4.46
N GLY B 91 -38.63 -13.49 5.20
CA GLY B 91 -38.76 -14.94 5.33
C GLY B 91 -39.16 -15.62 4.03
N VAL B 92 -40.06 -14.99 3.28
CA VAL B 92 -40.51 -15.61 2.03
C VAL B 92 -39.36 -15.78 1.06
N LEU B 93 -38.33 -14.94 1.16
CA LEU B 93 -37.13 -15.09 0.36
C LEU B 93 -36.07 -15.93 1.06
N GLN B 94 -36.08 -15.96 2.39
CA GLN B 94 -35.09 -16.71 3.14
C GLN B 94 -35.28 -18.21 2.98
N LEU B 95 -36.51 -18.68 2.81
CA LEU B 95 -36.73 -20.11 2.63
C LEU B 95 -36.07 -20.63 1.34
N PRO B 96 -36.44 -20.15 0.14
CA PRO B 96 -35.77 -20.69 -1.06
C PRO B 96 -34.29 -20.41 -1.10
N GLN B 97 -33.85 -19.25 -0.59
CA GLN B 97 -32.42 -18.98 -0.55
C GLN B 97 -31.70 -19.98 0.35
N GLY B 98 -32.30 -20.31 1.49
CA GLY B 98 -31.71 -21.32 2.36
C GLY B 98 -31.59 -22.67 1.67
N LEU B 99 -32.65 -23.10 1.00
CA LEU B 99 -32.60 -24.39 0.28
C LEU B 99 -31.53 -24.37 -0.81
N ALA B 100 -31.49 -23.29 -1.59
CA ALA B 100 -30.55 -23.21 -2.70
C ALA B 100 -29.11 -23.20 -2.21
N PHE B 101 -28.82 -22.43 -1.16
CA PHE B 101 -27.46 -22.37 -0.65
C PHE B 101 -27.06 -23.62 0.12
N ALA B 102 -28.04 -24.37 0.64
CA ALA B 102 -27.73 -25.70 1.15
C ALA B 102 -27.34 -26.63 0.00
N MET B 103 -28.03 -26.51 -1.14
CA MET B 103 -27.64 -27.28 -2.31
C MET B 103 -26.22 -26.92 -2.76
N LEU B 104 -25.87 -25.63 -2.68
CA LEU B 104 -24.52 -25.21 -3.04
C LEU B 104 -23.46 -25.79 -2.13
N ALA B 105 -23.80 -26.10 -0.89
CA ALA B 105 -22.83 -26.54 0.11
C ALA B 105 -22.67 -28.05 0.16
N ALA B 106 -23.28 -28.78 -0.77
CA ALA B 106 -23.20 -30.24 -0.83
C ALA B 106 -23.73 -30.88 0.45
N VAL B 107 -24.79 -30.31 0.98
CA VAL B 107 -25.47 -30.84 2.16
C VAL B 107 -26.96 -30.90 1.87
N PRO B 108 -27.74 -31.72 2.58
CA PRO B 108 -29.18 -31.74 2.35
C PRO B 108 -29.80 -30.39 2.64
N PRO B 109 -30.90 -30.05 1.97
CA PRO B 109 -31.47 -28.69 2.11
C PRO B 109 -31.96 -28.36 3.51
N ILE B 110 -32.34 -29.37 4.29
CA ILE B 110 -32.83 -29.12 5.64
C ILE B 110 -31.74 -28.49 6.49
N PHE B 111 -30.48 -28.74 6.14
CA PHE B 111 -29.39 -28.12 6.88
C PHE B 111 -29.26 -26.64 6.54
N GLY B 112 -29.61 -26.26 5.31
CA GLY B 112 -29.74 -24.85 5.00
C GLY B 112 -30.90 -24.21 5.75
N LEU B 113 -32.00 -24.94 5.89
CA LEU B 113 -33.10 -24.44 6.71
C LEU B 113 -32.66 -24.24 8.16
N TYR B 114 -31.87 -25.18 8.70
CA TYR B 114 -31.32 -25.00 10.04
C TYR B 114 -30.41 -23.78 10.11
N SER B 115 -29.55 -23.60 9.11
CA SER B 115 -28.66 -22.45 9.07
C SER B 115 -29.41 -21.14 8.90
N SER B 116 -30.66 -21.18 8.48
CA SER B 116 -31.47 -19.97 8.36
C SER B 116 -32.23 -19.63 9.64
N PHE B 117 -32.11 -20.44 10.70
CA PHE B 117 -32.91 -20.23 11.89
C PHE B 117 -32.09 -19.87 13.12
N TYR B 118 -31.15 -20.71 13.54
CA TYR B 118 -30.40 -20.41 14.77
C TYR B 118 -29.52 -19.17 14.62
N PRO B 119 -28.70 -19.03 13.57
CA PRO B 119 -27.81 -17.86 13.51
C PRO B 119 -28.53 -16.54 13.50
N VAL B 120 -29.71 -16.46 12.89
CA VAL B 120 -30.46 -15.20 12.86
C VAL B 120 -30.92 -14.83 14.26
N ILE B 121 -31.42 -15.82 15.01
CA ILE B 121 -31.84 -15.57 16.39
C ILE B 121 -30.66 -15.10 17.23
N MET B 122 -29.51 -15.76 17.10
CA MET B 122 -28.35 -15.36 17.90
C MET B 122 -27.82 -13.99 17.47
N TYR B 123 -27.90 -13.66 16.18
CA TYR B 123 -27.44 -12.35 15.74
C TYR B 123 -28.39 -11.25 16.19
N CYS B 124 -29.67 -11.55 16.34
CA CYS B 124 -30.57 -10.57 16.93
C CYS B 124 -30.13 -10.15 18.32
N PHE B 125 -29.49 -11.06 19.07
CA PHE B 125 -28.98 -10.76 20.41
C PHE B 125 -27.59 -10.11 20.35
N LEU B 126 -26.71 -10.64 19.51
CA LEU B 126 -25.31 -10.25 19.52
C LEU B 126 -24.93 -9.27 18.41
N GLY B 127 -25.86 -8.87 17.56
CA GLY B 127 -25.52 -8.06 16.41
C GLY B 127 -25.78 -6.58 16.61
N THR B 128 -24.93 -5.77 15.98
CA THR B 128 -25.06 -4.32 16.01
C THR B 128 -25.88 -3.76 14.86
N SER B 129 -25.71 -4.26 13.65
CA SER B 129 -26.53 -3.82 12.53
C SER B 129 -27.97 -4.25 12.72
N ARG B 130 -28.90 -3.40 12.27
CA ARG B 130 -30.32 -3.67 12.41
C ARG B 130 -31.03 -3.76 11.06
N HIS B 131 -30.28 -3.99 9.98
CA HIS B 131 -30.90 -4.11 8.66
C HIS B 131 -30.40 -5.26 7.83
N ILE B 132 -29.31 -5.93 8.20
CA ILE B 132 -28.77 -7.00 7.38
C ILE B 132 -29.49 -8.30 7.69
N SER B 133 -29.60 -9.17 6.68
CA SER B 133 -30.25 -10.47 6.81
C SER B 133 -29.17 -11.53 6.97
N ILE B 134 -29.02 -12.03 8.19
CA ILE B 134 -28.05 -13.09 8.47
C ILE B 134 -28.59 -14.40 7.91
N GLY B 135 -27.73 -15.16 7.23
CA GLY B 135 -28.12 -16.43 6.68
C GLY B 135 -27.05 -17.01 5.79
N PRO B 136 -27.36 -18.11 5.12
CA PRO B 136 -26.40 -18.69 4.18
C PRO B 136 -26.07 -17.73 3.06
N PHE B 137 -24.81 -17.74 2.64
CA PHE B 137 -24.34 -16.94 1.51
C PHE B 137 -23.79 -17.86 0.44
N ALA B 138 -24.00 -17.50 -0.82
CA ALA B 138 -23.66 -18.39 -1.92
C ALA B 138 -22.17 -18.69 -1.97
N VAL B 139 -21.33 -17.67 -1.75
CA VAL B 139 -19.89 -17.88 -1.83
C VAL B 139 -19.40 -18.71 -0.66
N ILE B 140 -19.88 -18.42 0.55
CA ILE B 140 -19.50 -19.22 1.72
C ILE B 140 -19.97 -20.66 1.55
N SER B 141 -21.19 -20.83 1.04
CA SER B 141 -21.69 -22.19 0.78
C SER B 141 -20.85 -22.88 -0.28
N LEU B 142 -20.37 -22.14 -1.27
CA LEU B 142 -19.50 -22.74 -2.28
C LEU B 142 -18.19 -23.21 -1.68
N MET B 143 -17.60 -22.41 -0.79
CA MET B 143 -16.37 -22.85 -0.11
C MET B 143 -16.62 -24.08 0.74
N ILE B 144 -17.75 -24.10 1.47
CA ILE B 144 -18.09 -25.25 2.29
C ILE B 144 -18.27 -26.49 1.44
N GLY B 145 -18.98 -26.37 0.33
CA GLY B 145 -19.17 -27.50 -0.56
C GLY B 145 -17.87 -27.98 -1.17
N GLY B 146 -16.99 -27.04 -1.53
CA GLY B 146 -15.69 -27.42 -2.07
C GLY B 146 -14.87 -28.23 -1.08
N VAL B 147 -14.78 -27.76 0.17
CA VAL B 147 -14.00 -28.50 1.16
C VAL B 147 -14.67 -29.83 1.48
N ALA B 148 -16.00 -29.86 1.51
CA ALA B 148 -16.71 -31.10 1.83
C ALA B 148 -16.51 -32.16 0.75
N VAL B 149 -16.56 -31.76 -0.52
CA VAL B 149 -16.34 -32.73 -1.58
C VAL B 149 -14.86 -33.07 -1.75
N ARG B 150 -13.95 -32.17 -1.36
CA ARG B 150 -12.54 -32.54 -1.34
C ARG B 150 -12.28 -33.61 -0.28
N LEU B 151 -12.84 -33.44 0.91
CA LEU B 151 -12.63 -34.41 1.97
C LEU B 151 -13.46 -35.67 1.74
N VAL B 152 -14.65 -35.54 1.18
CA VAL B 152 -15.54 -36.68 0.94
C VAL B 152 -15.90 -36.67 -0.54
N PRO B 153 -15.09 -37.25 -1.41
CA PRO B 153 -15.36 -37.21 -2.85
C PRO B 153 -16.54 -38.09 -3.22
N ASP B 154 -17.04 -37.87 -4.44
CA ASP B 154 -18.15 -38.66 -4.96
C ASP B 154 -17.80 -40.13 -5.12
N ASP B 155 -16.52 -40.46 -5.30
CA ASP B 155 -16.07 -41.83 -5.49
C ASP B 155 -15.44 -42.39 -4.23
N ILE B 156 -15.97 -42.02 -3.06
CA ILE B 156 -15.43 -42.51 -1.80
C ILE B 156 -16.04 -43.89 -1.50
N VAL B 157 -15.28 -44.71 -0.78
CA VAL B 157 -15.70 -46.06 -0.40
C VAL B 157 -16.20 -46.01 1.03
N ILE B 158 -17.47 -46.34 1.23
CA ILE B 158 -18.08 -46.31 2.56
C ILE B 158 -18.63 -47.70 2.89
N PRO B 159 -18.02 -48.42 3.83
CA PRO B 159 -18.57 -49.73 4.25
C PRO B 159 -19.71 -49.58 5.24
N GLY B 160 -20.82 -49.02 4.75
CA GLY B 160 -21.99 -48.73 5.57
C GLY B 160 -23.00 -49.85 5.66
N GLY B 161 -22.67 -51.05 5.20
CA GLY B 161 -23.60 -52.16 5.25
C GLY B 161 -24.82 -51.98 4.37
N VAL B 162 -24.63 -51.51 3.13
CA VAL B 162 -25.72 -51.30 2.19
C VAL B 162 -25.42 -52.10 0.92
N ASN B 163 -26.44 -52.26 0.10
CA ASN B 163 -26.33 -53.00 -1.14
C ASN B 163 -25.66 -52.12 -2.20
N ALA B 164 -25.60 -52.62 -3.45
CA ALA B 164 -24.98 -51.85 -4.52
C ALA B 164 -25.77 -50.58 -4.82
N THR B 165 -27.06 -50.57 -4.53
CA THR B 165 -27.90 -49.39 -4.76
C THR B 165 -27.79 -48.44 -3.57
N ASN B 166 -26.63 -47.80 -3.48
CA ASN B 166 -26.37 -46.85 -2.40
C ASN B 166 -27.16 -45.57 -2.63
N GLY B 167 -27.84 -45.11 -1.59
CA GLY B 167 -28.62 -43.89 -1.64
C GLY B 167 -27.86 -42.63 -1.28
N THR B 168 -26.55 -42.73 -1.09
CA THR B 168 -25.67 -41.60 -0.77
C THR B 168 -26.08 -40.89 0.52
N GLU B 169 -26.70 -41.61 1.46
CA GLU B 169 -26.96 -41.01 2.77
C GLU B 169 -25.70 -40.92 3.61
N ALA B 170 -24.84 -41.94 3.54
CA ALA B 170 -23.59 -41.92 4.30
C ALA B 170 -22.66 -40.82 3.78
N ARG B 171 -22.60 -40.66 2.46
CA ARG B 171 -21.78 -39.59 1.90
C ARG B 171 -22.31 -38.22 2.33
N ASP B 172 -23.63 -38.05 2.35
CA ASP B 172 -24.22 -36.81 2.80
C ASP B 172 -23.92 -36.56 4.27
N ALA B 173 -23.97 -37.60 5.10
CA ALA B 173 -23.66 -37.44 6.52
C ALA B 173 -22.21 -37.06 6.73
N LEU B 174 -21.29 -37.69 5.97
CA LEU B 174 -19.88 -37.33 6.09
C LEU B 174 -19.63 -35.90 5.65
N ARG B 175 -20.29 -35.47 4.57
CA ARG B 175 -20.16 -34.09 4.12
C ARG B 175 -20.73 -33.12 5.15
N VAL B 176 -21.82 -33.50 5.82
CA VAL B 176 -22.39 -32.67 6.88
C VAL B 176 -21.40 -32.56 8.04
N LYS B 177 -20.74 -33.66 8.39
CA LYS B 177 -19.73 -33.62 9.45
C LYS B 177 -18.59 -32.68 9.08
N VAL B 178 -18.11 -32.76 7.83
CA VAL B 178 -17.04 -31.86 7.39
C VAL B 178 -17.50 -30.42 7.45
N ALA B 179 -18.74 -30.16 7.02
CA ALA B 179 -19.27 -28.80 7.04
C ALA B 179 -19.36 -28.26 8.47
N MET B 180 -19.83 -29.08 9.40
CA MET B 180 -19.90 -28.63 10.79
C MET B 180 -18.52 -28.36 11.36
N SER B 181 -17.54 -29.22 11.05
CA SER B 181 -16.18 -28.98 11.56
C SER B 181 -15.61 -27.68 11.04
N VAL B 182 -15.73 -27.45 9.73
CA VAL B 182 -15.18 -26.23 9.16
C VAL B 182 -15.94 -25.00 9.66
N THR B 183 -17.26 -25.13 9.88
CA THR B 183 -18.04 -24.03 10.42
C THR B 183 -17.60 -23.69 11.85
N LEU B 184 -17.40 -24.71 12.68
CA LEU B 184 -16.95 -24.46 14.05
C LEU B 184 -15.59 -23.80 14.07
N LEU B 185 -14.67 -24.27 13.22
CA LEU B 185 -13.34 -23.67 13.21
C LEU B 185 -13.39 -22.22 12.71
N SER B 186 -14.19 -21.95 11.68
CA SER B 186 -14.32 -20.59 11.19
C SER B 186 -14.93 -19.68 12.24
N GLY B 187 -15.93 -20.18 12.97
CA GLY B 187 -16.52 -19.39 14.04
C GLY B 187 -15.54 -19.10 15.16
N ILE B 188 -14.72 -20.08 15.52
CA ILE B 188 -13.70 -19.86 16.54
C ILE B 188 -12.71 -18.80 16.07
N ILE B 189 -12.29 -18.89 14.81
CA ILE B 189 -11.34 -17.90 14.28
C ILE B 189 -11.96 -16.50 14.29
N GLN B 190 -13.24 -16.41 13.87
CA GLN B 190 -13.90 -15.10 13.86
C GLN B 190 -14.04 -14.52 15.25
N PHE B 191 -14.42 -15.35 16.23
CA PHE B 191 -14.54 -14.87 17.59
C PHE B 191 -13.19 -14.40 18.14
N CYS B 192 -12.12 -15.16 17.86
CA CYS B 192 -10.80 -14.77 18.31
C CYS B 192 -10.35 -13.46 17.67
N LEU B 193 -10.66 -13.29 16.38
CA LEU B 193 -10.33 -12.03 15.71
C LEU B 193 -11.11 -10.87 16.31
N GLY B 194 -12.39 -11.09 16.61
CA GLY B 194 -13.19 -10.02 17.20
C GLY B 194 -12.71 -9.62 18.58
N VAL B 195 -12.29 -10.60 19.38
CA VAL B 195 -11.74 -10.30 20.70
C VAL B 195 -10.43 -9.52 20.56
N CYS B 196 -9.60 -9.91 19.60
CA CYS B 196 -8.30 -9.27 19.38
C CYS B 196 -8.40 -7.94 18.64
N ARG B 197 -9.60 -7.35 18.55
CA ARG B 197 -9.81 -6.04 17.94
C ARG B 197 -9.36 -6.01 16.47
N PHE B 198 -9.65 -7.09 15.74
CA PHE B 198 -9.32 -7.11 14.32
C PHE B 198 -10.29 -6.27 13.49
N GLY B 199 -11.52 -6.10 13.97
CA GLY B 199 -12.54 -5.38 13.24
C GLY B 199 -12.17 -3.95 12.88
N PHE B 200 -11.10 -3.41 13.48
CA PHE B 200 -10.62 -2.10 13.08
C PHE B 200 -10.28 -2.04 11.59
N VAL B 201 -9.89 -3.18 11.01
CA VAL B 201 -9.56 -3.21 9.59
C VAL B 201 -10.78 -2.85 8.73
N ALA B 202 -11.98 -2.90 9.31
CA ALA B 202 -13.17 -2.46 8.58
C ALA B 202 -13.09 -0.99 8.18
N ILE B 203 -12.20 -0.21 8.80
CA ILE B 203 -12.02 1.17 8.39
C ILE B 203 -11.39 1.28 7.01
N TYR B 204 -10.77 0.21 6.52
CA TYR B 204 -10.10 0.23 5.24
C TYR B 204 -11.01 -0.14 4.08
N LEU B 205 -12.29 -0.40 4.36
CA LEU B 205 -13.26 -0.74 3.33
C LEU B 205 -14.07 0.52 3.00
N THR B 206 -13.55 1.29 2.03
CA THR B 206 -14.24 2.51 1.64
C THR B 206 -15.50 2.18 0.85
N GLU B 207 -16.34 3.20 0.65
CA GLU B 207 -17.63 2.98 0.00
C GLU B 207 -17.53 2.43 -1.42
N PRO B 208 -16.70 2.99 -2.31
CA PRO B 208 -16.56 2.36 -3.64
C PRO B 208 -16.02 0.95 -3.57
N LEU B 209 -15.08 0.69 -2.66
CA LEU B 209 -14.57 -0.66 -2.50
C LEU B 209 -15.67 -1.61 -2.05
N VAL B 210 -16.47 -1.18 -1.06
CA VAL B 210 -17.55 -2.02 -0.57
C VAL B 210 -18.56 -2.31 -1.67
N ARG B 211 -18.92 -1.28 -2.45
CA ARG B 211 -19.96 -1.47 -3.46
C ARG B 211 -19.46 -2.32 -4.62
N GLY B 212 -18.22 -2.12 -5.06
CA GLY B 212 -17.66 -2.99 -6.09
C GLY B 212 -17.52 -4.43 -5.62
N PHE B 213 -17.09 -4.62 -4.37
CA PHE B 213 -16.97 -5.95 -3.80
C PHE B 213 -18.32 -6.64 -3.75
N THR B 214 -19.36 -5.92 -3.32
CA THR B 214 -20.69 -6.52 -3.23
C THR B 214 -21.26 -6.83 -4.61
N THR B 215 -21.01 -5.97 -5.59
CA THR B 215 -21.47 -6.25 -6.95
C THR B 215 -20.78 -7.48 -7.52
N ALA B 216 -19.47 -7.62 -7.27
CA ALA B 216 -18.75 -8.82 -7.69
C ALA B 216 -19.30 -10.06 -6.99
N ALA B 217 -19.65 -9.93 -5.70
CA ALA B 217 -20.26 -11.05 -4.99
C ALA B 217 -21.60 -11.42 -5.60
N ALA B 218 -22.39 -10.42 -6.01
CA ALA B 218 -23.66 -10.71 -6.67
C ALA B 218 -23.45 -11.43 -7.99
N VAL B 219 -22.41 -11.05 -8.73
CA VAL B 219 -22.10 -11.76 -9.97
C VAL B 219 -21.69 -13.20 -9.67
N HIS B 220 -20.94 -13.40 -8.58
CA HIS B 220 -20.59 -14.76 -8.15
C HIS B 220 -21.85 -15.58 -7.85
N VAL B 221 -22.81 -14.97 -7.14
CA VAL B 221 -24.05 -15.66 -6.80
C VAL B 221 -24.81 -16.02 -8.07
N PHE B 222 -24.86 -15.09 -9.03
CA PHE B 222 -25.54 -15.35 -10.29
C PHE B 222 -24.87 -16.51 -11.04
N THR B 223 -23.54 -16.55 -11.04
CA THR B 223 -22.82 -17.63 -11.71
C THR B 223 -23.09 -18.97 -11.05
N SER B 224 -23.11 -19.02 -9.72
CA SER B 224 -23.30 -20.27 -9.01
C SER B 224 -24.68 -20.87 -9.21
N MET B 225 -25.67 -20.06 -9.61
CA MET B 225 -27.04 -20.52 -9.76
C MET B 225 -27.39 -20.97 -11.17
N LEU B 226 -26.44 -20.94 -12.11
CA LEU B 226 -26.77 -21.22 -13.50
C LEU B 226 -27.02 -22.71 -13.74
N LYS B 227 -26.20 -23.57 -13.12
CA LYS B 227 -26.31 -25.01 -13.37
C LYS B 227 -27.65 -25.56 -12.89
N TYR B 228 -28.17 -25.04 -11.78
CA TYR B 228 -29.47 -25.50 -11.29
C TYR B 228 -30.60 -24.94 -12.13
N LEU B 229 -30.44 -23.73 -12.67
CA LEU B 229 -31.44 -23.20 -13.58
C LEU B 229 -31.52 -24.03 -14.85
N PHE B 230 -30.39 -24.42 -15.41
CA PHE B 230 -30.38 -25.20 -16.64
C PHE B 230 -30.51 -26.70 -16.40
N GLY B 231 -30.30 -27.16 -15.17
CA GLY B 231 -30.41 -28.58 -14.89
C GLY B 231 -29.26 -29.42 -15.38
N VAL B 232 -28.08 -28.83 -15.56
CA VAL B 232 -26.93 -29.54 -16.07
C VAL B 232 -26.02 -29.93 -14.90
N LYS B 233 -25.12 -30.87 -15.15
CA LYS B 233 -24.14 -31.32 -14.18
C LYS B 233 -22.82 -30.62 -14.43
N THR B 234 -22.20 -30.12 -13.36
CA THR B 234 -21.00 -29.30 -13.48
C THR B 234 -20.04 -29.62 -12.35
N LYS B 235 -18.75 -29.66 -12.67
CA LYS B 235 -17.73 -29.80 -11.65
C LYS B 235 -17.73 -28.60 -10.70
N ARG B 236 -17.42 -28.86 -9.43
CA ARG B 236 -17.28 -27.78 -8.47
C ARG B 236 -15.95 -27.07 -8.65
N TYR B 237 -15.99 -25.74 -8.69
CA TYR B 237 -14.80 -24.92 -8.85
C TYR B 237 -14.71 -23.94 -7.69
N SER B 238 -13.51 -23.76 -7.16
CA SER B 238 -13.28 -22.83 -6.06
C SER B 238 -11.84 -22.36 -6.11
N GLY B 239 -11.64 -21.04 -6.13
CA GLY B 239 -10.32 -20.48 -6.20
C GLY B 239 -10.21 -19.35 -7.20
N ILE B 240 -9.03 -19.17 -7.78
CA ILE B 240 -8.83 -18.11 -8.76
C ILE B 240 -9.54 -18.49 -10.06
N PHE B 241 -10.25 -17.51 -10.64
CA PHE B 241 -11.02 -17.70 -11.86
C PHE B 241 -12.09 -18.77 -11.73
N SER B 242 -12.60 -19.00 -10.52
CA SER B 242 -13.64 -20.00 -10.33
C SER B 242 -14.92 -19.61 -11.05
N VAL B 243 -15.24 -18.32 -11.09
CA VAL B 243 -16.43 -17.85 -11.79
C VAL B 243 -16.31 -18.13 -13.28
N VAL B 244 -15.12 -17.88 -13.86
CA VAL B 244 -14.90 -18.11 -15.28
C VAL B 244 -15.00 -19.60 -15.59
N TYR B 245 -14.37 -20.44 -14.76
CA TYR B 245 -14.44 -21.88 -14.98
C TYR B 245 -15.87 -22.39 -14.87
N SER B 246 -16.62 -21.92 -13.87
CA SER B 246 -18.00 -22.36 -13.71
C SER B 246 -18.86 -21.94 -14.90
N THR B 247 -18.72 -20.69 -15.34
CA THR B 247 -19.51 -20.24 -16.49
C THR B 247 -19.14 -21.01 -17.74
N VAL B 248 -17.84 -21.26 -17.96
CA VAL B 248 -17.42 -22.01 -19.14
C VAL B 248 -17.96 -23.43 -19.10
N ALA B 249 -17.92 -24.07 -17.93
CA ALA B 249 -18.44 -25.42 -17.80
C ALA B 249 -19.94 -25.46 -18.06
N VAL B 250 -20.69 -24.48 -17.54
CA VAL B 250 -22.13 -24.44 -17.75
C VAL B 250 -22.44 -24.26 -19.23
N LEU B 251 -21.75 -23.32 -19.89
CA LEU B 251 -22.01 -23.10 -21.31
C LEU B 251 -21.51 -24.25 -22.18
N GLN B 252 -20.56 -25.04 -21.68
CA GLN B 252 -20.11 -26.22 -22.40
C GLN B 252 -21.15 -27.33 -22.30
N ASN B 253 -21.72 -27.53 -21.12
CA ASN B 253 -22.66 -28.62 -20.87
C ASN B 253 -24.10 -28.20 -21.16
N VAL B 254 -24.32 -26.96 -21.61
CA VAL B 254 -25.66 -26.47 -21.89
C VAL B 254 -26.34 -27.28 -22.99
N LYS B 255 -25.58 -27.98 -23.82
CA LYS B 255 -26.22 -28.82 -24.83
C LYS B 255 -26.98 -29.99 -24.19
N ASN B 256 -26.63 -30.36 -22.95
CA ASN B 256 -27.35 -31.40 -22.23
C ASN B 256 -28.36 -30.83 -21.25
N LEU B 257 -28.98 -29.70 -21.58
CA LEU B 257 -29.86 -29.02 -20.64
C LEU B 257 -31.15 -29.80 -20.47
N ASN B 258 -31.80 -29.56 -19.33
CA ASN B 258 -33.13 -30.09 -19.07
C ASN B 258 -34.14 -29.04 -19.52
N VAL B 259 -34.87 -29.34 -20.59
CA VAL B 259 -35.79 -28.36 -21.17
C VAL B 259 -36.91 -28.05 -20.19
N CYS B 260 -37.41 -29.06 -19.47
CA CYS B 260 -38.46 -28.82 -18.50
C CYS B 260 -37.98 -27.95 -17.35
N SER B 261 -36.79 -28.23 -16.82
CA SER B 261 -36.24 -27.42 -15.74
C SER B 261 -36.02 -25.98 -16.19
N LEU B 262 -35.44 -25.80 -17.37
CA LEU B 262 -35.23 -24.45 -17.88
C LEU B 262 -36.55 -23.72 -18.10
N GLY B 263 -37.56 -24.43 -18.61
CA GLY B 263 -38.85 -23.80 -18.83
C GLY B 263 -39.50 -23.34 -17.54
N VAL B 264 -39.50 -24.20 -16.52
CA VAL B 264 -40.08 -23.82 -15.24
C VAL B 264 -39.29 -22.67 -14.63
N GLY B 265 -37.96 -22.72 -14.69
CA GLY B 265 -37.16 -21.65 -14.14
C GLY B 265 -37.41 -20.32 -14.82
N LEU B 266 -37.49 -20.33 -16.16
CA LEU B 266 -37.69 -19.09 -16.90
C LEU B 266 -39.09 -18.55 -16.69
N MET B 267 -40.08 -19.44 -16.56
CA MET B 267 -41.45 -19.02 -16.27
C MET B 267 -41.54 -18.35 -14.89
N VAL B 268 -40.91 -18.95 -13.89
CA VAL B 268 -40.87 -18.33 -12.57
C VAL B 268 -40.10 -17.01 -12.63
N PHE B 269 -39.02 -16.98 -13.41
CA PHE B 269 -38.23 -15.76 -13.59
C PHE B 269 -39.08 -14.63 -14.15
N GLY B 270 -39.83 -14.91 -15.21
CA GLY B 270 -40.65 -13.88 -15.83
C GLY B 270 -41.75 -13.39 -14.93
N LEU B 271 -42.48 -14.31 -14.26
CA LEU B 271 -43.50 -13.84 -13.34
C LEU B 271 -42.92 -13.08 -12.15
N LEU B 272 -41.75 -13.52 -11.65
CA LEU B 272 -41.15 -12.80 -10.54
C LEU B 272 -40.73 -11.40 -10.94
N LEU B 273 -40.15 -11.23 -12.13
CA LEU B 273 -39.77 -9.91 -12.58
C LEU B 273 -41.00 -9.03 -12.81
N GLY B 274 -42.05 -9.59 -13.41
CA GLY B 274 -43.28 -8.82 -13.58
C GLY B 274 -43.88 -8.39 -12.26
N GLY B 275 -43.92 -9.29 -11.28
CA GLY B 275 -44.45 -8.94 -9.98
C GLY B 275 -43.60 -7.90 -9.26
N LYS B 276 -42.28 -8.01 -9.39
CA LYS B 276 -41.39 -7.02 -8.76
C LYS B 276 -41.59 -5.64 -9.38
N GLU B 277 -41.72 -5.57 -10.72
CA GLU B 277 -41.99 -4.30 -11.36
C GLU B 277 -43.35 -3.75 -10.92
N PHE B 278 -44.34 -4.62 -10.79
CA PHE B 278 -45.66 -4.20 -10.30
C PHE B 278 -45.56 -3.62 -8.90
N ASN B 279 -44.79 -4.28 -8.02
CA ASN B 279 -44.63 -3.80 -6.65
C ASN B 279 -43.91 -2.46 -6.62
N GLU B 280 -42.87 -2.29 -7.43
CA GLU B 280 -42.08 -1.06 -7.41
C GLU B 280 -42.88 0.11 -7.97
N ARG B 281 -43.59 -0.11 -9.08
CA ARG B 281 -44.31 0.98 -9.72
C ARG B 281 -45.50 1.44 -8.88
N PHE B 282 -46.23 0.49 -8.29
CA PHE B 282 -47.39 0.77 -7.45
C PHE B 282 -47.04 0.73 -5.97
N LYS B 283 -45.83 1.17 -5.61
CA LYS B 283 -45.43 1.18 -4.20
C LYS B 283 -46.31 2.10 -3.37
N GLU B 284 -46.66 3.28 -3.92
CA GLU B 284 -47.48 4.24 -3.19
C GLU B 284 -48.91 3.77 -3.01
N LYS B 285 -49.41 2.91 -3.89
CA LYS B 285 -50.79 2.46 -3.85
C LYS B 285 -50.96 1.11 -3.15
N LEU B 286 -49.89 0.55 -2.60
CA LEU B 286 -49.94 -0.73 -1.91
C LEU B 286 -49.58 -0.53 -0.44
N PRO B 287 -50.41 -1.00 0.50
CA PRO B 287 -50.05 -0.88 1.92
C PRO B 287 -48.76 -1.60 2.27
N ALA B 288 -48.49 -2.73 1.61
CA ALA B 288 -47.27 -3.49 1.81
C ALA B 288 -46.96 -4.23 0.52
N PRO B 289 -45.70 -4.34 0.14
CA PRO B 289 -45.35 -5.06 -1.09
C PRO B 289 -45.80 -6.51 -1.01
N ILE B 290 -46.29 -7.04 -2.12
CA ILE B 290 -46.78 -8.41 -2.15
C ILE B 290 -45.60 -9.37 -2.02
N PRO B 291 -45.64 -10.33 -1.09
CA PRO B 291 -44.56 -11.32 -1.02
C PRO B 291 -44.63 -12.27 -2.19
N LEU B 292 -43.73 -12.08 -3.16
CA LEU B 292 -43.78 -12.81 -4.42
C LEU B 292 -43.01 -14.11 -4.39
N GLU B 293 -41.98 -14.21 -3.55
CA GLU B 293 -41.22 -15.46 -3.48
C GLU B 293 -42.07 -16.58 -2.95
N PHE B 294 -42.96 -16.30 -2.00
CA PHE B 294 -43.86 -17.33 -1.49
C PHE B 294 -44.80 -17.82 -2.57
N PHE B 295 -45.35 -16.89 -3.37
CA PHE B 295 -46.20 -17.29 -4.47
C PHE B 295 -45.44 -18.12 -5.50
N ALA B 296 -44.20 -17.72 -5.80
CA ALA B 296 -43.40 -18.47 -6.76
C ALA B 296 -43.12 -19.88 -6.25
N VAL B 297 -42.77 -20.02 -4.97
CA VAL B 297 -42.51 -21.33 -4.40
C VAL B 297 -43.77 -22.20 -4.43
N VAL B 298 -44.90 -21.65 -4.01
CA VAL B 298 -46.14 -22.43 -3.98
C VAL B 298 -46.53 -22.85 -5.38
N MET B 299 -46.46 -21.93 -6.34
CA MET B 299 -46.85 -22.21 -7.72
C MET B 299 -45.91 -23.23 -8.36
N GLY B 300 -44.60 -23.09 -8.16
CA GLY B 300 -43.67 -24.05 -8.72
C GLY B 300 -43.83 -25.44 -8.13
N THR B 301 -44.01 -25.51 -6.82
CA THR B 301 -44.22 -26.82 -6.19
C THR B 301 -45.53 -27.44 -6.66
N GLY B 302 -46.58 -26.64 -6.82
CA GLY B 302 -47.84 -27.17 -7.30
C GLY B 302 -47.75 -27.69 -8.72
N ILE B 303 -47.04 -26.96 -9.60
CA ILE B 303 -46.89 -27.43 -10.97
C ILE B 303 -46.03 -28.69 -11.01
N SER B 304 -44.96 -28.73 -10.21
CA SER B 304 -44.09 -29.90 -10.20
C SER B 304 -44.83 -31.13 -9.67
N ALA B 305 -45.66 -30.96 -8.65
CA ALA B 305 -46.37 -32.10 -8.07
C ALA B 305 -47.52 -32.54 -8.96
N GLY B 306 -48.25 -31.59 -9.56
CA GLY B 306 -49.37 -31.97 -10.40
C GLY B 306 -48.97 -32.70 -11.65
N PHE B 307 -47.91 -32.23 -12.31
CA PHE B 307 -47.43 -32.86 -13.54
C PHE B 307 -46.34 -33.90 -13.28
N ASN B 308 -45.91 -34.06 -12.03
CA ASN B 308 -44.95 -35.08 -11.62
C ASN B 308 -43.66 -35.01 -12.45
N LEU B 309 -43.05 -33.82 -12.39
CA LEU B 309 -41.85 -33.55 -13.18
C LEU B 309 -40.62 -34.26 -12.65
N LYS B 310 -40.66 -34.83 -11.45
CA LYS B 310 -39.45 -35.39 -10.86
C LYS B 310 -38.91 -36.56 -11.66
N GLU B 311 -39.78 -37.47 -12.11
CA GLU B 311 -39.34 -38.63 -12.85
C GLU B 311 -39.90 -38.71 -14.27
N SER B 312 -41.05 -38.09 -14.53
CA SER B 312 -41.56 -38.03 -15.89
C SER B 312 -40.63 -37.23 -16.79
N TYR B 313 -40.07 -36.15 -16.26
CA TYR B 313 -39.16 -35.29 -17.01
C TYR B 313 -37.78 -35.19 -16.38
N ASN B 314 -37.52 -35.98 -15.35
CA ASN B 314 -36.21 -36.03 -14.69
C ASN B 314 -35.77 -34.66 -14.20
N VAL B 315 -36.73 -33.90 -13.67
CA VAL B 315 -36.46 -32.57 -13.14
C VAL B 315 -35.95 -32.71 -11.72
N ASP B 316 -34.79 -32.12 -11.45
CA ASP B 316 -34.25 -32.12 -10.10
C ASP B 316 -35.15 -31.34 -9.16
N VAL B 317 -35.44 -31.92 -8.00
CA VAL B 317 -36.30 -31.28 -7.02
C VAL B 317 -35.51 -31.09 -5.73
N VAL B 318 -36.11 -30.42 -4.75
CA VAL B 318 -35.44 -30.18 -3.48
C VAL B 318 -35.15 -31.50 -2.79
N GLY B 319 -36.11 -32.41 -2.76
CA GLY B 319 -35.97 -33.66 -2.07
C GLY B 319 -36.67 -33.66 -0.74
N THR B 320 -36.49 -34.76 -0.01
CA THR B 320 -37.14 -34.91 1.29
C THR B 320 -36.60 -33.90 2.29
N LEU B 321 -37.50 -33.36 3.11
CA LEU B 321 -37.15 -32.43 4.18
C LEU B 321 -37.63 -33.00 5.50
N PRO B 322 -36.75 -33.59 6.30
CA PRO B 322 -37.17 -34.14 7.60
C PRO B 322 -37.68 -33.04 8.53
N LEU B 323 -38.69 -33.38 9.31
CA LEU B 323 -39.30 -32.43 10.24
C LEU B 323 -38.68 -32.53 11.61
N GLY B 324 -38.68 -31.41 12.32
CA GLY B 324 -38.16 -31.36 13.67
C GLY B 324 -36.72 -30.87 13.71
N LEU B 325 -36.34 -30.33 14.87
CA LEU B 325 -34.99 -29.83 15.08
C LEU B 325 -34.08 -30.95 15.58
N LEU B 326 -32.80 -30.75 15.40
CA LEU B 326 -31.82 -31.76 15.80
C LEU B 326 -31.19 -31.39 17.14
N PRO B 327 -30.86 -32.38 17.98
CA PRO B 327 -30.22 -32.06 19.25
C PRO B 327 -28.78 -31.63 19.01
N PRO B 328 -28.19 -30.88 19.95
CA PRO B 328 -26.79 -30.45 19.77
C PRO B 328 -25.86 -31.65 19.68
N ALA B 329 -24.91 -31.56 18.75
CA ALA B 329 -23.92 -32.61 18.54
C ALA B 329 -22.55 -31.98 18.44
N ASN B 330 -21.58 -32.56 19.13
CA ASN B 330 -20.24 -31.99 19.18
C ASN B 330 -19.53 -32.26 17.86
N PRO B 331 -19.13 -31.23 17.11
CA PRO B 331 -18.37 -31.46 15.89
C PRO B 331 -17.02 -32.10 16.18
N ASP B 332 -16.56 -32.92 15.24
CA ASP B 332 -15.29 -33.62 15.41
C ASP B 332 -14.14 -32.66 15.12
N THR B 333 -13.35 -32.36 16.15
CA THR B 333 -12.17 -31.53 15.98
C THR B 333 -11.09 -32.23 15.16
N SER B 334 -11.21 -33.55 14.99
CA SER B 334 -10.17 -34.32 14.31
C SER B 334 -9.99 -33.92 12.86
N LEU B 335 -10.94 -33.20 12.27
CA LEU B 335 -10.82 -32.75 10.89
C LEU B 335 -10.21 -31.36 10.77
N PHE B 336 -9.89 -30.70 11.88
CA PHE B 336 -9.43 -29.32 11.84
C PHE B 336 -8.16 -29.19 10.99
N HIS B 337 -7.20 -30.07 11.22
CA HIS B 337 -5.94 -30.01 10.48
C HIS B 337 -6.14 -30.20 8.98
N LEU B 338 -7.28 -30.76 8.57
CA LEU B 338 -7.57 -30.94 7.16
C LEU B 338 -8.32 -29.76 6.55
N VAL B 339 -8.92 -28.91 7.38
CA VAL B 339 -9.80 -27.85 6.89
C VAL B 339 -9.35 -26.46 7.32
N TYR B 340 -8.31 -26.34 8.14
CA TYR B 340 -8.04 -25.07 8.82
C TYR B 340 -7.81 -23.94 7.82
N VAL B 341 -7.03 -24.21 6.76
CA VAL B 341 -6.80 -23.18 5.74
C VAL B 341 -8.13 -22.68 5.20
N ASP B 342 -9.01 -23.61 4.80
CA ASP B 342 -10.32 -23.23 4.33
C ASP B 342 -11.09 -22.47 5.41
N ALA B 343 -11.01 -22.95 6.65
CA ALA B 343 -11.71 -22.29 7.75
C ALA B 343 -11.21 -20.86 7.94
N ILE B 344 -9.97 -20.58 7.52
CA ILE B 344 -9.49 -19.21 7.58
C ILE B 344 -10.22 -18.36 6.55
N ALA B 345 -10.30 -18.84 5.31
CA ALA B 345 -10.90 -18.04 4.25
C ALA B 345 -12.37 -17.77 4.54
N ILE B 346 -13.11 -18.80 4.94
CA ILE B 346 -14.51 -18.63 5.32
C ILE B 346 -14.61 -17.64 6.48
N ALA B 347 -13.63 -17.62 7.38
CA ALA B 347 -13.65 -16.67 8.47
C ALA B 347 -13.50 -15.25 7.97
N ILE B 348 -12.70 -15.03 6.93
CA ILE B 348 -12.48 -13.69 6.43
C ILE B 348 -13.64 -13.25 5.55
N VAL B 349 -13.94 -14.03 4.51
CA VAL B 349 -14.99 -13.66 3.56
C VAL B 349 -16.31 -13.45 4.29
N GLY B 350 -16.65 -14.37 5.20
CA GLY B 350 -17.88 -14.24 5.95
C GLY B 350 -17.94 -12.93 6.71
N PHE B 351 -16.82 -12.51 7.28
CA PHE B 351 -16.76 -11.18 7.91
C PHE B 351 -16.84 -10.09 6.85
N SER B 352 -16.08 -10.25 5.76
CA SER B 352 -15.97 -9.19 4.76
C SER B 352 -17.31 -8.87 4.14
N VAL B 353 -18.11 -9.90 3.84
CA VAL B 353 -19.44 -9.67 3.30
C VAL B 353 -20.33 -9.03 4.35
N THR B 354 -20.19 -9.45 5.61
CA THR B 354 -21.11 -8.97 6.64
C THR B 354 -20.83 -7.52 7.01
N ILE B 355 -19.54 -7.18 7.20
CA ILE B 355 -19.22 -5.82 7.63
C ILE B 355 -19.37 -4.84 6.48
N SER B 356 -19.21 -5.28 5.24
CA SER B 356 -19.42 -4.40 4.10
C SER B 356 -20.89 -3.99 4.01
N MET B 357 -21.77 -4.97 3.85
CA MET B 357 -23.19 -4.66 3.64
C MET B 357 -23.76 -3.88 4.81
N ALA B 358 -23.42 -4.27 6.04
CA ALA B 358 -23.85 -3.51 7.21
C ALA B 358 -23.49 -2.05 7.05
N LYS B 359 -22.23 -1.77 6.71
CA LYS B 359 -21.81 -0.39 6.49
C LYS B 359 -22.66 0.25 5.41
N THR B 360 -22.87 -0.46 4.30
CA THR B 360 -23.69 0.07 3.22
C THR B 360 -25.07 0.49 3.72
N LEU B 361 -25.62 -0.27 4.66
CA LEU B 361 -26.92 0.10 5.21
C LEU B 361 -26.78 1.12 6.34
N ALA B 362 -25.70 1.04 7.12
CA ALA B 362 -25.54 1.96 8.23
C ALA B 362 -25.44 3.39 7.74
N ASN B 363 -24.58 3.63 6.74
CA ASN B 363 -24.48 4.96 6.13
C ASN B 363 -25.80 5.39 5.52
N LYS B 364 -26.68 4.45 5.17
CA LYS B 364 -27.97 4.82 4.61
C LYS B 364 -28.95 5.30 5.68
N HIS B 365 -28.70 4.97 6.95
CA HIS B 365 -29.63 5.32 8.01
C HIS B 365 -28.99 6.10 9.14
N GLY B 366 -27.77 6.60 8.96
CA GLY B 366 -27.15 7.49 9.94
C GLY B 366 -26.82 6.86 11.28
N TYR B 367 -26.34 5.62 11.28
CA TYR B 367 -25.82 4.99 12.49
C TYR B 367 -24.53 4.27 12.13
N GLN B 368 -23.88 3.71 13.15
CA GLN B 368 -22.58 3.07 12.97
C GLN B 368 -22.60 1.67 13.53
N VAL B 369 -21.79 0.80 12.95
CA VAL B 369 -21.71 -0.61 13.32
C VAL B 369 -20.29 -0.91 13.79
N ASP B 370 -20.18 -1.60 14.91
CA ASP B 370 -18.89 -1.97 15.47
C ASP B 370 -18.38 -3.23 14.77
N GLY B 371 -17.26 -3.10 14.08
CA GLY B 371 -16.70 -4.24 13.38
C GLY B 371 -16.28 -5.36 14.31
N ASN B 372 -15.73 -5.00 15.47
CA ASN B 372 -15.34 -6.01 16.44
C ASN B 372 -16.56 -6.78 16.95
N GLN B 373 -17.65 -6.09 17.24
CA GLN B 373 -18.86 -6.79 17.67
C GLN B 373 -19.46 -7.59 16.54
N GLU B 374 -19.33 -7.14 15.29
CA GLU B 374 -19.77 -7.95 14.17
C GLU B 374 -18.99 -9.24 14.09
N LEU B 375 -17.67 -9.17 14.28
CA LEU B 375 -16.84 -10.38 14.28
C LEU B 375 -17.22 -11.30 15.43
N ILE B 376 -17.46 -10.74 16.62
CA ILE B 376 -17.83 -11.56 17.76
C ILE B 376 -19.17 -12.25 17.52
N ALA B 377 -20.15 -11.50 17.00
CA ALA B 377 -21.46 -12.07 16.72
C ALA B 377 -21.37 -13.17 15.67
N LEU B 378 -20.63 -12.93 14.59
CA LEU B 378 -20.48 -13.96 13.56
C LEU B 378 -19.80 -15.20 14.12
N GLY B 379 -18.74 -15.01 14.90
CA GLY B 379 -18.03 -16.15 15.46
C GLY B 379 -18.89 -16.97 16.39
N LEU B 380 -19.60 -16.31 17.29
CA LEU B 380 -20.48 -17.03 18.21
C LEU B 380 -21.61 -17.72 17.46
N CYS B 381 -22.22 -17.04 16.49
CA CYS B 381 -23.27 -17.66 15.70
C CYS B 381 -22.77 -18.92 15.01
N ASN B 382 -21.63 -18.83 14.32
CA ASN B 382 -21.10 -19.99 13.60
C ASN B 382 -20.74 -21.12 14.56
N SER B 383 -20.01 -20.80 15.64
CA SER B 383 -19.54 -21.85 16.53
C SER B 383 -20.70 -22.55 17.24
N ILE B 384 -21.69 -21.78 17.72
CA ILE B 384 -22.82 -22.40 18.40
C ILE B 384 -23.70 -23.15 17.41
N GLY B 385 -23.91 -22.58 16.22
CA GLY B 385 -24.73 -23.26 15.23
C GLY B 385 -24.14 -24.56 14.75
N SER B 386 -22.81 -24.65 14.68
CA SER B 386 -22.17 -25.90 14.30
C SER B 386 -22.58 -27.05 15.22
N LEU B 387 -22.92 -26.73 16.48
CA LEU B 387 -23.46 -27.74 17.38
C LEU B 387 -24.86 -28.17 16.93
N PHE B 388 -25.61 -27.27 16.31
CA PHE B 388 -26.98 -27.54 15.87
C PHE B 388 -27.05 -27.89 14.39
N GLN B 389 -25.96 -28.44 13.83
CA GLN B 389 -25.88 -28.80 12.41
C GLN B 389 -26.19 -27.61 11.52
N THR B 390 -25.47 -26.52 11.74
CA THR B 390 -25.54 -25.32 10.92
C THR B 390 -24.20 -25.09 10.25
N PHE B 391 -24.22 -24.89 8.93
CA PHE B 391 -22.97 -24.56 8.25
C PHE B 391 -22.76 -23.04 8.24
N SER B 392 -21.56 -22.64 7.84
CA SER B 392 -21.11 -21.26 8.06
C SER B 392 -22.03 -20.26 7.39
N ILE B 393 -22.28 -19.15 8.08
CA ILE B 393 -23.23 -18.14 7.64
C ILE B 393 -22.52 -16.86 7.25
N SER B 394 -23.27 -15.91 6.71
CA SER B 394 -22.79 -14.58 6.39
C SER B 394 -24.01 -13.67 6.31
N CYS B 395 -23.83 -12.50 5.72
CA CYS B 395 -24.95 -11.64 5.36
C CYS B 395 -25.38 -11.93 3.93
N SER B 396 -26.68 -12.15 3.74
CA SER B 396 -27.25 -12.31 2.40
C SER B 396 -27.50 -10.92 1.84
N LEU B 397 -26.76 -10.56 0.79
CA LEU B 397 -26.80 -9.19 0.29
C LEU B 397 -28.17 -8.83 -0.26
N SER B 398 -28.72 -9.67 -1.14
CA SER B 398 -30.03 -9.38 -1.71
C SER B 398 -31.11 -9.40 -0.65
N ARG B 399 -31.05 -10.36 0.27
CA ARG B 399 -32.04 -10.41 1.35
C ARG B 399 -31.86 -9.25 2.32
N SER B 400 -30.62 -8.80 2.55
CA SER B 400 -30.41 -7.60 3.35
C SER B 400 -31.05 -6.38 2.69
N LEU B 401 -30.89 -6.25 1.37
CA LEU B 401 -31.55 -5.16 0.65
C LEU B 401 -33.07 -5.26 0.78
N VAL B 402 -33.60 -6.47 0.67
CA VAL B 402 -35.06 -6.65 0.78
C VAL B 402 -35.53 -6.26 2.17
N GLN B 403 -34.80 -6.68 3.21
CA GLN B 403 -35.19 -6.36 4.58
C GLN B 403 -35.12 -4.87 4.83
N GLU B 404 -34.06 -4.20 4.37
CA GLU B 404 -33.91 -2.77 4.60
C GLU B 404 -34.96 -1.97 3.82
N GLY B 405 -35.19 -2.31 2.57
CA GLY B 405 -36.08 -1.55 1.72
C GLY B 405 -37.56 -1.81 1.89
N THR B 406 -37.93 -2.80 2.71
CA THR B 406 -39.33 -3.11 2.97
C THR B 406 -39.84 -2.44 4.22
N GLY B 407 -39.02 -1.60 4.85
CA GLY B 407 -39.42 -0.91 6.06
C GLY B 407 -38.84 -1.46 7.34
N GLY B 408 -37.82 -2.32 7.25
CA GLY B 408 -37.19 -2.86 8.43
C GLY B 408 -36.55 -1.81 9.32
N LYS B 409 -36.80 -1.90 10.63
CA LYS B 409 -36.24 -0.95 11.59
C LYS B 409 -35.23 -1.60 12.52
N THR B 410 -35.58 -2.71 13.15
CA THR B 410 -34.71 -3.45 14.04
C THR B 410 -34.48 -4.85 13.49
N GLN B 411 -33.85 -5.70 14.30
CA GLN B 411 -33.61 -7.09 13.93
C GLN B 411 -34.76 -8.00 14.30
N LEU B 412 -35.86 -7.45 14.82
CA LEU B 412 -37.05 -8.26 15.06
C LEU B 412 -37.65 -8.79 13.76
N ALA B 413 -37.39 -8.11 12.64
CA ALA B 413 -37.77 -8.66 11.35
C ALA B 413 -37.02 -9.95 11.06
N GLY B 414 -35.74 -10.01 11.42
CA GLY B 414 -35.00 -11.25 11.32
C GLY B 414 -35.60 -12.35 12.19
N CYS B 415 -36.06 -11.99 13.38
CA CYS B 415 -36.70 -12.97 14.25
C CYS B 415 -38.01 -13.48 13.64
N LEU B 416 -38.79 -12.60 13.03
CA LEU B 416 -40.02 -13.06 12.38
C LEU B 416 -39.72 -13.97 11.19
N ALA B 417 -38.70 -13.63 10.40
CA ALA B 417 -38.29 -14.50 9.31
C ALA B 417 -37.83 -15.86 9.84
N SER B 418 -37.08 -15.86 10.94
CA SER B 418 -36.66 -17.12 11.55
C SER B 418 -37.84 -17.92 12.06
N LEU B 419 -38.88 -17.24 12.57
CA LEU B 419 -40.07 -17.96 13.01
C LEU B 419 -40.78 -18.61 11.84
N MET B 420 -40.83 -17.92 10.69
CA MET B 420 -41.39 -18.54 9.50
C MET B 420 -40.57 -19.76 9.06
N ILE B 421 -39.24 -19.64 9.11
CA ILE B 421 -38.37 -20.77 8.77
C ILE B 421 -38.60 -21.92 9.74
N LEU B 422 -38.80 -21.61 11.02
CA LEU B 422 -39.07 -22.64 12.02
C LEU B 422 -40.41 -23.31 11.77
N LEU B 423 -41.40 -22.54 11.33
CA LEU B 423 -42.68 -23.14 10.94
C LEU B 423 -42.48 -24.11 9.79
N VAL B 424 -41.67 -23.74 8.81
CA VAL B 424 -41.38 -24.66 7.71
C VAL B 424 -40.67 -25.92 8.23
N ILE B 425 -39.70 -25.73 9.12
CA ILE B 425 -38.91 -26.85 9.62
C ILE B 425 -39.78 -27.83 10.40
N LEU B 426 -40.65 -27.32 11.27
CA LEU B 426 -41.34 -28.17 12.22
C LEU B 426 -42.57 -28.85 11.61
N ALA B 427 -43.28 -28.16 10.73
CA ALA B 427 -44.59 -28.69 10.35
C ALA B 427 -44.80 -28.83 8.86
N THR B 428 -44.31 -27.89 8.05
CA THR B 428 -44.71 -27.82 6.64
C THR B 428 -43.53 -28.02 5.68
N GLY B 429 -42.45 -28.65 6.13
CA GLY B 429 -41.33 -28.90 5.23
C GLY B 429 -41.68 -29.87 4.12
N PHE B 430 -42.46 -30.90 4.43
CA PHE B 430 -42.78 -31.93 3.46
C PHE B 430 -43.58 -31.41 2.27
N LEU B 431 -44.17 -30.21 2.38
CA LEU B 431 -44.84 -29.62 1.24
C LEU B 431 -43.87 -29.14 0.17
N PHE B 432 -42.64 -28.84 0.53
CA PHE B 432 -41.64 -28.30 -0.40
C PHE B 432 -40.72 -29.39 -0.93
N GLU B 433 -41.13 -30.65 -0.86
CA GLU B 433 -40.26 -31.73 -1.31
C GLU B 433 -40.18 -31.80 -2.82
N SER B 434 -41.25 -31.48 -3.53
CA SER B 434 -41.30 -31.55 -4.98
C SER B 434 -40.92 -30.25 -5.66
N LEU B 435 -40.48 -29.26 -4.91
CA LEU B 435 -40.11 -27.97 -5.48
C LEU B 435 -38.87 -28.12 -6.33
N PRO B 436 -38.90 -27.75 -7.61
CA PRO B 436 -37.71 -27.87 -8.46
C PRO B 436 -36.60 -26.92 -8.02
N GLN B 437 -35.36 -27.34 -8.26
CA GLN B 437 -34.21 -26.48 -8.00
C GLN B 437 -34.12 -25.32 -8.98
N ALA B 438 -34.72 -25.48 -10.16
CA ALA B 438 -34.75 -24.38 -11.12
C ALA B 438 -35.53 -23.20 -10.56
N VAL B 439 -36.61 -23.46 -9.81
CA VAL B 439 -37.37 -22.39 -9.19
C VAL B 439 -36.52 -21.64 -8.17
N LEU B 440 -35.74 -22.37 -7.37
CA LEU B 440 -34.86 -21.72 -6.40
C LEU B 440 -33.82 -20.85 -7.10
N SER B 441 -33.20 -21.38 -8.15
CA SER B 441 -32.20 -20.60 -8.89
C SER B 441 -32.84 -19.36 -9.50
N ALA B 442 -34.04 -19.50 -10.07
CA ALA B 442 -34.72 -18.36 -10.65
C ALA B 442 -35.04 -17.31 -9.60
N ILE B 443 -35.47 -17.74 -8.41
CA ILE B 443 -35.78 -16.80 -7.34
C ILE B 443 -34.53 -16.02 -6.93
N VAL B 444 -33.41 -16.73 -6.76
CA VAL B 444 -32.16 -16.06 -6.37
C VAL B 444 -31.71 -15.09 -7.45
N ILE B 445 -31.78 -15.50 -8.72
CA ILE B 445 -31.31 -14.65 -9.80
C ILE B 445 -32.20 -13.42 -9.94
N VAL B 446 -33.51 -13.58 -9.78
CA VAL B 446 -34.41 -12.42 -9.82
C VAL B 446 -34.09 -11.47 -8.69
N ASN B 447 -33.90 -11.98 -7.48
CA ASN B 447 -33.64 -11.11 -6.35
C ASN B 447 -32.25 -10.48 -6.38
N LEU B 448 -31.36 -10.97 -7.24
CA LEU B 448 -30.08 -10.28 -7.42
C LEU B 448 -30.19 -8.97 -8.19
N LYS B 449 -31.39 -8.58 -8.63
CA LYS B 449 -31.54 -7.36 -9.43
C LYS B 449 -31.20 -6.12 -8.62
N GLY B 450 -31.64 -6.05 -7.36
CA GLY B 450 -31.31 -4.89 -6.55
C GLY B 450 -29.82 -4.73 -6.35
N MET B 451 -29.10 -5.85 -6.27
CA MET B 451 -27.65 -5.77 -6.13
C MET B 451 -26.99 -5.39 -7.44
N PHE B 452 -27.54 -5.87 -8.57
CA PHE B 452 -27.02 -5.49 -9.88
C PHE B 452 -27.29 -4.03 -10.20
N MET B 453 -28.27 -3.41 -9.54
CA MET B 453 -28.53 -1.99 -9.74
C MET B 453 -27.40 -1.10 -9.28
N GLN B 454 -26.43 -1.63 -8.54
CA GLN B 454 -25.29 -0.85 -8.06
C GLN B 454 -24.34 -0.44 -9.16
N PHE B 455 -24.51 -0.93 -10.39
CA PHE B 455 -23.68 -0.52 -11.50
C PHE B 455 -23.89 0.94 -11.89
N SER B 456 -24.93 1.59 -11.36
CA SER B 456 -25.14 3.01 -11.61
C SER B 456 -24.12 3.89 -10.92
N ASP B 457 -23.27 3.33 -10.06
CA ASP B 457 -22.23 4.09 -9.41
C ASP B 457 -21.14 4.52 -10.38
N LEU B 458 -21.01 3.86 -11.53
CA LEU B 458 -19.95 4.20 -12.48
C LEU B 458 -20.09 5.62 -13.01
N PRO B 459 -21.24 6.06 -13.54
CA PRO B 459 -21.36 7.49 -13.91
C PRO B 459 -21.24 8.41 -12.71
N PHE B 460 -21.77 7.99 -11.56
CA PHE B 460 -21.70 8.81 -10.36
C PHE B 460 -20.26 9.07 -9.96
N PHE B 461 -19.46 8.02 -9.84
CA PHE B 461 -18.07 8.20 -9.46
C PHE B 461 -17.25 8.80 -10.58
N TRP B 462 -17.68 8.63 -11.83
CA TRP B 462 -17.04 9.34 -12.93
C TRP B 462 -17.19 10.84 -12.79
N ARG B 463 -18.38 11.29 -12.38
CA ARG B 463 -18.59 12.72 -12.18
C ARG B 463 -17.97 13.24 -10.90
N THR B 464 -17.96 12.44 -9.82
CA THR B 464 -17.49 12.95 -8.54
C THR B 464 -15.97 12.82 -8.37
N SER B 465 -15.42 11.62 -8.54
CA SER B 465 -13.99 11.43 -8.33
C SER B 465 -13.54 10.22 -9.13
N LYS B 466 -12.68 10.45 -10.13
CA LYS B 466 -12.20 9.37 -10.98
C LYS B 466 -11.27 8.42 -10.23
N ILE B 467 -10.59 8.90 -9.18
CA ILE B 467 -9.77 8.00 -8.37
C ILE B 467 -10.65 6.96 -7.69
N GLU B 468 -11.78 7.39 -7.13
CA GLU B 468 -12.65 6.45 -6.43
C GLU B 468 -13.44 5.59 -7.42
N LEU B 469 -13.68 6.10 -8.63
CA LEU B 469 -14.15 5.24 -9.72
C LEU B 469 -13.15 4.15 -10.03
N THR B 470 -11.85 4.50 -10.06
CA THR B 470 -10.81 3.49 -10.24
C THR B 470 -10.85 2.48 -9.11
N ILE B 471 -11.07 2.94 -7.88
CA ILE B 471 -11.18 2.03 -6.74
C ILE B 471 -12.36 1.07 -6.94
N TRP B 472 -13.50 1.61 -7.36
CA TRP B 472 -14.68 0.79 -7.62
C TRP B 472 -14.38 -0.28 -8.66
N LEU B 473 -13.84 0.12 -9.81
CA LEU B 473 -13.60 -0.82 -10.90
C LEU B 473 -12.54 -1.86 -10.52
N THR B 474 -11.47 -1.42 -9.86
CA THR B 474 -10.43 -2.35 -9.44
C THR B 474 -10.96 -3.37 -8.44
N THR B 475 -11.76 -2.92 -7.48
CA THR B 475 -12.36 -3.85 -6.52
C THR B 475 -13.28 -4.83 -7.22
N PHE B 476 -14.10 -4.34 -8.15
CA PHE B 476 -15.02 -5.24 -8.86
C PHE B 476 -14.25 -6.29 -9.63
N VAL B 477 -13.25 -5.87 -10.41
CA VAL B 477 -12.51 -6.81 -11.25
C VAL B 477 -11.74 -7.81 -10.39
N SER B 478 -11.07 -7.33 -9.34
CA SER B 478 -10.26 -8.21 -8.51
C SER B 478 -11.13 -9.21 -7.75
N SER B 479 -12.24 -8.75 -7.18
CA SER B 479 -13.13 -9.67 -6.46
C SER B 479 -13.90 -10.58 -7.40
N LEU B 480 -14.01 -10.22 -8.67
CA LEU B 480 -14.68 -11.09 -9.63
C LEU B 480 -13.76 -12.19 -10.12
N PHE B 481 -12.65 -11.81 -10.75
CA PHE B 481 -11.78 -12.82 -11.35
C PHE B 481 -10.98 -13.59 -10.30
N LEU B 482 -10.44 -12.91 -9.30
CA LEU B 482 -9.93 -13.60 -8.14
C LEU B 482 -11.08 -13.86 -7.16
N GLY B 483 -10.78 -14.56 -6.08
CA GLY B 483 -11.81 -14.83 -5.10
C GLY B 483 -12.20 -13.59 -4.33
N LEU B 484 -13.25 -13.74 -3.51
CA LEU B 484 -13.60 -12.65 -2.61
C LEU B 484 -12.63 -12.53 -1.44
N ASP B 485 -11.70 -13.47 -1.28
CA ASP B 485 -10.70 -13.40 -0.24
C ASP B 485 -9.42 -12.74 -0.74
N TYR B 486 -8.89 -13.22 -1.87
CA TYR B 486 -7.72 -12.57 -2.45
C TYR B 486 -8.09 -11.26 -3.14
N GLY B 487 -9.26 -11.23 -3.78
CA GLY B 487 -9.70 -10.01 -4.43
C GLY B 487 -9.90 -8.88 -3.46
N LEU B 488 -10.42 -9.18 -2.26
CA LEU B 488 -10.66 -8.12 -1.28
C LEU B 488 -9.36 -7.51 -0.80
N ILE B 489 -8.36 -8.34 -0.48
CA ILE B 489 -7.09 -7.79 0.00
C ILE B 489 -6.38 -7.05 -1.12
N THR B 490 -6.48 -7.56 -2.35
CA THR B 490 -5.95 -6.83 -3.50
C THR B 490 -6.59 -5.45 -3.61
N ALA B 491 -7.91 -5.39 -3.51
CA ALA B 491 -8.62 -4.12 -3.63
C ALA B 491 -8.27 -3.18 -2.49
N VAL B 492 -8.14 -3.70 -1.27
CA VAL B 492 -7.80 -2.87 -0.13
C VAL B 492 -6.41 -2.26 -0.31
N ILE B 493 -5.45 -3.07 -0.75
CA ILE B 493 -4.09 -2.57 -0.95
C ILE B 493 -4.07 -1.52 -2.06
N ILE B 494 -4.79 -1.76 -3.15
CA ILE B 494 -4.78 -0.81 -4.25
C ILE B 494 -5.48 0.50 -3.86
N ALA B 495 -6.57 0.41 -3.10
CA ALA B 495 -7.23 1.61 -2.60
C ALA B 495 -6.32 2.39 -1.68
N LEU B 496 -5.53 1.71 -0.87
CA LEU B 496 -4.54 2.40 -0.04
C LEU B 496 -3.46 3.04 -0.90
N LEU B 497 -3.04 2.36 -1.97
CA LEU B 497 -2.01 2.91 -2.85
C LEU B 497 -2.51 4.09 -3.66
N THR B 498 -3.83 4.26 -3.78
CA THR B 498 -4.34 5.47 -4.42
C THR B 498 -3.90 6.72 -3.67
N VAL B 499 -3.72 6.63 -2.35
CA VAL B 499 -3.19 7.75 -1.57
C VAL B 499 -1.75 8.04 -1.97
N ILE B 500 -0.95 6.98 -2.17
CA ILE B 500 0.42 7.15 -2.64
C ILE B 500 0.42 7.83 -4.00
N TYR B 501 -0.50 7.44 -4.86
CA TYR B 501 -0.62 8.10 -6.16
C TYR B 501 -0.97 9.58 -6.00
N ARG B 502 -1.91 9.89 -5.08
CA ARG B 502 -2.27 11.27 -4.84
C ARG B 502 -1.07 12.09 -4.39
N THR B 503 -0.25 11.53 -3.51
CA THR B 503 0.94 12.24 -3.06
C THR B 503 1.99 12.35 -4.16
N GLN B 504 2.03 11.38 -5.07
CA GLN B 504 3.02 11.37 -6.14
C GLN B 504 2.65 12.25 -7.32
N SER B 505 1.40 12.72 -7.39
CA SER B 505 0.96 13.64 -8.44
C SER B 505 0.26 14.83 -7.78
N PRO B 506 1.02 15.69 -7.11
CA PRO B 506 0.40 16.83 -6.43
C PRO B 506 0.26 18.03 -7.34
N SER B 507 -0.26 19.13 -6.81
CA SER B 507 -0.42 20.37 -7.56
C SER B 507 0.76 21.27 -7.27
N TYR B 508 1.70 21.35 -8.20
CA TYR B 508 2.85 22.24 -8.08
C TYR B 508 2.45 23.61 -8.57
N LYS B 509 2.40 24.58 -7.66
CA LYS B 509 1.89 25.91 -7.96
C LYS B 509 2.98 26.96 -7.76
N VAL B 510 2.97 27.96 -8.63
CA VAL B 510 3.82 29.14 -8.46
C VAL B 510 2.89 30.26 -7.99
N LEU B 511 3.21 30.85 -6.84
CA LEU B 511 2.28 31.73 -6.18
C LEU B 511 2.58 33.20 -6.48
N GLY B 512 1.52 33.99 -6.60
CA GLY B 512 1.64 35.42 -6.70
C GLY B 512 0.74 36.09 -5.67
N LYS B 513 1.06 37.34 -5.39
CA LYS B 513 0.48 38.08 -4.28
C LYS B 513 -0.70 38.91 -4.75
N LEU B 514 -1.83 38.77 -4.08
CA LEU B 514 -2.96 39.66 -4.31
C LEU B 514 -2.65 41.04 -3.75
N PRO B 515 -2.76 42.09 -4.55
CA PRO B 515 -2.26 43.41 -4.13
C PRO B 515 -2.96 43.92 -2.87
N GLU B 516 -2.16 44.58 -2.02
CA GLU B 516 -2.59 45.23 -0.79
C GLU B 516 -3.13 44.24 0.25
N THR B 517 -2.86 42.94 0.09
CA THR B 517 -3.25 41.93 1.05
C THR B 517 -2.04 41.03 1.34
N ASP B 518 -2.25 40.02 2.17
CA ASP B 518 -1.26 38.98 2.43
C ASP B 518 -1.67 37.65 1.82
N VAL B 519 -2.51 37.68 0.79
CA VAL B 519 -3.08 36.47 0.17
C VAL B 519 -2.22 36.11 -1.02
N TYR B 520 -1.72 34.88 -1.04
CA TYR B 520 -0.89 34.37 -2.13
C TYR B 520 -1.61 33.22 -2.79
N ILE B 521 -1.88 33.36 -4.09
CA ILE B 521 -2.70 32.42 -4.84
C ILE B 521 -1.94 32.01 -6.09
N ASP B 522 -2.31 30.87 -6.66
CA ASP B 522 -1.69 30.41 -7.89
C ASP B 522 -1.70 31.50 -8.95
N ILE B 523 -0.54 31.76 -9.53
CA ILE B 523 -0.38 32.89 -10.44
C ILE B 523 -1.20 32.70 -11.70
N ASP B 524 -1.42 31.45 -12.12
CA ASP B 524 -2.10 31.14 -13.36
C ASP B 524 -3.58 30.85 -13.17
N ALA B 525 -4.22 31.53 -12.22
CA ALA B 525 -5.60 31.22 -11.89
C ALA B 525 -6.54 32.42 -11.97
N TYR B 526 -6.06 33.62 -11.61
CA TYR B 526 -6.96 34.74 -11.38
C TYR B 526 -6.53 36.06 -12.02
N GLU B 527 -5.24 36.28 -12.23
CA GLU B 527 -4.69 37.30 -13.11
C GLU B 527 -4.78 38.72 -12.53
N GLU B 528 -5.39 38.88 -11.36
CA GLU B 528 -5.06 40.00 -10.51
C GLU B 528 -3.92 39.70 -9.56
N VAL B 529 -3.71 38.43 -9.24
CA VAL B 529 -2.53 38.01 -8.50
C VAL B 529 -1.30 38.30 -9.35
N LYS B 530 -0.35 39.01 -8.77
CA LYS B 530 0.84 39.44 -9.48
C LYS B 530 2.07 38.89 -8.78
N GLU B 531 3.03 38.44 -9.58
CA GLU B 531 4.24 37.85 -9.03
C GLU B 531 5.17 38.95 -8.54
N ILE B 532 5.77 38.72 -7.38
CA ILE B 532 6.67 39.71 -6.78
C ILE B 532 8.02 39.65 -7.50
N PRO B 533 8.52 40.77 -8.02
CA PRO B 533 9.78 40.73 -8.78
C PRO B 533 10.93 40.26 -7.93
N GLY B 534 11.75 39.37 -8.50
CA GLY B 534 12.91 38.83 -7.82
C GLY B 534 12.62 37.74 -6.83
N ILE B 535 11.37 37.32 -6.67
CA ILE B 535 10.98 36.32 -5.68
C ILE B 535 10.16 35.25 -6.38
N LYS B 536 10.51 33.99 -6.13
CA LYS B 536 9.77 32.84 -6.63
C LYS B 536 9.17 32.10 -5.44
N ILE B 537 7.87 31.87 -5.47
CA ILE B 537 7.18 31.13 -4.42
C ILE B 537 6.63 29.85 -5.02
N PHE B 538 7.11 28.71 -4.52
CA PHE B 538 6.72 27.41 -5.02
C PHE B 538 5.99 26.64 -3.94
N GLN B 539 4.88 26.01 -4.31
CA GLN B 539 4.01 25.33 -3.36
C GLN B 539 3.66 23.94 -3.85
N ILE B 540 3.72 22.97 -2.94
CA ILE B 540 3.28 21.60 -3.18
C ILE B 540 2.24 21.24 -2.13
N ASN B 541 1.13 20.67 -2.57
CA ASN B 541 0.09 20.20 -1.64
C ASN B 541 0.27 18.71 -1.35
N ALA B 542 1.45 18.37 -0.86
CA ALA B 542 1.79 16.98 -0.58
C ALA B 542 3.00 16.95 0.35
N PRO B 543 3.22 15.84 1.04
CA PRO B 543 4.50 15.66 1.73
C PRO B 543 5.63 15.52 0.74
N ILE B 544 6.85 15.58 1.25
CA ILE B 544 8.04 15.57 0.43
C ILE B 544 8.81 14.28 0.72
N TYR B 545 8.07 13.20 0.95
CA TYR B 545 8.68 11.93 1.32
C TYR B 545 9.45 11.36 0.13
N TYR B 546 9.98 10.14 0.31
CA TYR B 546 10.99 9.61 -0.60
C TYR B 546 10.45 9.44 -2.02
N ALA B 547 9.22 8.99 -2.16
CA ALA B 547 8.62 8.82 -3.48
C ALA B 547 8.14 10.12 -4.10
N ASN B 548 8.55 11.26 -3.54
CA ASN B 548 8.02 12.55 -3.94
C ASN B 548 9.13 13.57 -4.09
N SER B 549 10.28 13.32 -3.44
CA SER B 549 11.32 14.33 -3.32
C SER B 549 11.92 14.69 -4.67
N ASP B 550 12.25 13.69 -5.50
CA ASP B 550 12.86 13.98 -6.79
C ASP B 550 11.88 14.67 -7.73
N LEU B 551 10.62 14.23 -7.73
CA LEU B 551 9.60 14.91 -8.53
C LEU B 551 9.41 16.33 -8.05
N TYR B 552 9.41 16.54 -6.73
CA TYR B 552 9.27 17.89 -6.19
C TYR B 552 10.42 18.79 -6.61
N SER B 553 11.65 18.26 -6.56
CA SER B 553 12.81 19.05 -6.97
C SER B 553 12.75 19.38 -8.46
N ASN B 554 12.40 18.41 -9.29
CA ASN B 554 12.30 18.65 -10.73
C ASN B 554 11.22 19.68 -11.04
N ALA B 555 10.07 19.57 -10.38
CA ALA B 555 8.99 20.53 -10.60
C ALA B 555 9.38 21.92 -10.12
N LEU B 556 10.11 22.00 -9.01
CA LEU B 556 10.59 23.30 -8.53
C LEU B 556 11.52 23.94 -9.54
N LYS B 557 12.44 23.14 -10.10
CA LYS B 557 13.38 23.71 -11.08
C LYS B 557 12.69 24.03 -12.40
N ARG B 558 11.61 23.34 -12.73
CA ARG B 558 10.97 23.54 -14.04
C ARG B 558 9.95 24.67 -14.00
N LYS B 559 9.01 24.61 -13.05
CA LYS B 559 7.93 25.59 -13.00
C LYS B 559 8.42 27.00 -12.70
N THR B 560 9.36 27.14 -11.76
CA THR B 560 9.89 28.45 -11.44
C THR B 560 10.83 28.98 -12.50
N GLY B 561 11.39 28.11 -13.34
CA GLY B 561 12.32 28.55 -14.35
C GLY B 561 13.70 28.89 -13.84
N VAL B 562 13.99 28.59 -12.58
CA VAL B 562 15.28 28.88 -11.97
C VAL B 562 15.97 27.53 -11.75
N ASN B 563 16.80 27.13 -12.70
CA ASN B 563 17.56 25.89 -12.60
C ASN B 563 19.00 26.22 -12.26
N PRO B 564 19.51 25.86 -11.08
CA PRO B 564 20.91 26.18 -10.76
C PRO B 564 21.90 25.57 -11.73
N ALA B 565 21.63 24.36 -12.22
CA ALA B 565 22.53 23.74 -13.17
C ALA B 565 22.59 24.54 -14.47
N VAL B 566 21.43 24.99 -14.96
CA VAL B 566 21.39 25.79 -16.17
C VAL B 566 22.10 27.12 -15.96
N ILE B 567 21.94 27.71 -14.77
CA ILE B 567 22.60 28.98 -14.47
C ILE B 567 24.11 28.81 -14.47
N MET B 568 24.61 27.74 -13.83
CA MET B 568 26.06 27.49 -13.83
C MET B 568 26.56 27.22 -15.25
N GLY B 569 25.79 26.47 -16.04
CA GLY B 569 26.19 26.23 -17.42
C GLY B 569 26.28 27.50 -18.22
N ALA B 570 25.31 28.40 -18.06
CA ALA B 570 25.33 29.67 -18.76
C ALA B 570 26.51 30.54 -18.31
N ARG B 571 26.81 30.52 -17.01
CA ARG B 571 27.95 31.28 -16.51
C ARG B 571 29.25 30.76 -17.10
N ARG B 572 29.40 29.43 -17.20
CA ARG B 572 30.61 28.87 -17.80
C ARG B 572 30.66 29.14 -19.30
N LYS B 573 29.51 29.13 -19.97
CA LYS B 573 29.48 29.48 -21.38
C LYS B 573 29.92 30.91 -21.60
N ALA B 574 29.48 31.83 -20.73
CA ALA B 574 29.94 33.20 -20.84
C ALA B 574 31.41 33.33 -20.50
N MET B 575 31.90 32.53 -19.55
CA MET B 575 33.33 32.49 -19.28
C MET B 575 34.11 32.09 -20.54
N ARG B 576 33.58 31.14 -21.31
CA ARG B 576 34.22 30.75 -22.56
C ARG B 576 34.13 31.86 -23.61
N LYS B 577 32.97 32.51 -23.74
CA LYS B 577 32.79 33.45 -24.85
C LYS B 577 33.49 34.78 -24.57
N TYR B 578 33.42 35.27 -23.34
CA TYR B 578 34.00 36.58 -23.02
C TYR B 578 35.52 36.55 -23.09
N ALA B 579 36.14 35.39 -22.87
CA ALA B 579 37.59 35.29 -22.96
C ALA B 579 38.10 35.64 -24.35
N LYS B 580 37.26 35.55 -25.37
CA LYS B 580 37.66 35.91 -26.73
C LYS B 580 37.38 37.38 -27.01
N VAL B 614 32.80 23.84 15.47
CA VAL B 614 32.77 23.64 14.02
C VAL B 614 32.33 24.93 13.36
N LYS B 615 32.92 25.25 12.22
CA LYS B 615 32.84 26.57 11.60
C LYS B 615 32.51 26.42 10.12
N TYR B 616 31.41 27.07 9.69
CA TYR B 616 30.82 26.79 8.40
C TYR B 616 30.93 27.98 7.46
N PRO B 617 30.99 27.74 6.16
CA PRO B 617 30.96 28.84 5.17
C PRO B 617 29.54 29.33 4.96
N PRO B 618 29.36 30.50 4.33
CA PRO B 618 28.00 30.98 4.05
C PRO B 618 27.23 30.05 3.14
N ILE B 619 25.92 29.97 3.36
CA ILE B 619 25.08 29.11 2.54
C ILE B 619 24.98 29.65 1.12
N VAL B 620 24.77 30.96 0.98
CA VAL B 620 24.61 31.60 -0.32
C VAL B 620 25.93 32.28 -0.68
N ILE B 621 26.52 31.87 -1.79
CA ILE B 621 27.80 32.39 -2.23
C ILE B 621 27.54 33.54 -3.19
N LYS B 622 28.12 34.71 -2.88
CA LYS B 622 27.97 35.86 -3.76
C LYS B 622 28.46 35.55 -5.15
N SER B 623 27.66 35.86 -6.15
CA SER B 623 28.00 35.59 -7.54
C SER B 623 29.14 36.53 -7.95
N THR B 624 30.36 36.01 -7.94
CA THR B 624 31.52 36.82 -8.29
C THR B 624 31.68 36.89 -9.81
N PHE B 625 30.63 37.30 -10.50
CA PHE B 625 30.66 37.36 -11.95
C PHE B 625 30.98 38.78 -12.40
N PRO B 626 32.03 38.99 -13.19
CA PRO B 626 32.37 40.35 -13.62
C PRO B 626 31.27 40.98 -14.46
N GLU B 627 31.16 42.31 -14.34
CA GLU B 627 30.17 43.04 -15.13
C GLU B 627 30.45 42.94 -16.62
N GLU B 628 31.72 43.00 -17.02
CA GLU B 628 32.07 42.82 -18.42
C GLU B 628 31.63 41.45 -18.92
N MET B 629 31.83 40.42 -18.10
CA MET B 629 31.30 39.10 -18.43
C MET B 629 29.80 39.03 -18.22
N GLN B 630 29.26 39.85 -17.31
CA GLN B 630 27.81 39.92 -17.13
C GLN B 630 27.12 40.47 -18.37
N ARG B 631 27.84 41.22 -19.21
CA ARG B 631 27.29 41.62 -20.49
C ARG B 631 27.02 40.41 -21.39
N PHE B 632 27.61 39.26 -21.06
CA PHE B 632 27.38 38.03 -21.79
C PHE B 632 26.23 37.20 -21.22
N MET B 633 25.65 37.62 -20.11
CA MET B 633 24.45 36.96 -19.58
C MET B 633 23.29 37.06 -20.56
N PRO B 634 22.68 35.93 -20.93
CA PRO B 634 21.35 35.99 -21.52
C PRO B 634 20.38 36.60 -20.53
N PRO B 635 19.40 37.38 -21.00
CA PRO B 635 18.46 38.01 -20.08
C PRO B 635 17.67 36.98 -19.29
N GLY B 636 17.40 37.32 -18.02
CA GLY B 636 16.72 36.41 -17.13
C GLY B 636 15.77 37.13 -16.18
N ASP B 637 15.12 36.37 -15.30
CA ASP B 637 14.17 36.94 -14.37
C ASP B 637 14.84 37.68 -13.22
N ASN B 638 16.14 37.44 -12.99
CA ASN B 638 16.89 38.06 -11.90
C ASN B 638 16.23 37.76 -10.55
N VAL B 639 16.09 36.47 -10.28
CA VAL B 639 15.47 36.00 -9.05
C VAL B 639 16.55 35.89 -7.97
N HIS B 640 16.34 36.56 -6.85
CA HIS B 640 17.30 36.51 -5.75
C HIS B 640 16.86 35.63 -4.60
N THR B 641 15.56 35.33 -4.48
CA THR B 641 15.05 34.51 -3.40
C THR B 641 14.02 33.55 -3.95
N VAL B 642 14.04 32.32 -3.44
CA VAL B 642 13.05 31.30 -3.76
C VAL B 642 12.36 30.91 -2.47
N ILE B 643 11.04 31.10 -2.42
CA ILE B 643 10.25 30.80 -1.23
C ILE B 643 9.60 29.44 -1.45
N LEU B 644 9.82 28.52 -0.51
CA LEU B 644 9.22 27.21 -0.57
C LEU B 644 8.09 27.15 0.46
N ASP B 645 6.85 27.08 -0.04
CA ASP B 645 5.68 27.02 0.82
C ASP B 645 5.59 25.64 1.45
N PHE B 646 5.78 25.56 2.76
CA PHE B 646 5.68 24.30 3.48
C PHE B 646 4.41 24.21 4.30
N THR B 647 3.43 25.10 4.06
CA THR B 647 2.21 25.10 4.85
C THR B 647 1.41 23.82 4.68
N GLN B 648 1.40 23.26 3.48
CA GLN B 648 0.62 22.05 3.19
C GLN B 648 1.47 20.79 3.21
N VAL B 649 2.75 20.90 3.58
CA VAL B 649 3.65 19.75 3.65
C VAL B 649 3.42 19.09 5.01
N ASN B 650 2.94 17.85 4.99
CA ASN B 650 2.50 17.20 6.21
C ASN B 650 3.68 16.67 7.03
N PHE B 651 4.65 16.07 6.35
CA PHE B 651 5.81 15.45 6.99
C PHE B 651 6.93 15.40 5.98
N ILE B 652 8.14 15.14 6.45
CA ILE B 652 9.31 14.99 5.60
C ILE B 652 10.26 14.01 6.27
N ASP B 653 10.74 13.03 5.51
CA ASP B 653 11.63 12.02 6.07
C ASP B 653 13.07 12.31 5.67
N SER B 654 13.95 11.35 5.96
CA SER B 654 15.38 11.53 5.70
C SER B 654 15.65 11.82 4.23
N VAL B 655 14.97 11.11 3.32
CA VAL B 655 15.18 11.35 1.89
C VAL B 655 14.70 12.74 1.50
N GLY B 656 13.53 13.14 2.01
CA GLY B 656 13.04 14.47 1.73
C GLY B 656 13.93 15.54 2.32
N VAL B 657 14.47 15.31 3.53
CA VAL B 657 15.37 16.28 4.14
C VAL B 657 16.66 16.40 3.34
N LYS B 658 17.18 15.27 2.85
CA LYS B 658 18.37 15.33 2.02
C LYS B 658 18.12 16.08 0.72
N THR B 659 16.95 15.85 0.10
CA THR B 659 16.61 16.60 -1.11
C THR B 659 16.49 18.09 -0.83
N LEU B 660 15.87 18.45 0.30
CA LEU B 660 15.73 19.85 0.67
C LEU B 660 17.08 20.51 0.91
N ALA B 661 17.97 19.82 1.62
CA ALA B 661 19.31 20.34 1.86
C ALA B 661 20.08 20.51 0.55
N GLY B 662 19.94 19.54 -0.36
CA GLY B 662 20.56 19.68 -1.66
C GLY B 662 20.01 20.86 -2.44
N ILE B 663 18.69 21.08 -2.37
CA ILE B 663 18.09 22.22 -3.06
C ILE B 663 18.65 23.52 -2.50
N VAL B 664 18.72 23.63 -1.17
CA VAL B 664 19.23 24.85 -0.54
C VAL B 664 20.68 25.09 -0.95
N LYS B 665 21.50 24.04 -0.91
CA LYS B 665 22.91 24.19 -1.25
C LYS B 665 23.11 24.56 -2.72
N GLU B 666 22.37 23.89 -3.62
CA GLU B 666 22.51 24.17 -5.05
C GLU B 666 22.06 25.58 -5.39
N TYR B 667 20.99 26.05 -4.77
CA TYR B 667 20.55 27.42 -5.04
C TYR B 667 21.46 28.44 -4.37
N GLY B 668 22.08 28.09 -3.25
CA GLY B 668 23.04 29.00 -2.63
C GLY B 668 24.34 29.08 -3.39
N ASP B 669 24.68 28.04 -4.15
CA ASP B 669 25.91 28.06 -4.94
C ASP B 669 25.82 29.07 -6.07
N VAL B 670 24.61 29.39 -6.53
CA VAL B 670 24.42 30.38 -7.59
C VAL B 670 23.99 31.73 -7.00
N GLY B 671 24.15 31.93 -5.71
CA GLY B 671 23.78 33.18 -5.07
C GLY B 671 22.29 33.44 -5.02
N ILE B 672 21.48 32.42 -4.73
CA ILE B 672 20.04 32.56 -4.61
C ILE B 672 19.62 32.03 -3.26
N TYR B 673 18.85 32.83 -2.52
CA TYR B 673 18.40 32.44 -1.20
C TYR B 673 17.16 31.56 -1.28
N VAL B 674 17.09 30.57 -0.40
CA VAL B 674 15.94 29.67 -0.31
C VAL B 674 15.37 29.81 1.09
N TYR B 675 14.08 30.14 1.17
CA TYR B 675 13.38 30.30 2.43
C TYR B 675 12.27 29.27 2.54
N LEU B 676 12.07 28.76 3.74
CA LEU B 676 10.99 27.83 4.04
C LEU B 676 9.91 28.58 4.79
N ALA B 677 8.69 28.58 4.25
CA ALA B 677 7.58 29.33 4.82
C ALA B 677 6.50 28.37 5.27
N GLY B 678 6.04 28.54 6.51
CA GLY B 678 4.93 27.76 7.00
C GLY B 678 5.27 26.36 7.47
N CYS B 679 6.53 26.10 7.80
CA CYS B 679 6.91 24.78 8.29
C CYS B 679 6.23 24.51 9.63
N SER B 680 5.49 23.42 9.70
CA SER B 680 4.80 23.05 10.93
C SER B 680 5.82 22.59 11.97
N ALA B 681 5.38 22.58 13.23
CA ALA B 681 6.26 22.12 14.31
C ALA B 681 6.69 20.67 14.08
N GLN B 682 5.80 19.87 13.49
CA GLN B 682 6.14 18.48 13.19
C GLN B 682 7.22 18.40 12.13
N VAL B 683 7.10 19.19 11.07
CA VAL B 683 8.11 19.20 10.02
C VAL B 683 9.43 19.77 10.53
N VAL B 684 9.37 20.76 11.42
CA VAL B 684 10.58 21.27 12.05
C VAL B 684 11.24 20.17 12.88
N ASN B 685 10.44 19.37 13.56
CA ASN B 685 10.99 18.25 14.31
C ASN B 685 11.61 17.20 13.39
N ASP B 686 11.03 16.96 12.23
CA ASP B 686 11.67 16.05 11.28
C ASP B 686 12.99 16.61 10.77
N LEU B 687 13.04 17.93 10.50
CA LEU B 687 14.28 18.54 10.03
C LEU B 687 15.34 18.53 11.13
N THR B 688 14.91 18.61 12.39
CA THR B 688 15.88 18.62 13.49
C THR B 688 16.36 17.21 13.83
N ARG B 689 15.49 16.21 13.75
CA ARG B 689 15.92 14.84 14.02
C ARG B 689 16.96 14.39 13.00
N ASN B 690 16.72 14.68 11.72
CA ASN B 690 17.79 14.62 10.74
C ASN B 690 18.74 15.80 10.98
N ARG B 691 19.93 15.74 10.43
CA ARG B 691 20.91 16.80 10.67
C ARG B 691 20.77 17.92 9.65
N PHE B 692 19.56 18.46 9.52
CA PHE B 692 19.35 19.61 8.64
C PHE B 692 19.89 20.89 9.25
N PHE B 693 19.68 21.09 10.55
CA PHE B 693 20.12 22.29 11.23
C PHE B 693 21.46 22.10 11.90
N GLU B 694 22.32 21.24 11.33
CA GLU B 694 23.70 21.14 11.79
C GLU B 694 24.40 22.47 11.69
N ASN B 695 24.09 23.24 10.65
CA ASN B 695 24.52 24.64 10.56
C ASN B 695 23.43 25.53 11.13
N PRO B 696 23.67 26.24 12.23
CA PRO B 696 22.61 27.08 12.82
C PRO B 696 22.12 28.18 11.90
N ALA B 697 22.91 28.59 10.90
CA ALA B 697 22.47 29.65 9.99
C ALA B 697 21.19 29.28 9.27
N LEU B 698 21.01 27.99 8.98
CA LEU B 698 19.78 27.54 8.32
C LEU B 698 18.54 27.86 9.14
N TRP B 699 18.68 28.06 10.45
CA TRP B 699 17.53 28.45 11.26
C TRP B 699 16.92 29.75 10.78
N GLU B 700 17.74 30.65 10.23
CA GLU B 700 17.23 31.92 9.74
C GLU B 700 16.57 31.81 8.37
N LEU B 701 16.47 30.60 7.81
CA LEU B 701 15.76 30.40 6.56
C LEU B 701 14.30 30.02 6.77
N LEU B 702 13.85 29.90 8.02
CA LEU B 702 12.50 29.46 8.34
C LEU B 702 11.65 30.65 8.75
N PHE B 703 10.52 30.82 8.07
CA PHE B 703 9.60 31.92 8.35
C PHE B 703 8.22 31.36 8.63
N HIS B 704 7.41 32.15 9.35
CA HIS B 704 6.12 31.66 9.81
C HIS B 704 5.15 31.47 8.65
N SER B 705 5.15 32.38 7.69
CA SER B 705 4.19 32.37 6.59
C SER B 705 4.86 32.83 5.31
N ILE B 706 4.09 32.82 4.22
CA ILE B 706 4.60 33.30 2.94
C ILE B 706 4.91 34.78 3.02
N HIS B 707 3.99 35.56 3.60
CA HIS B 707 4.18 37.01 3.66
C HIS B 707 5.37 37.36 4.52
N ASP B 708 5.57 36.62 5.61
CA ASP B 708 6.75 36.82 6.46
C ASP B 708 8.03 36.59 5.67
N ALA B 709 8.06 35.51 4.89
CA ALA B 709 9.25 35.19 4.08
C ALA B 709 9.49 36.25 3.03
N VAL B 710 8.42 36.72 2.37
CA VAL B 710 8.57 37.74 1.33
C VAL B 710 9.09 39.04 1.93
N LEU B 711 8.52 39.44 3.08
CA LEU B 711 8.98 40.66 3.74
C LEU B 711 10.41 40.52 4.20
N GLY B 712 10.79 39.35 4.72
CA GLY B 712 12.16 39.14 5.15
C GLY B 712 13.14 39.20 4.00
N SER B 713 12.78 38.61 2.85
CA SER B 713 13.65 38.68 1.68
C SER B 713 13.78 40.11 1.17
N GLN B 714 12.67 40.85 1.13
CA GLN B 714 12.72 42.24 0.68
C GLN B 714 13.55 43.09 1.63
N LEU B 715 13.41 42.88 2.94
CA LEU B 715 14.22 43.60 3.91
C LEU B 715 15.69 43.23 3.78
N ARG B 716 15.98 41.96 3.52
CA ARG B 716 17.36 41.54 3.30
C ARG B 716 17.96 42.24 2.10
N GLU B 717 17.20 42.33 1.01
CA GLU B 717 17.68 43.04 -0.17
C GLU B 717 17.86 44.52 0.10
N ALA B 718 16.92 45.13 0.84
CA ALA B 718 17.04 46.55 1.16
C ALA B 718 18.29 46.83 1.99
N LEU B 719 18.55 45.99 3.00
CA LEU B 719 19.76 46.15 3.80
C LEU B 719 21.02 45.94 2.96
N ALA B 720 20.97 44.96 2.04
CA ALA B 720 22.11 44.73 1.16
C ALA B 720 22.41 45.95 0.30
N GLU B 721 21.38 46.57 -0.27
CA GLU B 721 21.61 47.75 -1.09
C GLU B 721 22.00 48.96 -0.25
N GLN B 722 21.51 49.02 0.99
CA GLN B 722 21.96 50.07 1.91
C GLN B 722 23.45 49.96 2.19
N GLU B 723 23.93 48.74 2.47
CA GLU B 723 25.34 48.54 2.77
C GLU B 723 26.22 48.58 1.52
N ALA B 724 25.65 48.36 0.33
CA ALA B 724 26.45 48.37 -0.89
C ALA B 724 27.07 49.74 -1.14
N SER B 725 26.29 50.80 -0.95
CA SER B 725 26.79 52.15 -1.15
C SER B 725 25.97 53.17 -0.36
CL CL C . 28.03 -10.56 -3.82
C1 CLR D . 4.56 -16.01 -3.92
C2 CLR D . 4.70 -17.46 -4.40
C3 CLR D . 5.32 -18.32 -3.33
C4 CLR D . 4.50 -18.26 -2.06
C5 CLR D . 4.30 -16.83 -1.58
C6 CLR D . 4.61 -16.48 -0.35
C7 CLR D . 4.34 -15.14 0.26
C8 CLR D . 3.48 -14.26 -0.62
C9 CLR D . 3.91 -14.40 -2.09
C10 CLR D . 3.75 -15.85 -2.62
C11 CLR D . 3.21 -13.37 -3.00
C12 CLR D . 3.34 -11.92 -2.48
C13 CLR D . 2.79 -11.80 -1.05
C14 CLR D . 3.57 -12.81 -0.19
C15 CLR D . 3.18 -12.43 1.24
C16 CLR D . 3.15 -10.88 1.20
C17 CLR D . 3.12 -10.48 -0.30
C18 CLR D . 1.28 -12.06 -1.03
C19 CLR D . 2.27 -16.22 -2.86
C20 CLR D . 2.31 -9.19 -0.57
C21 CLR D . 2.58 -8.60 -1.94
C22 CLR D . 2.55 -8.16 0.54
C23 CLR D . 1.72 -6.91 0.46
C24 CLR D . 1.88 -6.01 1.65
C25 CLR D . 1.45 -6.59 2.99
C26 CLR D . 1.63 -5.59 4.13
C27 CLR D . 0.01 -7.08 2.94
O1 CLR D . 5.40 -19.68 -3.79
C1 OCT E . 4.29 -10.63 -13.44
C2 OCT E . 3.67 -11.79 -14.21
C3 OCT E . 3.78 -13.07 -13.39
C4 OCT E . 3.13 -14.23 -14.16
C5 OCT E . 3.24 -15.50 -13.32
C6 OCT E . 2.54 -16.65 -14.05
C7 OCT E . 2.60 -17.90 -13.19
C8 OCT E . 1.94 -19.07 -13.94
C1 OCT F . 0.63 4.20 -7.13
C2 OCT F . 1.90 3.67 -6.46
C3 OCT F . 1.97 2.16 -6.65
C4 OCT F . 3.39 1.66 -6.35
C5 OCT F . 3.36 0.15 -6.19
C6 OCT F . 4.78 -0.38 -6.02
C7 OCT F . 5.40 -0.62 -7.39
C8 OCT F . 6.75 -1.33 -7.24
C1 OCT G . 8.24 8.30 -23.36
C2 OCT G . 8.53 7.06 -24.19
C3 OCT G . 7.51 5.98 -23.84
C4 OCT G . 7.86 4.69 -24.57
C5 OCT G . 6.77 3.66 -24.33
C6 OCT G . 7.17 2.32 -24.96
C7 OCT G . 7.35 2.49 -26.47
C8 OCT G . 7.52 1.12 -27.11
C1 OCT H . 12.82 4.86 -26.41
C2 OCT H . 11.61 5.28 -25.56
C3 OCT H . 12.09 6.23 -24.46
C4 OCT H . 12.53 7.55 -25.08
C5 OCT H . 12.80 8.57 -23.97
C6 OCT H . 13.19 9.91 -24.59
C7 OCT H . 13.31 10.96 -23.49
C8 OCT H . 13.61 12.31 -24.11
C1 D10 I . 4.46 -20.08 3.24
C2 D10 I . 3.62 -18.81 3.13
C3 D10 I . 4.18 -17.74 4.07
C4 D10 I . 3.30 -16.50 4.00
C5 D10 I . 3.97 -15.33 4.73
C6 D10 I . 3.27 -14.04 4.34
C7 D10 I . 3.92 -12.86 5.07
C8 D10 I . 3.21 -11.57 4.67
C9 D10 I . 3.70 -10.43 5.56
C10 D10 I . 2.85 -9.19 5.31
C1 OCT J . 11.24 -24.67 8.76
C2 OCT J . 10.38 -23.42 8.62
C3 OCT J . 11.12 -22.22 9.21
C4 OCT J . 10.23 -20.98 9.15
C5 OCT J . 10.93 -19.81 9.81
C6 OCT J . 10.05 -18.57 9.73
C7 OCT J . 10.67 -17.44 10.55
C8 OCT J . 9.82 -16.18 10.41
C1 OCT K . 6.69 -7.66 8.63
C2 OCT K . 6.99 -8.51 7.40
C3 OCT K . 7.87 -9.68 7.81
C4 OCT K . 7.67 -10.84 6.84
C5 OCT K . 8.33 -12.10 7.41
C6 OCT K . 7.72 -13.32 6.74
C7 OCT K . 7.98 -14.55 7.61
C8 OCT K . 7.03 -15.67 7.22
C1 D12 L . 9.57 -17.47 -28.33
C2 D12 L . 10.19 -16.38 -27.45
C3 D12 L . 9.62 -15.02 -27.86
C4 D12 L . 10.27 -13.92 -27.03
C5 D12 L . 9.79 -14.03 -25.58
C6 D12 L . 8.72 -12.99 -25.32
C7 D12 L . 9.31 -11.82 -24.53
C8 D12 L . 8.34 -10.64 -24.56
C9 D12 L . 8.81 -9.56 -23.59
C10 D12 L . 8.46 -9.98 -22.16
C11 D12 L . 8.82 -8.86 -21.20
C12 D12 L . 7.88 -7.67 -21.41
C1 D12 M . 17.14 -16.99 -32.77
C2 D12 M . 16.97 -15.88 -31.72
C3 D12 M . 18.32 -15.58 -31.09
C4 D12 M . 18.15 -14.57 -29.95
C5 D12 M . 17.57 -13.27 -30.51
C6 D12 M . 18.02 -12.11 -29.62
C7 D12 M . 19.55 -12.01 -29.68
C8 D12 M . 20.02 -10.94 -28.70
C9 D12 M . 19.37 -9.61 -29.04
C10 D12 M . 18.79 -8.99 -27.78
C11 D12 M . 18.07 -7.68 -28.12
C12 D12 M . 17.46 -7.09 -26.86
C1 D10 N . 8.08 -13.64 -9.54
C2 D10 N . 8.46 -12.63 -8.45
C3 D10 N . 8.03 -11.23 -8.87
C4 D10 N . 8.41 -10.24 -7.79
C5 D10 N . 8.10 -8.82 -8.26
C6 D10 N . 8.84 -7.81 -7.38
C7 D10 N . 8.72 -6.41 -7.98
C8 D10 N . 9.64 -5.45 -7.24
C9 D10 N . 9.49 -4.05 -7.83
C10 D10 N . 10.40 -3.07 -7.08
C1 D10 O . 2.31 -16.40 -7.12
C2 D10 O . 1.80 -15.13 -7.78
C3 D10 O . 2.50 -13.91 -7.17
C4 D10 O . 1.93 -12.63 -7.78
C5 D10 O . 2.65 -11.42 -7.19
C6 D10 O . 2.03 -10.15 -7.77
C7 D10 O . 2.88 -8.95 -7.36
C8 D10 O . 2.42 -7.72 -8.15
C9 D10 O . 3.52 -6.66 -8.11
C10 D10 O . 3.15 -5.50 -9.03
C1 D10 P . 3.97 -1.30 -10.90
C2 D10 P . 3.97 0.01 -11.69
C3 D10 P . 3.54 1.16 -10.78
C4 D10 P . 3.52 2.45 -11.58
C5 D10 P . 3.03 3.61 -10.71
C6 D10 P . 2.90 4.86 -11.56
C7 D10 P . 2.57 6.06 -10.69
C8 D10 P . 2.75 7.34 -11.51
C9 D10 P . 2.71 8.56 -10.59
C10 D10 P . 3.31 9.77 -11.31
C1 D12 Q . 7.19 10.33 -14.64
C2 D12 Q . 6.17 9.22 -14.43
C3 D12 Q . 6.40 8.11 -15.45
C4 D12 Q . 5.58 6.87 -15.06
C5 D12 Q . 5.96 5.71 -15.99
C6 D12 Q . 5.32 4.42 -15.48
C7 D12 Q . 5.55 3.32 -16.50
C8 D12 Q . 5.09 1.98 -15.94
C9 D12 Q . 5.33 0.89 -16.98
C10 D12 Q . 5.07 -0.48 -16.36
C11 D12 Q . 5.37 -1.56 -17.38
C12 D12 Q . 5.08 -2.94 -16.78
C1 D10 R . 3.04 -0.94 -21.44
C2 D10 R . 3.41 0.48 -20.96
C3 D10 R . 4.26 1.16 -22.03
C4 D10 R . 4.71 2.52 -21.52
C5 D10 R . 3.51 3.42 -21.32
C6 D10 R . 3.96 4.87 -21.11
C7 D10 R . 4.80 4.96 -19.82
C8 D10 R . 5.06 6.43 -19.49
C9 D10 R . 5.94 7.05 -20.57
C10 D10 R . 6.43 8.41 -20.10
C1 OCT S . 56.13 -28.95 -0.43
C2 OCT S . 55.19 -28.02 0.31
C3 OCT S . 55.52 -26.57 -0.02
C4 OCT S . 54.42 -25.65 0.50
C5 OCT S . 54.76 -24.21 0.12
C6 OCT S . 53.55 -23.31 0.38
C7 OCT S . 53.86 -21.90 -0.11
C8 OCT S . 52.60 -21.03 -0.01
C1 D10 T . 54.78 -25.86 -5.36
C2 D10 T . 53.66 -24.84 -5.45
C3 D10 T . 53.01 -24.92 -6.83
C4 D10 T . 51.89 -23.89 -6.93
C5 D10 T . 51.29 -23.91 -8.33
C6 D10 T . 50.10 -22.97 -8.39
C7 D10 T . 50.54 -21.55 -8.06
C8 D10 T . 49.32 -20.63 -8.06
C9 D10 T . 49.77 -19.20 -8.36
C10 D10 T . 48.55 -18.38 -8.78
C1 OCT U . 49.40 -15.40 -10.88
C2 OCT U . 49.57 -14.46 -12.08
C3 OCT U . 48.20 -14.09 -12.64
C4 OCT U . 47.40 -13.36 -11.57
C5 OCT U . 46.13 -12.76 -12.19
C6 OCT U . 45.24 -12.22 -11.07
C7 OCT U . 43.94 -11.68 -11.68
C8 OCT U . 42.88 -11.57 -10.59
C1 D10 V . 48.34 -15.88 -25.08
C2 D10 V . 48.68 -14.55 -24.39
C3 D10 V . 47.43 -13.99 -23.72
C4 D10 V . 47.73 -12.62 -23.12
C5 D10 V . 46.51 -12.13 -22.37
C6 D10 V . 46.67 -10.64 -22.03
C7 D10 V . 45.42 -10.16 -21.30
C8 D10 V . 45.50 -8.66 -21.07
C9 D10 V . 46.58 -8.34 -20.04
C10 D10 V . 46.49 -6.88 -19.64
C1 D10 W . 40.98 -13.35 -28.87
C2 D10 W . 40.33 -12.02 -28.50
C3 D10 W . 41.32 -11.16 -27.72
C4 D10 W . 40.71 -9.78 -27.47
C5 D10 W . 39.40 -9.93 -26.71
C6 D10 W . 38.66 -8.59 -26.68
C7 D10 W . 39.54 -7.53 -26.00
C8 D10 W . 38.70 -6.29 -25.74
C9 D10 W . 39.57 -5.23 -25.06
C10 D10 W . 38.70 -4.00 -24.75
C1 D10 X . 37.19 -17.47 -30.92
C2 D10 X . 36.17 -16.68 -30.10
C3 D10 X . 36.60 -15.21 -30.06
C4 D10 X . 35.56 -14.42 -29.27
C5 D10 X . 35.97 -12.94 -29.22
C6 D10 X . 34.88 -12.14 -28.52
C7 D10 X . 35.34 -10.69 -28.36
C8 D10 X . 34.27 -9.92 -27.59
C9 D10 X . 34.79 -8.52 -27.26
C10 D10 X . 33.80 -7.81 -26.34
C1 D12 Y . 28.20 -6.24 -29.28
C2 D12 Y . 28.62 -7.32 -30.26
C3 D12 Y . 27.44 -8.24 -30.55
C4 D12 Y . 27.87 -9.31 -31.56
C5 D12 Y . 26.80 -10.40 -31.63
C6 D12 Y . 27.22 -11.44 -32.67
C7 D12 Y . 26.32 -12.66 -32.56
C8 D12 Y . 26.79 -13.73 -33.54
C9 D12 Y . 25.96 -15.01 -33.36
C10 D12 Y . 26.48 -16.08 -34.31
C11 D12 Y . 25.72 -17.38 -34.09
C12 D12 Y . 26.33 -18.48 -34.95
C1 OCT Z . 22.34 -3.78 -30.38
C2 OCT Z . 23.15 -4.89 -31.04
C3 OCT Z . 22.33 -6.17 -31.08
C4 OCT Z . 23.11 -7.27 -31.79
C5 OCT Z . 22.28 -8.55 -31.84
C6 OCT Z . 23.00 -9.60 -32.66
C7 OCT Z . 22.15 -10.87 -32.72
C8 OCT Z . 22.84 -11.91 -33.60
C1 HEX AA . 12.95 -6.80 -28.64
C2 HEX AA . 12.40 -8.20 -28.92
C3 HEX AA . 13.40 -9.25 -28.42
C4 HEX AA . 12.75 -10.62 -28.42
C5 HEX AA . 12.64 -11.14 -29.86
C6 HEX AA . 12.34 -12.64 -29.83
C20 HP6 BA . 19.99 -17.00 8.68
C21 HP6 BA . 19.58 -17.87 9.86
C22 HP6 BA . 18.35 -18.69 9.50
C23 HP6 BA . 18.04 -19.67 10.63
C24 HP6 BA . 19.26 -20.54 10.88
C25 HP6 BA . 18.96 -21.54 11.99
C26 HP6 BA . 20.25 -22.22 12.44
C1 OCT CA . 5.22 -1.04 16.33
C2 OCT CA . 5.27 -1.29 14.82
C3 OCT CA . 4.97 -2.76 14.53
C4 OCT CA . 5.09 -3.01 13.03
C5 OCT CA . 5.07 -4.52 12.78
C6 OCT CA . 5.21 -4.79 11.29
C7 OCT CA . 4.00 -4.26 10.55
C8 OCT CA . 4.02 -4.73 9.10
C1 D10 DA . 3.04 3.91 18.75
C2 D10 DA . 2.81 2.48 18.24
C3 D10 DA . 2.63 2.50 16.73
C4 D10 DA . 2.24 1.12 16.24
C5 D10 DA . 1.98 1.16 14.73
C6 D10 DA . 1.67 -0.25 14.23
C7 D10 DA . 0.36 -0.74 14.83
C8 D10 DA . 0.19 -2.23 14.52
C9 D10 DA . 0.22 -2.44 13.01
C10 D10 DA . 0.02 -3.93 12.71
C01 C14 EA . 9.21 3.21 20.88
C02 C14 EA . 7.89 2.94 20.14
C03 C14 EA . 8.16 2.78 18.65
C04 C14 EA . 9.08 1.57 18.45
C05 C14 EA . 9.23 1.29 16.96
C06 C14 EA . 10.05 0.01 16.77
C07 C14 EA . 9.83 -0.53 15.36
C08 C14 EA . 10.23 -2.00 15.31
C09 C14 EA . 9.71 -2.62 14.02
C10 C14 EA . 9.97 -4.13 14.03
C11 C14 EA . 9.46 -4.74 12.74
C12 C14 EA . 9.77 -6.23 12.72
C13 C14 EA . 9.09 -6.87 11.51
C14 C14 EA . 9.09 -8.39 11.68
C01 C14 FA . 8.83 8.88 16.03
C02 C14 FA . 8.03 7.81 15.29
C03 C14 FA . 6.70 7.60 15.99
C04 C14 FA . 6.07 6.30 15.49
C05 C14 FA . 6.93 5.12 15.92
C06 C14 FA . 6.26 3.81 15.52
C07 C14 FA . 6.19 3.73 14.00
C08 C14 FA . 5.46 2.44 13.61
C09 C14 FA . 5.24 2.40 12.10
C10 C14 FA . 4.35 1.21 11.76
C11 C14 FA . 4.01 1.25 10.27
C12 C14 FA . 3.15 0.04 9.92
C13 C14 FA . 2.86 0.04 8.42
C14 C14 FA . 2.20 -1.27 8.03
C1 D10 GA . 15.81 -5.99 16.81
C2 D10 GA . 15.70 -4.72 17.64
C3 D10 GA . 16.89 -3.81 17.33
C4 D10 GA . 16.71 -2.46 18.01
C5 D10 GA . 17.68 -1.46 17.41
C6 D10 GA . 17.53 -0.11 18.09
C7 D10 GA . 18.50 -0.03 19.27
C8 D10 GA . 18.73 1.45 19.61
C9 D10 GA . 19.74 1.56 20.75
C10 D10 GA . 20.05 3.02 21.02
C1 D10 HA . 21.11 -9.41 13.86
C2 D10 HA . 22.29 -8.75 14.56
C3 D10 HA . 21.96 -7.29 14.85
C4 D10 HA . 23.20 -6.61 15.43
C5 D10 HA . 22.93 -5.11 15.58
C6 D10 HA . 24.14 -4.45 16.22
C7 D10 HA . 24.09 -2.94 15.96
C8 D10 HA . 25.36 -2.30 16.53
C9 D10 HA . 25.39 -0.82 16.15
C10 D10 HA . 26.57 -0.14 16.83
C1 D10 IA . 26.18 -10.80 11.63
C2 D10 IA . 27.28 -9.87 12.14
C3 D10 IA . 26.68 -8.54 12.59
C4 D10 IA . 27.80 -7.59 12.98
C5 D10 IA . 27.25 -6.18 13.18
C6 D10 IA . 28.41 -5.21 13.36
C7 D10 IA . 27.88 -3.79 13.53
C8 D10 IA . 29.05 -2.88 13.89
C9 D10 IA . 28.57 -1.43 14.01
C10 D10 IA . 29.74 -0.53 14.37
C1 D10 JA . 23.47 -33.31 14.80
C2 D10 JA . 22.82 -32.06 14.24
C3 D10 JA . 21.36 -32.00 14.68
C4 D10 JA . 20.68 -30.78 14.05
C5 D10 JA . 21.41 -29.52 14.49
C6 D10 JA . 20.94 -28.34 13.63
C7 D10 JA . 19.46 -28.07 13.91
C8 D10 JA . 19.02 -26.83 13.15
C9 D10 JA . 19.90 -25.65 13.54
C10 D10 JA . 19.45 -25.09 14.89
C1 D10 KA . 27.48 -32.04 15.47
C2 D10 KA . 26.33 -31.24 16.09
C3 D10 KA . 26.40 -29.79 15.62
C4 D10 KA . 25.25 -29.00 16.25
C5 D10 KA . 25.33 -27.55 15.83
C6 D10 KA . 24.19 -26.76 16.48
C7 D10 KA . 24.14 -25.34 15.93
C8 D10 KA . 25.42 -24.60 16.32
C9 D10 KA . 25.38 -23.19 15.73
C10 D10 KA . 24.18 -22.43 16.27
C1 D10 LA . 37.35 -31.46 13.89
C2 D10 LA . 37.80 -30.00 13.75
C3 D10 LA . 36.68 -29.09 14.26
C4 D10 LA . 37.19 -27.64 14.25
C5 D10 LA . 36.18 -26.76 15.00
C6 D10 LA . 34.89 -26.67 14.22
C7 D10 LA . 33.88 -25.81 15.00
C8 D10 LA . 32.63 -25.60 14.15
C9 D10 LA . 32.99 -24.76 12.93
C10 D10 LA . 33.39 -23.35 13.36
C1 OCT MA . 48.03 -30.42 9.43
C2 OCT MA . 49.24 -29.58 9.00
C3 OCT MA . 48.77 -28.36 8.22
C4 OCT MA . 49.89 -27.87 7.30
C5 OCT MA . 49.35 -26.78 6.38
C6 OCT MA . 48.98 -25.55 7.20
C7 OCT MA . 47.60 -25.04 6.78
C8 OCT MA . 46.95 -24.35 7.97
C20 HP6 NA . 45.47 -27.52 9.49
C21 HP6 NA . 44.26 -27.37 8.58
C22 HP6 NA . 44.72 -27.13 7.14
C23 HP6 NA . 44.89 -28.48 6.45
C24 HP6 NA . 46.21 -28.51 5.68
C25 HP6 NA . 46.68 -29.96 5.58
C26 HP6 NA . 48.08 -30.00 4.97
C1 D12 OA . 5.42 -21.46 -25.19
C2 D12 OA . 6.35 -20.25 -25.22
C3 D12 OA . 6.27 -19.52 -23.88
C4 D12 OA . 7.08 -18.23 -23.97
C5 D12 OA . 6.92 -17.44 -22.66
C6 D12 OA . 7.57 -16.07 -22.80
C7 D12 OA . 7.35 -15.28 -21.51
C8 D12 OA . 7.94 -13.89 -21.66
C9 D12 OA . 7.77 -13.12 -20.36
C10 D12 OA . 6.28 -12.93 -20.07
C11 D12 OA . 6.02 -11.50 -19.62
C12 D12 OA . 6.76 -11.21 -18.32
C1 D10 PA . 14.60 -28.63 12.10
C2 D10 PA . 15.40 -27.63 12.92
C3 D10 PA . 14.70 -26.28 12.91
C4 D10 PA . 15.61 -25.23 13.57
C5 D10 PA . 14.85 -23.91 13.72
C6 D10 PA . 14.35 -23.45 12.35
C7 D10 PA . 13.61 -22.13 12.50
C8 D10 PA . 14.58 -21.02 12.86
C9 D10 PA . 13.91 -19.67 12.67
C10 D10 PA . 14.93 -18.55 12.89
C1 OCT QA . 36.34 2.96 -26.49
C2 OCT QA . 35.76 4.30 -26.93
C3 OCT QA . 34.35 4.11 -27.45
C4 OCT QA . 33.82 5.44 -27.99
C5 OCT QA . 33.57 6.39 -26.82
C6 OCT QA . 32.90 7.66 -27.33
C7 OCT QA . 33.86 8.42 -28.23
C8 OCT QA . 33.26 9.77 -28.61
C1 OCT RA . 39.57 5.57 -27.22
C2 OCT RA . 38.71 6.83 -27.35
C3 OCT RA . 39.27 7.92 -26.44
C4 OCT RA . 38.32 9.12 -26.43
C5 OCT RA . 38.23 9.70 -27.84
C6 OCT RA . 37.57 11.08 -27.79
C7 OCT RA . 38.46 12.03 -26.99
C8 OCT RA . 37.84 13.43 -27.00
C1 OCT SA . 42.51 5.40 -20.85
C2 OCT SA . 42.43 6.82 -20.30
C3 OCT SA . 41.81 7.73 -21.34
C4 OCT SA . 41.95 9.19 -20.89
C5 OCT SA . 41.33 10.11 -21.93
C6 OCT SA . 41.47 11.57 -21.47
C7 OCT SA . 40.68 12.47 -22.42
C8 OCT SA . 40.79 13.92 -21.94
C1 OCT TA . 44.05 16.82 -18.21
C2 OCT TA . 44.46 15.55 -18.95
C3 OCT TA . 45.90 15.67 -19.42
C4 OCT TA . 46.38 14.33 -19.96
C5 OCT TA . 45.57 13.96 -21.22
C6 OCT TA . 45.81 12.51 -21.58
C7 OCT TA . 47.30 12.28 -21.85
C8 OCT TA . 47.53 10.82 -22.23
C1 OCT UA . 49.54 12.19 -11.64
C2 OCT UA . 50.45 11.34 -12.53
C3 OCT UA . 49.61 10.32 -13.29
C4 OCT UA . 50.54 9.38 -14.06
C5 OCT UA . 49.72 8.18 -14.56
C6 OCT UA . 50.63 7.25 -15.36
C7 OCT UA . 49.79 6.13 -15.96
C8 OCT UA . 50.66 5.26 -16.86
C1 OCT VA . 51.98 8.70 -6.93
C2 OCT VA . 52.94 8.05 -7.94
C3 OCT VA . 52.23 6.90 -8.64
C4 OCT VA . 53.13 6.33 -9.73
C5 OCT VA . 52.34 5.30 -10.55
C6 OCT VA . 53.23 4.74 -11.66
C7 OCT VA . 52.40 3.83 -12.56
C8 OCT VA . 52.02 2.57 -11.81
C1 OCT WA . 39.67 -14.21 12.28
C2 OCT WA . 40.58 -13.03 12.60
C3 OCT WA . 42.00 -13.54 12.84
C4 OCT WA . 42.82 -12.49 13.58
C5 OCT WA . 42.71 -11.15 12.84
C6 OCT WA . 43.36 -10.05 13.68
C7 OCT WA . 42.92 -8.69 13.16
C8 OCT WA . 43.64 -7.58 13.93
C1 OCT XA . 38.95 -16.76 14.80
C2 OCT XA . 39.15 -15.52 15.66
C3 OCT XA . 40.64 -15.19 15.73
C4 OCT XA . 40.86 -13.98 16.65
C5 OCT XA . 40.11 -12.77 16.10
C6 OCT XA . 40.86 -11.49 16.50
C7 OCT XA . 40.33 -10.32 15.69
C8 OCT XA . 40.91 -9.01 16.23
CL CL YA . -26.86 -13.79 -1.37
C1 CLR ZA . -2.91 -16.73 -3.00
C2 CLR ZA . -2.92 -18.25 -3.04
C3 CLR ZA . -3.60 -18.77 -4.28
C4 CLR ZA . -2.91 -18.20 -5.51
C5 CLR ZA . -2.86 -16.69 -5.48
C6 CLR ZA . -3.32 -15.97 -6.49
C7 CLR ZA . -3.21 -14.48 -6.63
C8 CLR ZA . -2.28 -13.87 -5.57
C9 CLR ZA . -2.55 -14.53 -4.20
C10 CLR ZA . -2.25 -16.06 -4.23
C11 CLR ZA . -1.83 -13.80 -3.05
C12 CLR ZA . -2.08 -12.30 -3.03
C13 CLR ZA . -1.70 -11.66 -4.37
C14 CLR ZA . -2.54 -12.37 -5.45
C15 CLR ZA . -2.49 -11.48 -6.69
C16 CLR ZA . -2.03 -10.11 -6.16
C17 CLR ZA . -2.16 -10.19 -4.62
C18 CLR ZA . -0.18 -11.80 -4.62
C19 CLR ZA . -0.74 -16.35 -4.24
C20 CLR ZA . -1.43 -9.03 -3.91
C21 CLR ZA . -1.67 -9.01 -2.41
C22 CLR ZA . -1.82 -7.69 -4.55
C23 CLR ZA . -0.94 -6.52 -4.18
C24 CLR ZA . -1.33 -5.24 -4.88
C25 CLR ZA . -0.41 -4.05 -4.63
C26 CLR ZA . -0.88 -2.82 -5.39
C27 CLR ZA . 1.04 -4.38 -5.00
O1 CLR ZA . -3.55 -20.20 -4.31
C1 OCT AB . -2.96 -15.59 7.71
C2 OCT AB . -2.22 -16.91 7.95
C3 OCT AB . -2.23 -17.74 6.67
C4 OCT AB . -1.46 -19.03 6.91
C5 OCT AB . -1.47 -19.86 5.62
C6 OCT AB . -0.65 -21.13 5.82
C7 OCT AB . -0.62 -21.92 4.51
C8 OCT AB . 0.17 -23.21 4.72
C1 OCT BB . -0.85 0.80 8.15
C2 OCT BB . -2.07 0.47 7.30
C3 OCT BB . -2.00 -0.98 6.85
C4 OCT BB . -3.37 -1.44 6.34
C5 OCT BB . -3.21 -2.74 5.58
C6 OCT BB . -4.59 -3.28 5.19
C7 OCT BB . -5.15 -4.12 6.32
C8 OCT BB . -6.42 -4.83 5.86
C1 OCT CB . -8.40 -2.89 24.50
C2 OCT CB . -8.54 -4.39 24.74
C3 OCT CB . -7.44 -5.13 23.99
C4 OCT CB . -7.65 -6.63 24.13
C5 OCT CB . -6.48 -7.37 23.50
C6 OCT CB . -6.73 -8.87 23.51
C7 OCT CB . -6.89 -9.35 24.94
C8 OCT CB . -6.92 -10.88 24.97
C1 OCT DB . -12.55 -7.70 25.79
C2 OCT DB . -11.42 -6.86 25.20
C3 OCT DB . -11.99 -5.58 24.59
C4 OCT DB . -12.56 -4.69 25.70
C5 OCT DB . -12.94 -3.34 25.10
C6 OCT DB . -13.43 -2.41 26.21
C7 OCT DB . -13.67 -1.02 25.64
C8 OCT DB . -14.09 -0.07 26.77
C1 D10 EB . -2.67 -17.28 -11.37
C2 D10 EB . -1.96 -16.10 -10.73
C3 D10 EB . -2.64 -14.80 -11.16
C4 D10 EB . -1.88 -13.62 -10.57
C5 D10 EB . -2.66 -12.33 -10.77
C6 D10 EB . -2.07 -11.24 -9.87
C7 D10 EB . -2.85 -9.94 -10.05
C8 D10 EB . -2.26 -8.87 -9.14
C9 D10 EB . -2.86 -7.52 -9.50
C10 D10 EB . -2.12 -6.41 -8.75
C1 OCT FB . -9.15 -19.81 -18.40
C2 OCT FB . -8.40 -18.66 -17.74
C3 OCT FB . -9.26 -17.40 -17.80
C4 OCT FB . -8.48 -16.21 -17.22
C5 OCT FB . -9.32 -14.94 -17.35
C6 OCT FB . -8.55 -13.77 -16.75
C7 OCT FB . -9.29 -12.47 -17.05
C8 OCT FB . -8.55 -11.31 -16.38
C1 OCT GB . -6.18 -4.02 -11.18
C2 OCT GB . -6.38 -5.33 -10.43
C3 OCT GB . -7.15 -6.30 -11.30
C4 OCT GB . -6.82 -7.74 -10.89
C5 OCT GB . -7.36 -8.69 -11.94
C6 OCT GB . -6.63 -10.02 -11.84
C7 OCT GB . -6.81 -10.81 -13.13
C8 OCT GB . -5.74 -11.89 -13.22
C1 D12 HB . -7.23 -28.42 18.36
C2 D12 HB . -7.96 -27.13 18.01
C3 D12 HB . -7.51 -26.01 18.96
C4 D12 HB . -8.27 -24.73 18.64
C5 D12 HB . -7.83 -24.19 17.28
C6 D12 HB . -6.85 -23.04 17.50
C7 D12 HB . -7.57 -21.71 17.24
C8 D12 HB . -6.72 -20.57 17.78
C9 D12 HB . -7.30 -19.23 17.33
C10 D12 HB . -6.96 -18.99 15.87
C11 D12 HB . -7.44 -17.61 15.44
C12 D12 HB . -6.61 -16.53 16.14
C1 D12 IB . -14.68 -30.53 22.50
C2 D12 IB . -14.65 -29.07 22.00
C3 D12 IB . -16.05 -28.67 21.53
C4 D12 IB . -15.98 -27.28 20.91
C5 D12 IB . -15.52 -26.27 21.97
C6 D12 IB . -16.10 -24.90 21.64
C7 D12 IB . -17.63 -24.98 21.70
C8 D12 IB . -18.22 -23.64 21.24
C9 D12 IB . -17.68 -22.52 22.12
C10 D12 IB . -17.19 -21.37 21.23
C11 D12 IB . -16.59 -20.27 22.09
C12 D12 IB . -16.06 -19.16 21.19
C1 D10 JB . -6.55 -17.06 2.85
C2 D10 JB . -7.05 -15.73 2.28
C3 D10 JB . -6.74 -14.61 3.25
C4 D10 JB . -7.25 -13.29 2.67
C5 D10 JB . -7.05 -12.17 3.69
C6 D10 JB . -7.91 -10.96 3.29
C7 D10 JB . -7.90 -9.94 4.42
C8 D10 JB . -8.93 -8.84 4.12
C9 D10 JB . -8.89 -7.80 5.25
C10 D10 JB . -9.89 -6.69 4.95
C1 D10 KB . -0.62 -18.03 -0.40
C2 D10 KB . -0.21 -17.10 0.75
C3 D10 KB . -1.03 -15.81 0.67
C4 D10 KB . -0.57 -14.84 1.76
C5 D10 KB . -1.41 -13.58 1.73
C6 D10 KB . -0.90 -12.60 2.79
C7 D10 KB . -1.87 -11.42 2.89
C8 D10 KB . -1.50 -10.59 4.13
C9 D10 KB . -2.70 -9.71 4.51
C10 D10 KB . -2.40 -9.01 5.83
C1 D10 LB . -3.57 -6.05 9.25
C2 D10 LB . -3.66 -5.20 10.51
C3 D10 LB . -3.37 -3.73 10.16
C4 D10 LB . -3.45 -2.89 11.44
C5 D10 LB . -3.09 -1.44 11.13
C6 D10 LB . -3.06 -0.64 12.43
C7 D10 LB . -2.85 0.83 12.13
C8 D10 LB . -3.13 1.64 13.40
C9 D10 LB . -3.23 3.12 13.06
C10 D10 LB . -3.91 3.87 14.20
C1 D12 MB . -7.75 2.64 17.41
C2 D12 MB . -6.63 1.81 16.78
C3 D12 MB . -6.74 0.36 17.25
C4 D12 MB . -5.83 -0.52 16.40
C5 D12 MB . -6.07 -1.98 16.75
C6 D12 MB . -5.33 -2.88 15.77
C7 D12 MB . -5.42 -4.33 16.25
C8 D12 MB . -4.85 -5.26 15.18
C9 D12 MB . -4.96 -6.70 15.68
C10 D12 MB . -4.60 -7.66 14.55
C11 D12 MB . -4.78 -9.10 15.03
C12 D12 MB . -4.37 -10.06 13.92
C1 D10 NB . -2.42 -9.97 19.02
C2 D10 NB . -2.92 -8.54 19.16
C3 D10 NB . -3.80 -8.44 20.40
C4 D10 NB . -4.40 -7.04 20.49
C5 D10 NB . -3.28 -6.02 20.71
C6 D10 NB . -3.88 -4.67 21.09
C7 D10 NB . -4.74 -4.14 19.96
C8 D10 NB . -5.15 -2.70 20.25
C9 D10 NB . -6.06 -2.66 21.48
C10 D10 NB . -6.67 -1.28 21.61
C1 OCT OB . -53.21 -31.71 -12.49
C2 OCT OB . -52.36 -30.46 -12.77
C3 OCT OB . -52.84 -29.32 -11.87
C4 OCT OB . -51.83 -28.17 -11.94
C5 OCT OB . -52.29 -27.05 -11.01
C6 OCT OB . -51.18 -26.01 -10.86
C7 OCT OB . -51.61 -24.97 -9.83
C8 OCT OB . -50.44 -24.02 -9.54
C1 D10 PB . -52.03 -30.81 -6.70
C2 D10 PB . -51.00 -29.81 -6.17
C3 D10 PB . -50.32 -30.40 -4.95
C4 D10 PB . -49.29 -29.39 -4.42
C5 D10 PB . -48.66 -29.95 -3.13
C6 D10 PB . -47.55 -29.01 -2.68
C7 D10 PB . -48.13 -27.62 -2.41
C8 D10 PB . -47.01 -26.67 -2.00
C9 D10 PB . -47.57 -25.54 -1.14
C10 D10 PB . -46.44 -24.86 -0.40
C1 OCT QB . -47.50 -23.09 2.73
C2 OCT QB . -47.71 -22.76 4.20
C3 OCT QB . -46.37 -22.53 4.88
C4 OCT QB . -45.67 -21.34 4.23
C5 OCT QB . -44.45 -20.95 5.06
C6 OCT QB . -43.64 -19.91 4.28
C7 OCT QB . -42.38 -19.54 5.07
C8 OCT QB . -41.36 -18.90 4.14
C1 D10 RB . -46.04 -29.29 15.48
C2 D10 RB . -46.52 -27.84 15.39
C3 D10 RB . -45.34 -26.93 15.03
C4 D10 RB . -45.79 -25.48 15.05
C5 D10 RB . -44.63 -24.60 14.58
C6 D10 RB . -44.94 -23.14 14.89
C7 D10 RB . -43.75 -22.28 14.44
C8 D10 RB . -43.98 -20.82 14.86
C9 D10 RB . -45.11 -20.22 14.02
C10 D10 RB . -45.17 -18.72 14.26
C1 D10 SB . -38.85 -27.86 20.08
C2 D10 SB . -38.33 -26.45 20.30
C3 D10 SB . -39.42 -25.44 19.93
C4 D10 SB . -38.96 -24.03 20.28
C5 D10 SB . -37.65 -23.73 19.55
C6 D10 SB . -37.04 -22.44 20.09
C7 D10 SB . -38.03 -21.29 19.88
C8 D10 SB . -37.32 -19.96 20.18
C9 D10 SB . -38.29 -18.80 19.99
C10 D10 SB . -37.55 -17.49 20.23
C1 D10 TB . -34.65 -32.10 20.31
C2 D10 TB . -33.74 -30.95 19.91
C3 D10 TB . -34.28 -29.63 20.46
C4 D10 TB . -33.35 -28.49 20.09
C5 D10 TB . -33.89 -27.18 20.65
C6 D10 TB . -32.90 -26.05 20.36
C7 D10 TB . -33.49 -24.71 20.80
C8 D10 TB . -32.51 -23.59 20.43
C9 D10 TB . -33.18 -22.24 20.70
C10 D10 TB . -32.27 -21.13 20.18
C1 D12 UB . -26.77 -20.39 23.58
C2 D12 UB . -27.07 -21.82 24.03
C3 D12 UB . -25.80 -22.66 23.93
C4 D12 UB . -26.11 -24.08 24.40
C5 D12 UB . -24.94 -25.00 24.03
C6 D12 UB . -25.23 -26.41 24.54
C7 D12 UB . -24.23 -27.39 23.94
C8 D12 UB . -24.57 -28.81 24.40
C9 D12 UB . -23.64 -29.80 23.71
C10 D12 UB . -24.04 -31.22 24.13
C11 D12 UB . -23.16 -32.23 23.41
C12 D12 UB . -23.64 -33.64 23.72
C1 OCT VB . -21.14 -18.06 25.69
C2 OCT VB . -21.83 -19.42 25.82
C3 OCT VB . -20.89 -20.52 25.35
C4 OCT VB . -21.55 -21.88 25.53
C5 OCT VB . -20.60 -22.98 25.06
C6 OCT VB . -21.21 -24.34 25.37
C7 OCT VB . -20.24 -25.44 24.90
C8 OCT VB . -20.81 -26.81 25.27
C1 HEX WB . -11.56 -19.21 23.01
C2 HEX WB . -10.87 -20.54 22.69
C3 HEX WB . -11.79 -21.37 21.80
C4 HEX WB . -11.01 -22.56 21.24
C5 HEX WB . -10.81 -23.60 22.32
C6 HEX WB . -10.38 -24.92 21.70
C20 HP6 XB . -18.56 -13.72 -15.29
C21 HP6 XB . -18.11 -13.98 -16.72
C22 HP6 XB . -16.79 -14.75 -16.72
C23 HP6 XB . -16.42 -15.15 -18.14
C24 HP6 XB . -17.57 -15.95 -18.75
C25 HP6 XB . -17.19 -16.37 -20.17
C26 HP6 XB . -18.44 -16.92 -20.87
C1 OCT YB . -5.52 5.28 -15.45
C2 OCT YB . -5.51 4.44 -14.19
C3 OCT YB . -5.06 3.01 -14.52
C4 OCT YB . -5.11 2.16 -13.26
C5 OCT YB . -4.97 0.69 -13.65
C6 OCT YB . -5.04 -0.18 -12.41
C7 OCT YB . -3.86 0.11 -11.50
C8 OCT YB . -3.80 -0.92 -10.37
C1 D10 ZB . -3.87 10.98 -15.57
C2 D10 ZB . -3.49 9.50 -15.70
C3 D10 ZB . -3.29 8.92 -14.31
C4 D10 ZB . -2.76 7.48 -14.43
C5 D10 ZB . -2.46 6.93 -13.04
C6 D10 ZB . -2.00 5.48 -13.15
C7 D10 ZB . -0.67 5.41 -13.89
C8 D10 ZB . -0.35 3.95 -14.22
C9 D10 ZB . -0.32 3.12 -12.93
C10 D10 ZB . 0.01 1.67 -13.26
C01 C14 AC . -9.99 10.64 -17.90
C02 C14 AC . -8.64 10.23 -17.32
C03 C14 AC . -8.85 9.43 -16.04
C04 C14 AC . -9.65 8.17 -16.36
C05 C14 AC . -9.74 7.28 -15.12
C06 C14 AC . -10.43 5.97 -15.48
C07 C14 AC . -10.13 4.92 -14.43
C08 C14 AC . -10.39 3.53 -15.00
C09 C14 AC . -9.78 2.48 -14.07
C10 C14 AC . -9.91 1.10 -14.71
C11 C14 AC . -9.31 0.05 -13.77
C12 C14 AC . -9.48 -1.33 -14.37
C13 C14 AC . -8.72 -2.35 -13.53
C14 C14 AC . -8.58 -3.65 -14.32
C01 C14 BC . -10.02 13.81 -11.13
C02 C14 BC . -9.11 12.61 -10.89
C03 C14 BC . -7.77 12.84 -11.59
C04 C14 BC . -7.01 11.51 -11.68
C05 C14 BC . -7.78 10.54 -12.56
C06 C14 BC . -6.99 9.25 -12.72
C07 C14 BC . -6.86 8.56 -11.37
C08 C14 BC . -6.00 7.30 -11.54
C09 C14 BC . -5.75 6.66 -10.17
C10 C14 BC . -4.75 5.53 -10.34
C11 C14 BC . -4.38 4.98 -8.97
C12 C14 BC . -3.40 3.82 -9.13
C13 C14 BC . -3.07 3.23 -7.76
C14 C14 BC . -2.28 1.94 -7.95
C1 D10 CC . -15.61 0.01 -18.10
C2 D10 CC . -15.64 1.52 -18.32
C3 D10 CC . -16.90 2.09 -17.68
C4 D10 CC . -16.86 3.62 -17.75
C5 D10 CC . -17.91 4.18 -16.79
C6 D10 CC . -17.90 5.70 -16.86
C7 D10 CC . -18.90 6.18 -17.91
C8 D10 CC . -19.28 7.62 -17.62
C9 D10 CC . -20.32 8.09 -18.62
C10 D10 CC . -20.77 9.51 -18.27
C1 D10 DC . -20.50 -4.81 -16.89
C2 D10 DC . -21.75 -4.03 -17.28
C3 D10 DC . -21.58 -2.56 -16.94
C4 D10 DC . -22.87 -1.82 -17.20
C5 D10 DC . -22.75 -0.37 -16.72
C6 D10 DC . -24.04 0.37 -17.03
C7 D10 DC . -24.12 1.64 -16.19
C8 D10 DC . -25.45 2.34 -16.46
C9 D10 DC . -25.61 3.52 -15.50
C10 D10 DC . -26.87 4.30 -15.87
C1 D10 EC . -25.37 -7.46 -15.51
C2 D10 EC . -26.57 -6.52 -15.62
C3 D10 EC . -26.10 -5.08 -15.47
C4 D10 EC . -27.31 -4.14 -15.46
C5 D10 EC . -26.89 -2.74 -15.04
C6 D10 EC . -28.15 -1.89 -14.82
C7 D10 EC . -27.76 -0.49 -14.37
C8 D10 EC . -29.01 0.38 -14.35
C9 D10 EC . -28.67 1.77 -13.84
C10 D10 EC . -29.93 2.63 -13.83
C1 D10 FC . -20.69 -26.30 -27.66
C2 D10 FC . -20.12 -25.33 -26.62
C3 D10 FC . -18.69 -24.96 -26.98
C4 D10 FC . -18.11 -24.06 -25.89
C5 D10 FC . -18.97 -22.79 -25.77
C6 D10 FC . -18.59 -22.04 -24.50
C7 D10 FC . -17.15 -21.55 -24.62
C8 D10 FC . -16.80 -20.69 -23.41
C9 D10 FC . -17.80 -19.53 -23.30
C10 D10 FC . -17.43 -18.43 -24.29
C1 D10 GC . -24.80 -25.24 -27.80
C2 D10 GC . -23.75 -24.16 -28.02
C3 D10 GC . -23.93 -23.05 -27.00
C4 D10 GC . -22.88 -21.96 -27.23
C5 D10 GC . -23.07 -20.82 -26.24
C6 D10 GC . -22.03 -19.75 -26.50
C7 D10 GC . -22.11 -18.68 -25.40
C8 D10 GC . -23.46 -17.97 -25.47
C9 D10 GC . -23.54 -16.92 -24.35
C10 D10 GC . -22.42 -15.90 -24.52
C1 OCT HC . -38.62 -23.89 -23.36
C2 OCT HC . -39.94 -23.77 -22.61
C3 OCT HC . -40.92 -22.96 -23.45
C4 OCT HC . -42.24 -22.79 -22.68
C5 OCT HC . -42.02 -21.90 -21.47
C6 OCT HC . -41.57 -20.51 -21.93
C7 OCT HC . -41.33 -19.63 -20.71
C8 OCT HC . -40.69 -18.31 -21.15
C20 HP6 IC . -44.70 -23.21 -18.09
C21 HP6 IC . -45.27 -24.40 -17.31
C22 HP6 IC . -46.60 -24.80 -17.92
C23 HP6 IC . -46.83 -26.30 -17.68
C24 HP6 IC . -47.29 -26.95 -18.99
C25 HP6 IC . -46.15 -26.91 -20.01
C26 HP6 IC . -46.53 -27.74 -21.24
C1 D12 JC . -2.88 -30.36 14.04
C2 D12 JC . -3.90 -29.34 14.57
C3 D12 JC . -3.93 -28.12 13.66
C4 D12 JC . -4.85 -27.07 14.25
C5 D12 JC . -4.78 -25.81 13.38
C6 D12 JC . -5.55 -24.68 14.06
C7 D12 JC . -5.42 -23.42 13.20
C8 D12 JC . -6.15 -22.26 13.88
C9 D12 JC . -6.06 -21.02 12.99
C10 D12 JC . -4.60 -20.58 12.88
C11 D12 JC . -4.51 -19.06 13.07
C12 D12 JC . -5.29 -18.35 11.98
C1 D10 KC . -12.13 -22.34 -23.07
C2 D10 KC . -13.05 -21.17 -23.38
C3 D10 KC . -12.46 -19.88 -22.82
C4 D10 KC . -13.46 -18.74 -22.99
C5 D10 KC . -12.83 -17.42 -22.58
C6 D10 KC . -12.33 -17.53 -21.14
C7 D10 KC . -11.71 -16.20 -20.72
C8 D10 KC . -12.80 -15.14 -20.60
C9 D10 KC . -12.24 -13.92 -19.86
C10 D10 KC . -13.36 -12.91 -19.62
C1 OCT LC . -30.27 -0.36 32.91
C2 OCT LC . -30.74 -1.67 32.28
C3 OCT LC . -29.56 -2.65 32.22
C4 OCT LC . -30.07 -4.01 31.75
C5 OCT LC . -28.93 -5.03 31.79
C6 OCT LC . -29.48 -6.41 31.44
C7 OCT LC . -28.34 -7.44 31.50
C8 OCT LC . -28.86 -8.81 31.11
C1 OCT MC . -35.79 -11.67 24.72
C2 OCT MC . -35.33 -10.58 25.69
C3 OCT MC . -33.89 -10.83 26.11
C4 OCT MC . -33.47 -9.80 27.15
C5 OCT MC . -33.34 -8.44 26.48
C6 OCT MC . -32.77 -7.43 27.48
C7 OCT MC . -33.79 -7.21 28.60
C8 OCT MC . -33.29 -6.09 29.51
C1 OCT NC . -39.23 -9.91 26.41
C2 OCT NC . -38.48 -8.75 27.07
C3 OCT NC . -39.17 -7.43 26.67
C4 OCT NC . -38.33 -6.25 27.18
C5 OCT NC . -38.26 -6.30 28.70
C6 OCT NC . -37.74 -4.97 29.23
C7 OCT NC . -38.73 -3.85 28.88
C8 OCT NC . -38.24 -2.54 29.48
C1 OCT OC . -42.29 -7.72 20.50
C2 OCT OC . -42.37 -6.20 20.58
C3 OCT OC . -41.79 -5.74 21.92
C4 OCT OC . -42.09 -4.24 22.10
C5 OCT OC . -41.53 -3.78 23.44
C6 OCT OC . -41.81 -2.29 23.63
C7 OCT OC . -41.09 -1.78 24.86
C8 OCT OC . -41.35 -0.28 25.03
C1 OCT PC . -44.95 3.58 22.79
C2 OCT PC . -45.21 2.08 22.92
C3 OCT PC . -46.66 1.86 23.38
C4 OCT PC . -46.99 0.37 23.31
C5 OCT PC . -46.13 -0.39 24.32
C6 OCT PC . -46.23 -1.89 24.04
C7 OCT PC . -47.67 -2.35 24.17
C8 OCT PC . -47.76 -3.85 23.92
C1 OCT QC . -50.15 1.58 14.81
C2 OCT QC . -50.96 0.36 15.25
C3 OCT QC . -50.01 -0.80 15.52
C4 OCT QC . -50.82 -2.07 15.84
C5 OCT QC . -49.89 -3.28 15.81
C6 OCT QC . -50.69 -4.54 16.14
C7 OCT QC . -49.73 -5.72 16.22
C8 OCT QC . -50.50 -6.97 16.69
C1 OCT RC . -52.38 0.12 9.04
C2 OCT RC . -53.25 -0.97 9.67
C3 OCT RC . -52.42 -2.24 9.85
C4 OCT RC . -53.24 -3.29 10.60
C5 OCT RC . -52.35 -4.48 10.92
C6 OCT RC . -53.15 -5.53 11.69
C7 OCT RC . -52.21 -6.65 12.16
C8 OCT RC . -51.73 -7.45 10.95
C1 OCT SC . -38.50 -11.55 -17.73
C2 OCT SC . -39.52 -10.44 -17.55
C3 OCT SC . -40.89 -10.95 -18.00
C4 OCT SC . -41.82 -9.75 -18.24
C5 OCT SC . -41.82 -8.84 -17.02
C6 OCT SC . -42.59 -7.56 -17.35
C7 OCT SC . -42.26 -6.50 -16.30
C8 OCT SC . -43.10 -5.25 -16.56
#